data_3JBY
#
_entry.id   3JBY
#
_cell.length_a   1.000
_cell.length_b   1.000
_cell.length_c   1.000
_cell.angle_alpha   90.00
_cell.angle_beta   90.00
_cell.angle_gamma   90.00
#
_symmetry.space_group_name_H-M   'P 1'
#
loop_
_entity.id
_entity.type
_entity.pdbx_description
1 polymer 'V(D)J recombination-activating protein 1'
2 polymer 'V(D)J recombination-activating protein 2'
3 polymer "5'-D(P*CP*AP*CP*AP*GP*TP*GP*CP*TP*AP*CP*AP*GP*AP*C)-3'"
4 polymer 'RSS intermediate reverse strand'
5 polymer "'-D(P*GP*AP*TP*CP*TP*GP*GP*CP*CP*TP*GP*TP*CP*TP*TP*A)-3'"
6 non-polymer 'ZINC ION'
7 non-polymer 'CALCIUM ION'
#
loop_
_entity_poly.entity_id
_entity_poly.type
_entity_poly.pdbx_seq_one_letter_code
_entity_poly.pdbx_strand_id
1 'polypeptide(L)'
;GGSRCQRDHLSTKLIPTEVPADLIRAVTCQVCDHLLSDPVQSPCRHLFCRLCIIRYTHALGPNCPTCNQHLNPSHLIKPA
KFFLATLSSLPLLCPSEECSDWVRLDSFREHCLNHYREKESQEEQTPSEQNLDGYLPVNKGGRPRQHLLSLTRRAQKHRL
RDLKNQVKTFAEKEEGGDVKSVCLTLFLLALRAGNEHKQADELEAMMQGRGFGLHPAVCLAIRVNTFLSCSQYHKMYRTV
KATSGRQIFQPLHTLRNAEKELLPGFHQFEWQPALKNVSTSWDVGIIDGLSGWTVSVDDVPADTISRRFRYDVALVSALK
DLEEDIMEGLRERALDDSMCTSGFTVVVKESCDGMGDVSEKHGSGPAVPEKAVRFSFTIMSISIRLEGEDDGITIFQEQK
PNSELSCRPLCLMFVDESDHETLTAILGPVVAERKAMMESRLIISVGGLLRSFRFFFRGTGYDEKMVREMEGLEASGSTY
ICTLCDSTRAEASQNMVLHSITRSHDENLERYEIWRKNPFSESADELRDRVKGVSAKPFMETQPTLDALHCDIGNATEFY
KIFQDEIGEVYQKPNPSREERRRWRSTLDKQLRKKMKLKPVMRMNGNYARRLMTREAVEAVCELVPSEERREALLKLMDL
YLQMKPVWRSTCPSRDCPDQLCQYSYNSQQFADLLSSMFKYRYDGKITNYLHKTLAHVPEIVERDGSIGAWASEGNESGN
KLFRRFRKMNARQSKTFELEDILKHHWLYTSKYLQKFMEAHKNS
;
A,C
2 'polypeptide(L)'
;GGSMSLQPLTAVNCGSLVQPGFSLLDLEGDVYLFGQKGWPKRSCPTGIFGVRIKKGELKLRAISFSNNSSYLPPLRCPAI
AHFEAQDGKPECYLIHGGRTPNNELSSSLYMLSVDSRGCNRKVTLRCEEKELVGDVPSARYGHTLSVINSRGKTACVLFG
GRSYMPPTERTTQNWNSVVDCPPQVYLIDLEFGCCTAHTLPELTDGQSFHVALARQDCVYFLGGHILSSDCRPSRLIRLH
VELLLGSPVLTCTILHEGLTITSAIASPIGYHEYIIFGGYQSETQKRMECTYVGLDDVGVHMESREPPQWTSEISHSRTW
FGGSLGKGTALVAIPSEGNPTPPEAYHFYQVSFQKEQDGEATAQGGSQESTDFEDSAPLEDSEELYFGREPHELEYSSDV
EGDTYNEEDEEDESQTGYWIKCCLSCQVDPNIWEPYYSTELTRPAMIFCSRGEGGHWVHAQCMELPESLLLQLSQDNSKY
FCLDHGGLPKQEMTPPKQMLPVKRVPMKMTHRKAPVSLKMTPAKKTFLRRLFD
;
B,D
3 'polydeoxyribonucleotide' (DC)(DA)(DC)(DA)(DG)(DT)(DG)(DC)(DT)(DA)(DC)(DA)(DG)(DA)(DC) E,H
4 'polydeoxyribonucleotide'
;(DG)(DT)(DC)(DT)(DG)(DT)(DA)(DG)(DC)(DA)(DC)(DT)(DG)(DT)(DG)(DT)(DA)(DA)(DG)(DA)
(DC)(DA)(DG)(DG)(DC)(DC)(DA)(DG)(DA)(DT)(DC)
;
F,G
5 'polydeoxyribonucleotide' (DG)(DA)(DT)(DC)(DT)(DG)(DG)(DC)(DC)(DT)(DG)(DT)(DC)(DT)(DT)(DA) I,J
#
# COMPACT_ATOMS: atom_id res chain seq x y z
N GLY A 213 14.42 44.99 2.94
CA GLY A 213 13.85 43.66 2.69
C GLY A 213 12.34 43.57 2.83
N LEU A 214 11.87 42.78 3.81
CA LEU A 214 10.44 42.67 4.07
C LEU A 214 10.19 42.27 5.52
N HIS A 215 8.97 42.55 5.96
CA HIS A 215 8.58 42.34 7.34
C HIS A 215 8.55 40.85 7.68
N PRO A 216 9.06 40.42 8.89
CA PRO A 216 9.11 38.97 9.16
C PRO A 216 7.76 38.26 9.10
N ALA A 217 6.64 38.95 9.24
CA ALA A 217 5.37 38.28 9.05
C ALA A 217 5.19 37.84 7.62
N VAL A 218 5.45 38.74 6.67
CA VAL A 218 5.31 38.38 5.27
C VAL A 218 6.27 37.28 4.91
N CYS A 219 7.46 37.34 5.48
CA CYS A 219 8.39 36.26 5.26
C CYS A 219 7.80 34.96 5.78
N LEU A 220 7.33 34.95 7.02
CA LEU A 220 6.85 33.72 7.61
C LEU A 220 5.73 33.15 6.75
N ALA A 221 4.72 33.96 6.43
CA ALA A 221 3.65 33.44 5.59
C ALA A 221 4.20 32.93 4.29
N ILE A 222 5.18 33.62 3.71
CA ILE A 222 5.71 33.16 2.44
C ILE A 222 6.55 31.92 2.62
N ARG A 223 6.79 31.49 3.85
CA ARG A 223 7.32 30.15 4.07
C ARG A 223 6.20 29.16 4.31
N VAL A 224 5.47 29.33 5.42
CA VAL A 224 4.42 28.38 5.82
C VAL A 224 3.51 28.06 4.65
N ASN A 225 3.17 29.07 3.86
CA ASN A 225 2.06 28.98 2.93
C ASN A 225 2.46 28.56 1.53
N THR A 226 3.73 28.53 1.23
CA THR A 226 4.14 27.87 0.01
C THR A 226 4.80 26.52 0.28
N PHE A 227 4.79 26.01 1.54
CA PHE A 227 5.28 24.67 1.97
C PHE A 227 6.80 24.54 1.89
N LEU A 228 7.53 25.54 2.33
CA LEU A 228 8.97 25.47 2.24
C LEU A 228 9.54 24.85 3.49
N SER A 229 10.32 23.81 3.30
CA SER A 229 11.09 23.25 4.39
C SER A 229 11.98 24.32 4.99
N CYS A 230 12.02 24.38 6.33
CA CYS A 230 12.93 25.29 7.02
C CYS A 230 14.32 25.19 6.41
N SER A 231 14.87 23.99 6.36
CA SER A 231 16.17 23.86 5.73
C SER A 231 16.06 24.30 4.28
N GLN A 232 14.94 24.00 3.62
CA GLN A 232 14.80 24.51 2.27
C GLN A 232 14.81 26.03 2.28
N TYR A 233 14.09 26.63 3.22
CA TYR A 233 13.99 28.07 3.23
C TYR A 233 15.35 28.69 3.41
N HIS A 234 16.03 28.30 4.49
CA HIS A 234 17.35 28.79 4.78
C HIS A 234 18.31 28.61 3.61
N LYS A 235 18.21 27.48 2.92
CA LYS A 235 18.98 27.32 1.69
C LYS A 235 18.71 28.52 0.79
N MET A 236 17.43 28.81 0.56
CA MET A 236 17.14 29.90 -0.36
C MET A 236 17.69 31.24 0.16
N TYR A 237 17.45 31.53 1.44
CA TYR A 237 17.93 32.75 2.06
C TYR A 237 19.43 32.93 1.85
N ARG A 238 20.24 31.92 2.19
CA ARG A 238 21.67 32.02 1.92
C ARG A 238 21.87 32.40 0.47
N THR A 239 21.11 31.81 -0.45
CA THR A 239 21.40 32.04 -1.86
C THR A 239 21.11 33.47 -2.26
N VAL A 240 19.90 33.94 -1.98
CA VAL A 240 19.56 35.31 -2.37
C VAL A 240 20.47 36.30 -1.66
N LYS A 241 20.87 36.01 -0.41
CA LYS A 241 21.73 36.92 0.33
C LYS A 241 23.09 37.01 -0.33
N ALA A 242 23.73 35.87 -0.59
CA ALA A 242 25.07 35.89 -1.16
C ALA A 242 25.07 36.56 -2.52
N THR A 243 24.21 36.08 -3.42
CA THR A 243 24.16 36.62 -4.77
C THR A 243 23.27 37.84 -4.76
N SER A 244 23.86 38.98 -5.10
CA SER A 244 23.15 40.24 -5.18
C SER A 244 22.37 40.49 -3.88
N GLY A 245 23.13 40.68 -2.82
CA GLY A 245 22.47 41.04 -1.60
C GLY A 245 23.33 41.90 -0.71
N ARG A 246 22.73 42.77 0.12
CA ARG A 246 21.31 43.21 0.05
C ARG A 246 20.33 42.04 0.21
N GLN A 247 20.49 41.29 1.30
CA GLN A 247 19.60 40.16 1.57
C GLN A 247 18.16 40.65 1.74
N ILE A 248 17.22 39.86 1.26
CA ILE A 248 15.82 40.26 1.34
C ILE A 248 15.16 39.54 2.49
N PHE A 249 15.14 38.22 2.40
CA PHE A 249 14.45 37.40 3.38
C PHE A 249 15.07 37.52 4.76
N GLN A 250 14.30 37.24 5.73
CA GLN A 250 14.72 37.34 7.12
C GLN A 250 15.24 36.00 7.64
N PRO A 251 16.26 35.99 8.51
CA PRO A 251 16.86 34.72 8.93
C PRO A 251 15.92 33.90 9.78
N LEU A 252 16.32 32.65 9.98
CA LEU A 252 15.42 31.71 10.61
C LEU A 252 15.11 32.11 12.06
N HIS A 253 16.13 32.42 12.86
CA HIS A 253 15.83 32.72 14.25
C HIS A 253 14.91 33.92 14.40
N THR A 254 14.77 34.78 13.38
CA THR A 254 13.83 35.89 13.47
C THR A 254 12.47 35.59 12.88
N LEU A 255 12.31 34.45 12.20
CA LEU A 255 10.96 33.95 11.93
C LEU A 255 10.44 33.26 13.15
N ARG A 256 11.27 32.42 13.74
CA ARG A 256 10.91 31.72 14.95
C ARG A 256 10.51 32.70 16.05
N ASN A 257 11.21 33.83 16.15
CA ASN A 257 10.90 34.87 17.14
C ASN A 257 9.65 35.69 16.78
N ALA A 258 9.23 35.68 15.51
CA ALA A 258 7.96 36.21 15.01
C ALA A 258 6.84 35.20 15.14
N GLU A 259 7.19 34.01 15.57
CA GLU A 259 6.23 32.94 15.60
C GLU A 259 5.33 33.02 16.79
N LYS A 260 5.96 33.18 17.96
CA LYS A 260 5.27 32.93 19.20
C LYS A 260 3.98 33.72 19.28
N GLU A 261 3.81 34.76 18.45
CA GLU A 261 2.57 35.50 18.54
C GLU A 261 1.41 34.68 18.00
N LEU A 262 1.63 33.90 16.94
CA LEU A 262 0.51 33.31 16.23
C LEU A 262 0.00 32.02 16.87
N LEU A 263 0.88 31.21 17.42
CA LEU A 263 0.50 30.02 18.15
C LEU A 263 -0.26 30.34 19.43
N PRO A 264 -0.96 29.36 19.98
CA PRO A 264 -1.67 29.55 21.23
C PRO A 264 -0.74 29.50 22.43
N GLY A 265 -1.32 29.92 23.56
CA GLY A 265 -0.59 30.10 24.77
C GLY A 265 0.06 31.44 24.80
N PHE A 266 -0.48 32.40 24.03
CA PHE A 266 0.10 33.73 23.90
C PHE A 266 -0.85 34.83 24.40
N HIS A 267 -1.99 35.02 23.76
CA HIS A 267 -2.90 36.10 24.12
C HIS A 267 -3.63 35.81 25.41
N GLN A 268 -3.67 36.79 26.29
CA GLN A 268 -4.30 36.61 27.59
C GLN A 268 -5.82 36.62 27.43
N PHE A 269 -6.50 35.86 28.29
CA PHE A 269 -7.94 35.71 28.26
C PHE A 269 -8.44 35.30 29.64
N GLU A 270 -9.76 35.40 29.81
CA GLU A 270 -10.36 34.97 31.06
C GLU A 270 -11.79 34.58 30.78
N TRP A 271 -12.30 33.60 31.53
CA TRP A 271 -13.60 32.98 31.31
C TRP A 271 -14.58 33.38 32.38
N GLN A 272 -15.70 33.97 31.98
CA GLN A 272 -16.77 34.17 32.95
C GLN A 272 -18.02 33.31 32.66
N PRO A 273 -18.39 32.38 33.57
CA PRO A 273 -17.69 32.02 34.81
C PRO A 273 -16.42 31.21 34.63
N ALA A 274 -15.62 31.12 35.68
CA ALA A 274 -14.41 30.31 35.57
C ALA A 274 -14.79 28.89 35.19
N LEU A 275 -13.92 28.27 34.39
CA LEU A 275 -14.18 26.95 33.86
C LEU A 275 -14.09 25.89 34.96
N LYS A 276 -14.92 24.87 34.80
CA LYS A 276 -14.94 23.73 35.72
C LYS A 276 -13.79 22.78 35.43
N ASN A 277 -13.13 22.33 36.50
CA ASN A 277 -12.04 21.33 36.54
C ASN A 277 -10.99 21.55 35.46
N VAL A 278 -10.67 22.81 35.19
CA VAL A 278 -9.66 23.17 34.21
C VAL A 278 -8.73 24.18 34.85
N SER A 279 -7.43 24.05 34.59
CA SER A 279 -6.48 25.01 35.13
C SER A 279 -6.81 26.39 34.60
N THR A 280 -6.43 27.41 35.36
CA THR A 280 -6.62 28.79 34.92
C THR A 280 -5.39 29.35 34.22
N SER A 281 -4.32 28.57 34.08
CA SER A 281 -3.10 29.07 33.46
C SER A 281 -3.29 29.19 31.94
N TRP A 282 -3.10 30.38 31.42
CA TRP A 282 -3.39 30.58 30.02
C TRP A 282 -2.16 30.53 29.10
N ASP A 283 -0.98 30.26 29.61
CA ASP A 283 0.22 30.35 28.79
C ASP A 283 0.63 29.03 28.14
N VAL A 284 -0.16 27.96 28.29
CA VAL A 284 0.33 26.61 27.96
C VAL A 284 0.28 26.38 26.45
N GLY A 285 1.41 25.97 25.90
CA GLY A 285 1.57 25.68 24.48
C GLY A 285 1.18 24.27 24.16
N ILE A 286 1.92 23.66 23.23
CA ILE A 286 1.68 22.26 22.87
C ILE A 286 1.97 21.35 24.05
N ILE A 287 0.96 20.57 24.43
CA ILE A 287 0.99 19.69 25.60
C ILE A 287 1.02 18.28 25.06
N ASP A 288 1.82 17.43 25.69
CA ASP A 288 1.74 16.01 25.36
C ASP A 288 0.39 15.47 25.86
N GLY A 289 -0.37 14.85 24.97
CA GLY A 289 -1.75 14.57 25.29
C GLY A 289 -1.95 13.41 26.21
N LEU A 290 -0.89 12.62 26.42
CA LEU A 290 -0.96 11.54 27.38
C LEU A 290 -1.62 12.04 28.64
N SER A 291 -1.34 13.29 29.01
CA SER A 291 -2.05 14.03 30.06
C SER A 291 -1.93 13.33 31.41
N GLY A 292 -0.70 12.97 31.76
CA GLY A 292 -0.39 12.39 33.05
C GLY A 292 -0.57 10.90 33.15
N TRP A 293 -0.46 10.17 32.06
CA TRP A 293 -0.43 8.72 32.21
C TRP A 293 0.79 8.30 33.01
N THR A 294 0.59 7.53 34.09
CA THR A 294 1.69 7.29 35.03
C THR A 294 2.77 6.35 34.51
N VAL A 295 2.55 5.71 33.35
CA VAL A 295 3.52 4.88 32.64
C VAL A 295 4.11 3.78 33.53
N SER A 296 3.34 3.35 34.54
CA SER A 296 3.75 2.23 35.38
C SER A 296 3.56 0.94 34.61
N VAL A 297 4.58 0.09 34.64
CA VAL A 297 4.51 -1.14 33.86
C VAL A 297 3.29 -1.96 34.26
N ASP A 298 2.92 -1.86 35.53
CA ASP A 298 1.87 -2.70 36.10
C ASP A 298 0.49 -2.36 35.56
N ASP A 299 0.31 -1.14 35.00
CA ASP A 299 -0.96 -0.59 34.54
C ASP A 299 -1.17 -0.81 33.04
N VAL A 300 -2.19 -0.16 32.50
CA VAL A 300 -2.42 -0.24 31.06
C VAL A 300 -1.27 0.44 30.36
N PRO A 301 -0.78 -0.05 29.21
CA PRO A 301 0.36 0.61 28.56
C PRO A 301 0.08 2.06 28.20
N ALA A 302 1.16 2.83 28.19
CA ALA A 302 1.24 4.23 27.79
C ALA A 302 1.47 4.37 26.29
N ASP A 303 1.33 3.28 25.51
CA ASP A 303 1.92 3.17 24.18
C ASP A 303 1.78 4.39 23.31
N THR A 304 0.58 4.93 23.22
CA THR A 304 0.28 5.94 22.23
C THR A 304 0.94 7.28 22.53
N ILE A 305 1.50 7.88 21.49
CA ILE A 305 2.04 9.22 21.53
C ILE A 305 0.97 10.18 21.06
N SER A 306 0.91 11.36 21.67
CA SER A 306 0.00 12.38 21.19
C SER A 306 0.50 13.73 21.61
N ARG A 307 -0.05 14.73 20.96
CA ARG A 307 0.16 16.10 21.37
C ARG A 307 -1.11 16.85 21.11
N ARG A 308 -1.46 17.74 22.01
CA ARG A 308 -2.65 18.52 21.78
C ARG A 308 -2.45 19.87 22.41
N PHE A 309 -3.17 20.84 21.84
CA PHE A 309 -3.36 22.10 22.50
C PHE A 309 -4.42 21.97 23.56
N ARG A 310 -4.28 22.76 24.62
CA ARG A 310 -5.34 22.84 25.60
C ARG A 310 -6.47 23.60 24.95
N TYR A 311 -7.62 22.94 24.88
CA TYR A 311 -8.66 23.29 23.92
C TYR A 311 -9.06 24.76 23.98
N ASP A 312 -9.34 25.26 25.18
CA ASP A 312 -9.75 26.64 25.34
C ASP A 312 -8.69 27.59 24.78
N VAL A 313 -7.42 27.27 25.00
CA VAL A 313 -6.38 28.19 24.57
C VAL A 313 -6.29 28.22 23.05
N ALA A 314 -6.31 27.04 22.43
CA ALA A 314 -6.40 26.90 20.99
C ALA A 314 -7.54 27.72 20.45
N LEU A 315 -8.65 27.71 21.16
CA LEU A 315 -9.79 28.51 20.74
C LEU A 315 -9.44 30.00 20.74
N VAL A 316 -9.10 30.57 21.90
CA VAL A 316 -8.98 32.03 21.95
C VAL A 316 -7.96 32.49 20.98
N SER A 317 -6.95 31.67 20.71
CA SER A 317 -5.94 32.09 19.74
C SER A 317 -6.50 31.99 18.34
N ALA A 318 -7.16 30.88 18.06
CA ALA A 318 -7.82 30.73 16.78
C ALA A 318 -8.70 31.92 16.52
N LEU A 319 -9.40 32.36 17.54
CA LEU A 319 -10.42 33.33 17.29
C LEU A 319 -9.86 34.74 17.25
N LYS A 320 -8.97 35.09 18.19
CA LYS A 320 -8.30 36.40 18.15
C LYS A 320 -7.56 36.62 16.84
N ASP A 321 -7.16 35.53 16.19
CA ASP A 321 -6.70 35.60 14.81
C ASP A 321 -7.76 36.11 13.85
N LEU A 322 -9.03 35.97 14.18
CA LEU A 322 -10.05 36.54 13.32
C LEU A 322 -10.39 37.96 13.71
N GLU A 323 -9.69 38.54 14.70
CA GLU A 323 -10.03 39.88 15.13
C GLU A 323 -10.13 40.81 13.93
N GLU A 324 -9.26 40.61 12.93
CA GLU A 324 -9.32 41.42 11.73
C GLU A 324 -10.70 41.30 11.07
N ASP A 325 -11.12 40.08 10.71
CA ASP A 325 -12.32 39.95 9.92
C ASP A 325 -13.57 40.24 10.74
N ILE A 326 -13.51 40.04 12.05
CA ILE A 326 -14.67 40.35 12.89
C ILE A 326 -14.82 41.87 13.03
N MET A 327 -13.72 42.60 13.15
CA MET A 327 -13.89 44.04 13.24
C MET A 327 -14.31 44.61 11.87
N GLU A 328 -13.84 44.01 10.77
CA GLU A 328 -14.23 44.54 9.46
C GLU A 328 -15.68 44.17 9.10
N GLY A 329 -16.14 43.01 9.54
CA GLY A 329 -17.56 42.71 9.43
C GLY A 329 -18.41 43.63 10.31
N LEU A 330 -17.86 44.04 11.45
CA LEU A 330 -18.58 44.96 12.33
C LEU A 330 -18.71 46.33 11.70
N ARG A 331 -17.70 46.73 10.93
CA ARG A 331 -17.72 48.04 10.29
C ARG A 331 -18.55 48.01 9.02
N GLU A 332 -18.60 46.87 8.34
CA GLU A 332 -19.58 46.66 7.29
C GLU A 332 -20.99 46.83 7.84
N ARG A 333 -21.27 46.22 9.00
CA ARG A 333 -22.57 46.39 9.65
C ARG A 333 -22.80 47.84 10.03
N ALA A 334 -21.76 48.67 10.03
CA ALA A 334 -21.77 50.02 10.59
C ALA A 334 -22.25 50.00 12.03
N LEU A 335 -21.97 48.92 12.74
CA LEU A 335 -22.57 48.68 14.03
C LEU A 335 -21.86 49.47 15.12
N ASP A 336 -22.61 49.73 16.22
CA ASP A 336 -22.09 50.45 17.38
C ASP A 336 -20.86 49.73 17.94
N ASP A 337 -19.93 50.53 18.47
CA ASP A 337 -18.64 50.02 18.92
C ASP A 337 -18.62 49.81 20.42
N SER A 338 -18.60 50.93 21.15
CA SER A 338 -18.52 50.88 22.60
C SER A 338 -19.69 50.10 23.17
N MET A 339 -20.89 50.37 22.66
CA MET A 339 -22.05 49.62 23.11
C MET A 339 -22.10 48.25 22.42
N CYS A 340 -22.69 47.30 23.14
CA CYS A 340 -23.00 45.97 22.63
C CYS A 340 -21.72 45.23 22.29
N THR A 341 -20.78 45.22 23.24
CA THR A 341 -19.56 44.45 23.02
C THR A 341 -19.75 42.98 23.37
N SER A 342 -20.69 42.66 24.25
CA SER A 342 -20.68 41.36 24.91
C SER A 342 -21.69 40.34 24.35
N GLY A 343 -22.52 40.70 23.38
CA GLY A 343 -23.61 39.80 23.04
C GLY A 343 -23.33 38.72 22.00
N PHE A 344 -22.06 38.31 21.86
CA PHE A 344 -21.61 37.47 20.76
C PHE A 344 -21.96 35.98 20.91
N THR A 345 -21.97 35.30 19.77
CA THR A 345 -22.23 33.87 19.65
C THR A 345 -21.31 33.30 18.59
N VAL A 346 -20.64 32.20 18.92
CA VAL A 346 -19.58 31.61 18.11
C VAL A 346 -19.90 30.17 17.83
N VAL A 347 -19.93 29.79 16.57
CA VAL A 347 -20.34 28.44 16.20
C VAL A 347 -19.20 27.75 15.50
N VAL A 348 -18.80 26.64 16.12
CA VAL A 348 -17.55 25.93 15.89
C VAL A 348 -17.91 24.53 15.43
N LYS A 349 -17.52 24.21 14.21
CA LYS A 349 -17.66 22.86 13.68
C LYS A 349 -16.40 22.08 14.01
N GLU A 350 -16.57 21.00 14.75
CA GLU A 350 -15.42 20.17 15.06
C GLU A 350 -15.60 18.84 14.38
N SER A 351 -14.48 18.20 14.17
CA SER A 351 -14.49 17.02 13.37
C SER A 351 -13.31 16.18 13.83
N CYS A 352 -13.50 14.87 13.79
CA CYS A 352 -12.47 13.94 14.18
C CYS A 352 -12.49 12.77 13.21
N ASP A 353 -11.35 12.48 12.59
CA ASP A 353 -11.31 11.40 11.60
C ASP A 353 -9.97 10.70 11.61
N GLY A 354 -10.02 9.39 11.45
CA GLY A 354 -8.84 8.57 11.58
C GLY A 354 -8.15 8.34 10.25
N MET A 355 -6.89 7.96 10.34
CA MET A 355 -6.10 7.78 9.14
C MET A 355 -5.20 6.57 9.26
N GLY A 356 -5.28 5.64 8.31
CA GLY A 356 -4.49 4.43 8.35
C GLY A 356 -3.18 4.56 7.59
N ASP A 357 -2.55 3.40 7.37
CA ASP A 357 -1.34 3.18 6.55
C ASP A 357 -0.26 4.25 6.76
N VAL A 358 -0.05 4.63 8.02
CA VAL A 358 0.99 5.58 8.39
C VAL A 358 2.16 4.79 8.98
N SER A 359 3.28 4.77 8.26
CA SER A 359 4.45 4.04 8.73
C SER A 359 4.93 4.67 10.01
N GLU A 360 5.81 3.97 10.70
CA GLU A 360 6.32 4.55 11.91
C GLU A 360 7.84 4.54 11.90
N LYS A 361 8.41 5.12 12.95
CA LYS A 361 9.82 5.45 13.02
C LYS A 361 10.50 4.51 14.00
N HIS A 362 11.76 4.19 13.71
CA HIS A 362 12.49 3.27 14.58
C HIS A 362 12.55 3.82 15.99
N GLY A 363 13.32 4.87 16.20
CA GLY A 363 13.07 5.59 17.43
C GLY A 363 13.40 4.85 18.71
N SER A 364 13.30 5.60 19.80
CA SER A 364 13.63 5.11 21.13
C SER A 364 12.44 4.51 21.83
N GLY A 365 11.27 4.46 21.21
CA GLY A 365 10.09 4.09 21.97
C GLY A 365 9.18 5.27 22.19
N PRO A 366 7.98 5.02 22.75
CA PRO A 366 7.41 3.68 23.03
C PRO A 366 6.81 3.03 21.79
N ALA A 367 6.65 1.72 21.78
CA ALA A 367 6.03 1.06 20.63
C ALA A 367 4.63 1.64 20.39
N VAL A 368 4.29 1.88 19.12
CA VAL A 368 2.98 2.49 18.84
C VAL A 368 2.36 2.02 17.53
N PRO A 369 1.04 1.89 17.42
CA PRO A 369 0.44 1.37 16.20
C PRO A 369 0.64 2.29 15.01
N GLU A 370 0.28 1.76 13.84
CA GLU A 370 0.49 2.45 12.59
C GLU A 370 -0.48 3.60 12.41
N LYS A 371 -1.76 3.40 12.73
CA LYS A 371 -2.76 4.33 12.27
C LYS A 371 -2.83 5.59 13.15
N ALA A 372 -3.19 6.71 12.53
CA ALA A 372 -3.12 8.01 13.17
C ALA A 372 -4.45 8.75 13.08
N VAL A 373 -4.85 9.38 14.20
CA VAL A 373 -6.14 10.05 14.37
C VAL A 373 -5.93 11.53 14.60
N ARG A 374 -6.62 12.34 13.79
CA ARG A 374 -6.40 13.78 13.72
C ARG A 374 -7.68 14.52 14.06
N PHE A 375 -7.69 15.13 15.22
CA PHE A 375 -8.86 15.78 15.77
C PHE A 375 -8.73 17.28 15.57
N SER A 376 -9.70 17.90 14.89
CA SER A 376 -9.54 19.27 14.42
C SER A 376 -10.85 20.05 14.49
N PHE A 377 -10.75 21.37 14.61
CA PHE A 377 -11.95 22.18 14.54
C PHE A 377 -11.75 23.35 13.59
N THR A 378 -12.84 24.07 13.34
CA THR A 378 -12.91 25.20 12.40
C THR A 378 -14.01 26.11 12.91
N ILE A 379 -13.82 27.42 12.78
CA ILE A 379 -14.85 28.35 13.23
C ILE A 379 -15.76 28.66 12.06
N MET A 380 -17.01 28.22 12.17
CA MET A 380 -17.99 28.39 11.10
C MET A 380 -18.55 29.80 11.06
N SER A 381 -19.03 30.28 12.20
CA SER A 381 -19.55 31.63 12.16
C SER A 381 -19.38 32.27 13.51
N ILE A 382 -19.61 33.57 13.48
CA ILE A 382 -19.64 34.38 14.67
C ILE A 382 -20.62 35.49 14.42
N SER A 383 -21.45 35.77 15.43
CA SER A 383 -22.62 36.59 15.30
C SER A 383 -22.85 37.34 16.59
N ILE A 384 -23.94 38.10 16.60
CA ILE A 384 -24.24 38.99 17.72
C ILE A 384 -25.75 38.96 17.93
N ARG A 385 -26.14 39.31 19.14
CA ARG A 385 -27.52 39.28 19.55
C ARG A 385 -27.95 40.64 20.08
N LEU A 386 -27.29 41.18 21.11
CA LEU A 386 -27.77 42.39 21.81
C LEU A 386 -28.04 43.54 20.78
N GLU A 387 -28.97 44.47 21.05
CA GLU A 387 -29.70 44.71 22.31
C GLU A 387 -30.76 43.69 22.67
N GLY A 388 -31.30 43.10 21.62
CA GLY A 388 -32.47 42.26 21.72
C GLY A 388 -33.21 42.23 20.40
N GLU A 389 -34.27 41.43 20.40
CA GLU A 389 -35.04 41.14 19.16
C GLU A 389 -34.02 40.58 18.17
N ASP A 390 -33.98 41.05 16.92
CA ASP A 390 -32.88 40.90 15.96
C ASP A 390 -32.25 39.49 16.02
N ASP A 391 -33.11 38.47 15.94
CA ASP A 391 -32.73 37.09 15.58
C ASP A 391 -31.50 36.70 16.36
N GLY A 392 -30.44 36.44 15.59
CA GLY A 392 -29.11 36.90 15.89
C GLY A 392 -28.49 37.32 14.56
N ILE A 393 -27.45 38.15 14.65
CA ILE A 393 -26.93 38.86 13.50
C ILE A 393 -25.56 38.33 13.16
N THR A 394 -25.47 37.64 12.04
CA THR A 394 -24.20 37.12 11.58
C THR A 394 -23.23 38.29 11.42
N ILE A 395 -21.95 38.02 11.68
CA ILE A 395 -20.90 38.97 11.35
C ILE A 395 -19.96 38.27 10.40
N PHE A 396 -19.40 37.16 10.85
CA PHE A 396 -18.46 36.44 10.02
C PHE A 396 -18.89 35.01 9.80
N GLN A 397 -18.72 34.59 8.56
CA GLN A 397 -19.10 33.27 8.10
C GLN A 397 -18.04 32.71 7.18
N GLU A 398 -17.57 31.50 7.47
CA GLU A 398 -16.49 30.91 6.69
C GLU A 398 -16.91 30.74 5.24
N GLN A 399 -16.13 31.28 4.32
CA GLN A 399 -16.61 31.29 2.95
C GLN A 399 -16.39 29.97 2.23
N LYS A 400 -15.34 29.22 2.54
CA LYS A 400 -15.09 27.95 1.87
C LYS A 400 -14.72 26.91 2.90
N PRO A 401 -15.70 26.44 3.69
CA PRO A 401 -15.35 25.63 4.87
C PRO A 401 -14.71 24.36 4.51
N ASN A 402 -14.79 23.96 3.26
CA ASN A 402 -14.22 22.69 2.91
C ASN A 402 -12.77 22.81 2.48
N SER A 403 -12.19 24.00 2.62
CA SER A 403 -10.77 24.18 2.29
C SER A 403 -9.92 23.69 3.43
N GLU A 404 -8.83 23.04 3.08
CA GLU A 404 -7.75 22.83 4.04
C GLU A 404 -7.39 24.13 4.69
N LEU A 405 -7.49 25.23 3.97
CA LEU A 405 -6.92 26.47 4.48
C LEU A 405 -7.57 26.85 5.79
N SER A 406 -8.85 26.50 5.97
CA SER A 406 -9.46 26.64 7.29
C SER A 406 -9.86 25.26 7.81
N CYS A 407 -8.98 24.69 8.62
CA CYS A 407 -9.27 23.61 9.54
C CYS A 407 -8.18 23.68 10.60
N ARG A 408 -8.55 23.65 11.86
CA ARG A 408 -7.52 23.84 12.88
C ARG A 408 -7.26 22.52 13.60
N PRO A 409 -6.11 21.88 13.39
CA PRO A 409 -5.82 20.68 14.13
C PRO A 409 -5.78 20.99 15.59
N LEU A 410 -6.20 20.03 16.35
CA LEU A 410 -6.10 20.28 17.76
C LEU A 410 -5.34 19.13 18.39
N CYS A 411 -5.81 17.90 18.25
CA CYS A 411 -5.12 16.74 18.83
C CYS A 411 -4.61 15.80 17.75
N LEU A 412 -3.35 15.39 17.86
CA LEU A 412 -2.74 14.44 16.95
C LEU A 412 -2.30 13.22 17.73
N MET A 413 -2.80 12.08 17.32
CA MET A 413 -2.44 10.84 17.96
C MET A 413 -2.03 9.77 16.97
N PHE A 414 -1.36 8.80 17.48
CA PHE A 414 -1.16 7.56 16.77
C PHE A 414 -2.00 6.52 17.47
N VAL A 415 -3.13 6.17 16.88
CA VAL A 415 -4.09 5.25 17.47
C VAL A 415 -4.85 4.57 16.34
N ASP A 416 -5.28 3.35 16.54
CA ASP A 416 -6.23 2.77 15.58
C ASP A 416 -7.64 3.17 16.01
N GLU A 417 -8.49 3.57 15.06
CA GLU A 417 -9.87 3.88 15.40
C GLU A 417 -10.53 2.72 16.14
N SER A 418 -10.11 1.50 15.83
CA SER A 418 -10.80 0.33 16.36
C SER A 418 -10.70 0.26 17.88
N ASP A 419 -9.49 0.43 18.45
CA ASP A 419 -9.37 0.30 19.90
C ASP A 419 -10.06 1.48 20.55
N HIS A 420 -10.99 1.17 21.40
CA HIS A 420 -11.72 2.21 22.05
C HIS A 420 -10.96 2.70 23.25
N GLU A 421 -10.13 1.85 23.81
CA GLU A 421 -9.44 2.17 25.04
C GLU A 421 -8.66 3.46 24.97
N THR A 422 -7.66 3.47 24.10
CA THR A 422 -6.78 4.62 24.06
C THR A 422 -7.45 5.81 23.38
N LEU A 423 -8.43 5.55 22.52
CA LEU A 423 -9.15 6.66 21.96
C LEU A 423 -9.84 7.45 23.06
N THR A 424 -10.51 6.77 24.01
CA THR A 424 -11.20 7.53 25.05
C THR A 424 -10.23 8.08 26.09
N ALA A 425 -9.11 7.40 26.31
CA ALA A 425 -8.12 7.97 27.21
C ALA A 425 -7.66 9.32 26.72
N ILE A 426 -7.25 9.40 25.45
CA ILE A 426 -6.64 10.64 24.95
C ILE A 426 -7.66 11.67 24.51
N LEU A 427 -8.85 11.27 24.13
CA LEU A 427 -9.83 12.30 23.82
C LEU A 427 -10.71 12.63 25.01
N GLY A 428 -10.48 12.00 26.16
CA GLY A 428 -11.33 12.21 27.31
C GLY A 428 -11.25 13.62 27.85
N PRO A 429 -10.03 14.02 28.22
CA PRO A 429 -9.79 15.41 28.57
C PRO A 429 -10.39 16.43 27.60
N VAL A 430 -10.35 16.16 26.28
CA VAL A 430 -10.88 17.11 25.30
C VAL A 430 -12.37 17.32 25.51
N VAL A 431 -13.07 16.23 25.70
CA VAL A 431 -14.51 16.30 25.92
C VAL A 431 -14.84 17.07 27.18
N ALA A 432 -14.18 16.74 28.31
CA ALA A 432 -14.44 17.53 29.51
C ALA A 432 -14.23 19.01 29.25
N GLU A 433 -13.31 19.34 28.32
CA GLU A 433 -13.14 20.75 27.93
C GLU A 433 -14.40 21.29 27.30
N ARG A 434 -14.88 20.68 26.21
CA ARG A 434 -16.09 21.22 25.59
C ARG A 434 -17.23 21.32 26.59
N LYS A 435 -17.56 20.19 27.22
CA LYS A 435 -18.72 20.14 28.10
C LYS A 435 -18.63 21.18 29.20
N ALA A 436 -17.44 21.32 29.82
CA ALA A 436 -17.27 22.37 30.83
C ALA A 436 -17.25 23.75 30.22
N MET A 437 -17.06 23.81 28.90
CA MET A 437 -16.93 25.07 28.19
C MET A 437 -18.28 25.66 27.76
N MET A 438 -19.25 24.80 27.42
CA MET A 438 -20.52 25.29 26.89
C MET A 438 -21.17 26.35 27.79
N GLU A 439 -21.10 26.15 29.12
CA GLU A 439 -21.85 27.01 30.04
C GLU A 439 -21.20 28.37 30.18
N SER A 440 -19.88 28.39 30.25
CA SER A 440 -19.16 29.63 30.39
C SER A 440 -19.22 30.46 29.12
N ARG A 441 -19.00 31.75 29.30
CA ARG A 441 -18.69 32.63 28.20
C ARG A 441 -17.26 33.11 28.36
N LEU A 442 -16.64 33.31 27.22
CA LEU A 442 -15.25 33.69 27.12
C LEU A 442 -15.11 35.22 27.02
N ILE A 443 -14.08 35.77 27.67
CA ILE A 443 -13.79 37.20 27.72
C ILE A 443 -12.41 37.42 27.14
N ILE A 444 -12.41 38.05 25.97
CA ILE A 444 -11.25 38.30 25.13
C ILE A 444 -11.11 39.79 24.92
N SER A 445 -9.89 40.32 25.07
CA SER A 445 -9.64 41.74 24.83
C SER A 445 -9.23 41.90 23.37
N VAL A 446 -10.09 42.55 22.58
CA VAL A 446 -9.99 42.56 21.13
C VAL A 446 -10.49 43.90 20.62
N GLY A 447 -9.86 44.40 19.56
CA GLY A 447 -10.08 45.77 19.15
C GLY A 447 -9.93 46.77 20.26
N GLY A 448 -9.08 46.46 21.26
CA GLY A 448 -8.91 47.28 22.44
C GLY A 448 -9.88 46.99 23.58
N LEU A 449 -10.98 46.31 23.32
CA LEU A 449 -12.05 46.16 24.27
C LEU A 449 -12.28 44.69 24.58
N LEU A 450 -12.33 44.37 25.87
CA LEU A 450 -12.73 43.02 26.23
C LEU A 450 -14.19 42.79 25.88
N ARG A 451 -14.47 41.60 25.34
CA ARG A 451 -15.76 41.15 24.81
C ARG A 451 -15.99 39.68 25.16
N SER A 452 -17.28 39.34 25.34
CA SER A 452 -17.71 38.03 25.82
C SER A 452 -18.42 37.28 24.71
N PHE A 453 -17.91 36.10 24.39
CA PHE A 453 -18.43 35.18 23.38
C PHE A 453 -19.03 33.95 24.03
N ARG A 454 -20.09 33.49 23.40
CA ARG A 454 -20.70 32.21 23.65
C ARG A 454 -20.33 31.32 22.48
N PHE A 455 -20.06 30.06 22.78
CA PHE A 455 -19.63 29.07 21.81
C PHE A 455 -20.69 28.01 21.67
N PHE A 456 -21.08 27.71 20.44
CA PHE A 456 -22.05 26.65 20.17
C PHE A 456 -21.32 25.62 19.35
N PHE A 457 -21.12 24.45 19.93
CA PHE A 457 -20.32 23.40 19.31
C PHE A 457 -21.20 22.38 18.61
N ARG A 458 -20.99 22.21 17.31
CA ARG A 458 -21.63 21.15 16.53
C ARG A 458 -20.53 20.23 16.03
N GLY A 459 -20.43 19.01 16.54
CA GLY A 459 -19.69 17.99 15.78
C GLY A 459 -20.46 17.41 14.61
N THR A 460 -20.09 17.77 13.38
CA THR A 460 -20.77 17.31 12.18
C THR A 460 -19.95 16.47 11.22
N GLY A 461 -18.66 16.27 11.50
CA GLY A 461 -17.72 15.95 10.44
C GLY A 461 -17.19 14.53 10.40
N TYR A 462 -17.83 13.65 11.15
CA TYR A 462 -17.41 12.26 11.33
C TYR A 462 -17.96 11.38 10.24
N ASP A 463 -17.19 10.36 9.90
CA ASP A 463 -17.81 9.23 9.21
C ASP A 463 -18.69 8.46 10.19
N GLU A 464 -19.61 7.65 9.65
CA GLU A 464 -20.60 7.01 10.51
C GLU A 464 -20.00 5.91 11.36
N LYS A 465 -19.07 5.15 10.82
CA LYS A 465 -18.42 4.15 11.64
C LYS A 465 -17.98 4.77 12.94
N MET A 466 -17.42 5.98 12.87
CA MET A 466 -16.92 6.60 14.10
C MET A 466 -18.03 7.26 14.90
N VAL A 467 -19.02 7.84 14.25
CA VAL A 467 -20.22 8.25 14.97
C VAL A 467 -20.75 7.10 15.81
N ARG A 468 -20.99 5.98 15.16
CA ARG A 468 -21.45 4.75 15.82
C ARG A 468 -20.56 4.39 16.99
N GLU A 469 -19.24 4.49 16.82
CA GLU A 469 -18.38 4.25 17.98
C GLU A 469 -18.71 5.23 19.10
N MET A 470 -18.66 6.53 18.82
CA MET A 470 -18.62 7.47 19.94
C MET A 470 -19.91 7.45 20.70
N GLU A 471 -20.97 7.04 20.03
CA GLU A 471 -22.30 7.02 20.62
C GLU A 471 -22.75 5.66 21.11
N GLY A 472 -21.88 4.66 21.10
CA GLY A 472 -22.26 3.37 21.63
C GLY A 472 -23.16 2.54 20.75
N LEU A 473 -23.60 3.07 19.62
CA LEU A 473 -24.36 2.29 18.63
C LEU A 473 -23.57 1.09 18.13
N GLU A 474 -24.29 0.01 17.84
CA GLU A 474 -23.66 -1.14 17.20
C GLU A 474 -23.47 -0.86 15.71
N ALA A 475 -22.48 -1.49 15.12
CA ALA A 475 -21.98 -0.91 13.91
C ALA A 475 -21.42 -1.95 12.99
N SER A 476 -21.29 -1.66 11.68
CA SER A 476 -22.08 -0.63 10.98
C SER A 476 -23.16 -1.20 10.08
N GLY A 477 -23.18 -2.51 9.86
CA GLY A 477 -24.16 -3.20 9.05
C GLY A 477 -25.30 -3.71 9.88
N SER A 478 -25.48 -3.17 11.09
CA SER A 478 -26.41 -3.67 12.10
C SER A 478 -27.87 -3.53 11.65
N THR A 479 -28.72 -4.37 12.21
CA THR A 479 -30.12 -4.26 11.86
C THR A 479 -30.71 -2.88 12.05
N TYR A 480 -30.18 -2.09 12.99
CA TYR A 480 -30.68 -0.74 13.24
C TYR A 480 -29.84 0.24 12.46
N ILE A 481 -30.36 0.73 11.34
CA ILE A 481 -29.44 1.36 10.37
C ILE A 481 -29.19 2.81 10.72
N CYS A 482 -30.21 3.50 11.20
CA CYS A 482 -30.12 4.94 11.20
C CYS A 482 -29.45 5.33 12.48
N THR A 483 -28.51 6.24 12.35
CA THR A 483 -28.01 6.90 13.53
C THR A 483 -29.07 7.80 14.14
N LEU A 484 -29.87 8.47 13.31
CA LEU A 484 -30.84 9.45 13.79
C LEU A 484 -32.22 8.87 13.99
N CYS A 485 -32.42 7.61 13.64
CA CYS A 485 -33.74 7.02 13.67
C CYS A 485 -33.68 5.57 14.12
N ASP A 486 -34.83 5.08 14.55
CA ASP A 486 -34.95 3.80 15.26
C ASP A 486 -35.36 2.64 14.36
N SER A 487 -35.50 2.85 13.07
CA SER A 487 -36.09 1.84 12.20
C SER A 487 -35.07 0.74 11.93
N THR A 488 -35.57 -0.48 11.80
CA THR A 488 -34.69 -1.55 11.42
C THR A 488 -34.50 -1.53 9.91
N ARG A 489 -33.68 -2.48 9.43
CA ARG A 489 -33.57 -2.74 8.00
C ARG A 489 -34.92 -2.96 7.38
N ALA A 490 -35.70 -3.89 7.92
CA ALA A 490 -36.93 -4.26 7.25
C ALA A 490 -37.90 -3.10 7.28
N GLU A 491 -38.05 -2.45 8.44
CA GLU A 491 -39.03 -1.38 8.54
C GLU A 491 -38.63 -0.17 7.71
N ALA A 492 -37.33 -0.03 7.41
CA ALA A 492 -36.85 1.00 6.50
C ALA A 492 -36.97 0.58 5.05
N SER A 493 -37.07 -0.73 4.79
CA SER A 493 -37.37 -1.18 3.46
C SER A 493 -38.82 -0.93 3.13
N GLN A 494 -39.72 -1.28 4.05
CA GLN A 494 -41.14 -1.05 3.80
C GLN A 494 -41.44 0.40 3.45
N ASN A 495 -41.37 1.32 4.44
CA ASN A 495 -41.63 2.76 4.24
C ASN A 495 -40.29 3.46 4.26
N MET A 496 -39.85 3.89 3.08
CA MET A 496 -38.55 4.52 2.96
C MET A 496 -38.62 5.98 3.38
N VAL A 497 -39.62 6.71 2.87
CA VAL A 497 -39.50 8.17 2.82
C VAL A 497 -40.08 8.86 4.03
N LEU A 498 -40.70 8.11 4.96
CA LEU A 498 -41.38 8.71 6.11
C LEU A 498 -40.66 8.29 7.40
N HIS A 499 -40.02 9.26 8.05
CA HIS A 499 -39.29 9.02 9.29
C HIS A 499 -39.13 10.30 10.06
N SER A 500 -38.92 10.13 11.35
CA SER A 500 -38.81 11.22 12.30
C SER A 500 -37.54 10.98 13.12
N ILE A 501 -36.71 12.01 13.18
CA ILE A 501 -35.45 11.90 13.88
C ILE A 501 -35.68 11.86 15.38
N THR A 502 -35.19 10.78 16.03
CA THR A 502 -35.21 10.66 17.48
C THR A 502 -33.80 10.75 18.06
N ARG A 503 -32.89 9.86 17.66
CA ARG A 503 -31.65 9.66 18.40
C ARG A 503 -30.87 10.94 18.65
N SER A 504 -30.55 11.16 19.92
CA SER A 504 -29.69 12.26 20.36
C SER A 504 -28.98 11.81 21.61
N HIS A 505 -28.13 12.71 22.11
CA HIS A 505 -27.23 12.31 23.17
C HIS A 505 -28.00 11.89 24.40
N ASP A 506 -28.82 12.79 24.94
CA ASP A 506 -29.36 12.55 26.27
C ASP A 506 -30.14 11.25 26.29
N GLU A 507 -30.96 11.03 25.25
CA GLU A 507 -31.73 9.78 25.22
C GLU A 507 -30.83 8.56 25.03
N ASN A 508 -29.70 8.69 24.29
CA ASN A 508 -28.81 7.54 24.19
C ASN A 508 -28.23 7.17 25.52
N LEU A 509 -27.99 8.18 26.37
CA LEU A 509 -27.47 7.92 27.70
C LEU A 509 -28.50 7.21 28.57
N GLU A 510 -29.71 7.76 28.64
CA GLU A 510 -30.75 7.02 29.35
C GLU A 510 -30.93 5.60 28.78
N ARG A 511 -30.84 5.46 27.44
CA ARG A 511 -30.95 4.16 26.78
C ARG A 511 -29.94 3.17 27.31
N TYR A 512 -28.67 3.58 27.38
CA TYR A 512 -27.67 2.70 27.97
C TYR A 512 -28.05 2.33 29.39
N GLU A 513 -28.50 3.29 30.20
CA GLU A 513 -28.80 2.92 31.58
C GLU A 513 -29.88 1.85 31.64
N ILE A 514 -30.81 1.89 30.69
CA ILE A 514 -31.75 0.78 30.56
C ILE A 514 -31.02 -0.51 30.20
N TRP A 515 -30.10 -0.46 29.24
CA TRP A 515 -29.44 -1.68 28.81
C TRP A 515 -28.64 -2.32 29.93
N ARG A 516 -28.17 -1.51 30.86
CA ARG A 516 -27.34 -2.02 31.93
C ARG A 516 -28.19 -2.40 33.13
N LYS A 517 -28.88 -1.43 33.72
CA LYS A 517 -29.75 -1.75 34.85
C LYS A 517 -30.72 -2.86 34.48
N ASN A 518 -31.37 -2.74 33.32
CA ASN A 518 -32.37 -3.65 32.76
C ASN A 518 -33.47 -3.95 33.76
N PRO A 519 -34.30 -2.96 34.11
CA PRO A 519 -35.21 -3.15 35.24
C PRO A 519 -36.35 -4.12 34.94
N PHE A 520 -36.65 -4.41 33.67
CA PHE A 520 -37.76 -5.29 33.32
C PHE A 520 -37.38 -6.74 33.11
N SER A 521 -36.13 -7.14 33.40
CA SER A 521 -35.69 -8.54 33.33
C SER A 521 -36.09 -9.21 32.02
N GLU A 522 -36.07 -8.40 30.96
CA GLU A 522 -36.36 -8.80 29.59
C GLU A 522 -35.15 -9.49 28.96
N SER A 523 -35.43 -10.37 28.01
CA SER A 523 -34.40 -11.18 27.39
C SER A 523 -33.59 -10.39 26.37
N ALA A 524 -32.40 -10.90 26.06
CA ALA A 524 -31.46 -10.16 25.23
C ALA A 524 -32.05 -9.85 23.86
N ASP A 525 -32.47 -10.90 23.14
CA ASP A 525 -33.01 -10.72 21.80
C ASP A 525 -34.01 -9.58 21.75
N GLU A 526 -34.97 -9.61 22.68
CA GLU A 526 -35.98 -8.57 22.75
C GLU A 526 -35.46 -7.30 23.45
N LEU A 527 -34.54 -7.45 24.41
CA LEU A 527 -34.03 -6.26 25.07
C LEU A 527 -33.43 -5.33 24.04
N ARG A 528 -32.64 -5.88 23.14
CA ARG A 528 -32.02 -5.07 22.12
C ARG A 528 -33.07 -4.35 21.28
N ASP A 529 -34.26 -4.94 21.14
CA ASP A 529 -35.33 -4.19 20.49
C ASP A 529 -35.79 -3.03 21.37
N ARG A 530 -35.82 -3.22 22.70
CA ARG A 530 -36.41 -2.18 23.53
C ARG A 530 -35.48 -0.99 23.67
N VAL A 531 -34.17 -1.23 23.79
CA VAL A 531 -33.25 -0.11 23.72
C VAL A 531 -32.89 0.30 22.30
N LYS A 532 -33.23 -0.50 21.30
CA LYS A 532 -33.15 -0.14 19.89
C LYS A 532 -31.73 0.11 19.42
N GLY A 533 -30.81 -0.74 19.86
CA GLY A 533 -29.49 -0.82 19.27
C GLY A 533 -28.41 -0.13 20.06
N VAL A 534 -28.71 0.42 21.23
CA VAL A 534 -27.68 1.08 22.05
C VAL A 534 -27.12 0.04 23.01
N SER A 535 -25.90 -0.40 22.76
CA SER A 535 -25.27 -1.36 23.66
C SER A 535 -24.21 -0.74 24.55
N ALA A 536 -23.90 0.54 24.41
CA ALA A 536 -22.68 1.05 25.03
C ALA A 536 -22.85 2.48 25.46
N LYS A 537 -22.00 2.93 26.34
CA LYS A 537 -22.17 4.26 26.87
C LYS A 537 -21.56 5.28 25.92
N PRO A 538 -22.33 6.20 25.33
CA PRO A 538 -21.72 7.19 24.47
C PRO A 538 -20.83 8.14 25.28
N PHE A 539 -19.61 8.38 24.79
CA PHE A 539 -18.71 9.34 25.43
C PHE A 539 -18.64 10.71 24.75
N MET A 540 -19.46 11.00 23.75
CA MET A 540 -19.47 12.35 23.20
C MET A 540 -20.85 12.65 22.62
N GLU A 541 -21.19 13.93 22.54
CA GLU A 541 -22.37 14.36 21.81
C GLU A 541 -21.98 14.85 20.43
N THR A 542 -22.62 14.31 19.39
CA THR A 542 -22.48 14.82 18.04
C THR A 542 -23.84 15.28 17.55
N GLN A 543 -23.88 16.40 16.82
CA GLN A 543 -25.23 16.88 16.54
C GLN A 543 -25.91 15.83 15.66
N PRO A 544 -27.27 15.67 15.75
CA PRO A 544 -27.93 14.68 14.88
C PRO A 544 -27.97 15.11 13.43
N THR A 545 -26.88 14.86 12.73
CA THR A 545 -26.72 15.34 11.37
C THR A 545 -25.94 14.34 10.55
N LEU A 546 -26.27 14.32 9.27
CA LEU A 546 -25.67 13.48 8.25
C LEU A 546 -24.37 14.09 7.77
N ASP A 547 -23.50 13.23 7.22
CA ASP A 547 -22.29 13.70 6.57
C ASP A 547 -22.48 13.69 5.06
N ALA A 548 -21.94 14.71 4.40
CA ALA A 548 -22.19 14.83 2.97
C ALA A 548 -21.29 13.90 2.18
N LEU A 549 -20.01 13.85 2.56
CA LEU A 549 -19.07 13.14 1.72
C LEU A 549 -19.46 11.67 1.62
N HIS A 550 -19.48 10.98 2.75
CA HIS A 550 -19.75 9.57 2.61
C HIS A 550 -21.18 9.27 2.19
N CYS A 551 -22.08 10.24 2.26
CA CYS A 551 -23.35 10.05 1.58
C CYS A 551 -23.13 9.97 0.08
N ASP A 552 -22.37 10.93 -0.47
CA ASP A 552 -22.12 10.92 -1.91
C ASP A 552 -21.37 9.65 -2.31
N ILE A 553 -20.43 9.22 -1.49
CA ILE A 553 -19.73 8.02 -1.87
C ILE A 553 -20.62 6.79 -1.73
N GLY A 554 -21.51 6.77 -0.72
CA GLY A 554 -22.34 5.59 -0.51
C GLY A 554 -23.35 5.36 -1.62
N ASN A 555 -23.99 6.45 -2.05
CA ASN A 555 -24.90 6.37 -3.18
C ASN A 555 -24.19 6.14 -4.49
N ALA A 556 -23.04 6.78 -4.70
CA ALA A 556 -22.33 6.52 -5.94
C ALA A 556 -21.99 5.04 -6.05
N THR A 557 -21.40 4.45 -5.01
CA THR A 557 -21.05 3.03 -5.10
C THR A 557 -22.29 2.15 -5.20
N GLU A 558 -23.41 2.61 -4.66
CA GLU A 558 -24.64 1.88 -4.90
C GLU A 558 -24.95 1.81 -6.38
N PHE A 559 -25.07 2.96 -7.06
CA PHE A 559 -25.45 2.91 -8.48
C PHE A 559 -24.38 2.24 -9.30
N TYR A 560 -23.15 2.27 -8.83
CA TYR A 560 -22.16 1.42 -9.46
C TYR A 560 -22.61 -0.03 -9.35
N LYS A 561 -23.21 -0.40 -8.22
CA LYS A 561 -23.59 -1.81 -8.05
C LYS A 561 -24.83 -2.15 -8.86
N ILE A 562 -25.83 -1.27 -8.85
CA ILE A 562 -27.01 -1.48 -9.67
C ILE A 562 -26.63 -1.55 -11.14
N PHE A 563 -25.87 -0.58 -11.65
CA PHE A 563 -25.41 -0.69 -13.04
C PHE A 563 -24.87 -2.08 -13.27
N GLN A 564 -23.88 -2.47 -12.45
CA GLN A 564 -23.22 -3.75 -12.61
C GLN A 564 -24.23 -4.89 -12.69
N ASP A 565 -25.22 -4.91 -11.79
CA ASP A 565 -26.14 -6.04 -11.83
C ASP A 565 -27.07 -5.92 -13.02
N GLU A 566 -27.19 -4.71 -13.54
CA GLU A 566 -28.14 -4.40 -14.59
C GLU A 566 -27.59 -4.70 -15.96
N ILE A 567 -26.28 -4.73 -16.10
CA ILE A 567 -25.64 -5.11 -17.35
C ILE A 567 -26.18 -6.48 -17.70
N GLY A 568 -25.69 -7.48 -16.98
CA GLY A 568 -26.32 -8.77 -16.94
C GLY A 568 -27.74 -8.66 -16.45
N GLU A 569 -28.54 -9.63 -16.83
CA GLU A 569 -29.95 -9.56 -16.50
C GLU A 569 -30.05 -10.21 -15.14
N VAL A 570 -30.19 -9.37 -14.15
CA VAL A 570 -30.18 -9.94 -12.82
C VAL A 570 -31.56 -10.41 -12.44
N TYR A 571 -32.59 -9.65 -12.78
CA TYR A 571 -33.89 -10.00 -12.25
C TYR A 571 -34.55 -11.13 -13.02
N GLN A 572 -34.09 -11.43 -14.23
CA GLN A 572 -34.56 -12.63 -14.91
C GLN A 572 -33.98 -13.88 -14.28
N LYS A 573 -32.65 -13.95 -14.19
CA LYS A 573 -31.96 -15.07 -13.57
C LYS A 573 -31.50 -14.61 -12.20
N PRO A 574 -32.15 -14.97 -11.08
CA PRO A 574 -31.81 -14.28 -9.82
C PRO A 574 -30.48 -14.68 -9.22
N ASN A 575 -29.89 -15.80 -9.63
CA ASN A 575 -28.81 -16.41 -8.88
C ASN A 575 -27.55 -16.46 -9.74
N PRO A 576 -26.81 -15.36 -9.81
CA PRO A 576 -25.57 -15.32 -10.61
C PRO A 576 -24.41 -15.90 -9.84
N SER A 577 -23.39 -16.27 -10.59
CA SER A 577 -22.20 -16.90 -10.08
C SER A 577 -21.14 -15.85 -9.78
N ARG A 578 -20.04 -16.30 -9.23
CA ARG A 578 -18.90 -15.42 -9.12
C ARG A 578 -18.47 -14.94 -10.49
N GLU A 579 -18.56 -15.80 -11.50
CA GLU A 579 -17.81 -15.51 -12.70
C GLU A 579 -18.57 -14.54 -13.60
N GLU A 580 -19.87 -14.74 -13.76
CA GLU A 580 -20.67 -13.74 -14.46
C GLU A 580 -20.62 -12.41 -13.75
N ARG A 581 -20.46 -12.40 -12.43
CA ARG A 581 -20.43 -11.12 -11.75
C ARG A 581 -19.11 -10.43 -11.99
N ARG A 582 -18.00 -11.16 -11.91
CA ARG A 582 -16.72 -10.56 -12.23
C ARG A 582 -16.69 -10.10 -13.69
N ARG A 583 -17.29 -10.88 -14.60
CA ARG A 583 -17.32 -10.46 -16.00
C ARG A 583 -18.15 -9.18 -16.19
N TRP A 584 -19.31 -9.09 -15.50
CA TRP A 584 -20.09 -7.85 -15.55
C TRP A 584 -19.27 -6.66 -15.10
N ARG A 585 -18.51 -6.81 -14.02
CA ARG A 585 -17.64 -5.72 -13.61
C ARG A 585 -16.64 -5.36 -14.71
N SER A 586 -16.14 -6.37 -15.44
CA SER A 586 -15.12 -6.09 -16.48
C SER A 586 -15.71 -5.30 -17.65
N THR A 587 -16.88 -5.70 -18.16
CA THR A 587 -17.45 -4.91 -19.24
C THR A 587 -17.85 -3.53 -18.74
N LEU A 588 -18.33 -3.43 -17.49
CA LEU A 588 -18.72 -2.11 -16.97
C LEU A 588 -17.53 -1.17 -16.98
N ASP A 589 -16.43 -1.57 -16.34
CA ASP A 589 -15.28 -0.67 -16.22
C ASP A 589 -14.65 -0.41 -17.58
N LYS A 590 -14.53 -1.44 -18.40
CA LYS A 590 -14.03 -1.19 -19.73
C LYS A 590 -14.87 -0.11 -20.42
N GLN A 591 -16.19 -0.13 -20.24
CA GLN A 591 -16.97 0.85 -20.97
C GLN A 591 -16.77 2.25 -20.39
N LEU A 592 -16.85 2.36 -19.06
CA LEU A 592 -16.68 3.64 -18.38
C LEU A 592 -15.40 4.32 -18.81
N ARG A 593 -14.30 3.58 -18.81
CA ARG A 593 -13.07 4.18 -19.29
C ARG A 593 -13.19 4.54 -20.77
N LYS A 594 -13.83 3.70 -21.59
CA LYS A 594 -13.85 3.91 -23.04
C LYS A 594 -14.58 5.19 -23.41
N LYS A 595 -15.64 5.49 -22.68
CA LYS A 595 -16.44 6.67 -22.94
C LYS A 595 -16.30 7.71 -21.83
N MET A 596 -16.63 7.38 -20.60
CA MET A 596 -16.57 8.40 -19.56
C MET A 596 -15.14 8.76 -19.13
N LYS A 597 -14.11 8.07 -19.63
CA LYS A 597 -12.70 8.37 -19.29
C LYS A 597 -12.44 8.21 -17.80
N LEU A 598 -12.92 7.11 -17.22
CA LEU A 598 -12.77 6.80 -15.80
C LEU A 598 -12.16 5.42 -15.63
N LYS A 599 -10.96 5.38 -15.05
CA LYS A 599 -10.27 4.12 -14.84
C LYS A 599 -11.00 3.27 -13.80
N PRO A 600 -10.78 1.97 -13.82
CA PRO A 600 -11.40 1.13 -12.81
C PRO A 600 -10.80 1.48 -11.46
N VAL A 601 -11.50 1.14 -10.40
CA VAL A 601 -11.13 1.73 -9.13
C VAL A 601 -10.95 0.64 -8.09
N MET A 602 -10.07 0.93 -7.12
CA MET A 602 -9.90 0.05 -5.96
C MET A 602 -11.07 0.17 -5.00
N ARG A 603 -11.53 1.40 -4.84
CA ARG A 603 -12.41 1.79 -3.77
C ARG A 603 -12.95 3.07 -4.33
N MET A 604 -14.08 3.51 -3.82
CA MET A 604 -14.81 4.58 -4.47
C MET A 604 -14.40 5.88 -3.80
N ASN A 605 -13.57 6.66 -4.47
CA ASN A 605 -13.28 7.99 -3.99
C ASN A 605 -14.38 8.89 -4.50
N GLY A 606 -14.70 9.88 -3.70
CA GLY A 606 -15.76 10.79 -4.07
C GLY A 606 -15.46 11.51 -5.36
N ASN A 607 -14.22 11.49 -5.82
CA ASN A 607 -14.03 12.22 -7.06
C ASN A 607 -14.50 11.39 -8.26
N TYR A 608 -14.15 10.11 -8.28
CA TYR A 608 -14.86 9.22 -9.20
C TYR A 608 -16.33 9.10 -8.88
N ALA A 609 -16.77 9.44 -7.66
CA ALA A 609 -18.19 9.44 -7.35
C ALA A 609 -18.90 10.67 -7.90
N ARG A 610 -18.16 11.74 -8.18
CA ARG A 610 -18.79 12.83 -8.88
C ARG A 610 -18.80 12.62 -10.38
N ARG A 611 -17.77 12.03 -10.96
CA ARG A 611 -17.97 11.80 -12.38
C ARG A 611 -18.85 10.62 -12.67
N LEU A 612 -19.20 9.81 -11.68
CA LEU A 612 -20.01 8.62 -11.95
C LEU A 612 -21.48 8.94 -12.07
N MET A 613 -21.99 9.77 -11.18
CA MET A 613 -23.38 10.11 -11.27
C MET A 613 -23.45 11.43 -12.00
N THR A 614 -23.77 11.30 -13.27
CA THR A 614 -24.13 12.39 -14.15
C THR A 614 -25.02 11.74 -15.16
N ARG A 615 -25.79 12.56 -15.85
CA ARG A 615 -26.62 11.95 -16.86
C ARG A 615 -25.77 11.32 -17.97
N GLU A 616 -24.61 11.93 -18.30
CA GLU A 616 -23.78 11.39 -19.38
C GLU A 616 -23.32 9.97 -19.06
N ALA A 617 -22.79 9.77 -17.85
CA ALA A 617 -22.27 8.46 -17.49
C ALA A 617 -23.37 7.41 -17.53
N VAL A 618 -24.54 7.76 -17.03
CA VAL A 618 -25.67 6.83 -17.10
C VAL A 618 -26.00 6.50 -18.55
N GLU A 619 -26.07 7.51 -19.43
CA GLU A 619 -26.39 7.29 -20.84
C GLU A 619 -25.28 6.55 -21.61
N ALA A 620 -24.05 6.52 -21.08
CA ALA A 620 -22.99 5.65 -21.60
C ALA A 620 -23.13 4.22 -21.08
N VAL A 621 -23.70 4.03 -19.88
CA VAL A 621 -24.04 2.68 -19.44
C VAL A 621 -25.46 2.27 -19.79
N CYS A 622 -26.26 3.19 -20.35
CA CYS A 622 -27.50 2.83 -21.03
C CYS A 622 -27.27 1.98 -22.26
N GLU A 623 -26.21 2.24 -23.01
CA GLU A 623 -25.94 1.44 -24.19
C GLU A 623 -25.76 -0.01 -23.80
N LEU A 624 -25.41 -0.30 -22.55
CA LEU A 624 -25.03 -1.65 -22.20
C LEU A 624 -26.24 -2.55 -22.02
N VAL A 625 -27.26 -2.10 -21.30
CA VAL A 625 -28.35 -2.99 -20.92
C VAL A 625 -29.30 -3.12 -22.09
N PRO A 626 -29.53 -4.33 -22.62
CA PRO A 626 -30.39 -4.44 -23.81
C PRO A 626 -31.81 -3.95 -23.58
N SER A 627 -32.39 -4.15 -22.38
CA SER A 627 -33.81 -3.87 -22.16
C SER A 627 -34.10 -2.38 -22.19
N GLU A 628 -35.06 -1.98 -23.04
CA GLU A 628 -35.32 -0.57 -23.31
C GLU A 628 -36.28 0.05 -22.30
N GLU A 629 -36.94 -0.77 -21.51
CA GLU A 629 -37.66 -0.24 -20.37
C GLU A 629 -36.71 0.12 -19.24
N ARG A 630 -35.72 -0.75 -19.00
CA ARG A 630 -34.78 -0.50 -17.92
C ARG A 630 -34.01 0.79 -18.15
N ARG A 631 -33.54 1.03 -19.38
CA ARG A 631 -32.87 2.30 -19.69
C ARG A 631 -33.71 3.48 -19.22
N GLU A 632 -34.98 3.51 -19.61
CA GLU A 632 -35.92 4.48 -19.06
C GLU A 632 -35.81 4.50 -17.55
N ALA A 633 -35.77 3.34 -16.91
CA ALA A 633 -35.93 3.30 -15.47
C ALA A 633 -34.72 3.93 -14.79
N LEU A 634 -33.54 3.31 -14.96
CA LEU A 634 -32.34 3.81 -14.29
C LEU A 634 -31.97 5.21 -14.76
N LEU A 635 -32.31 5.55 -16.00
CA LEU A 635 -32.05 6.90 -16.46
C LEU A 635 -32.88 7.90 -15.66
N LYS A 636 -34.17 7.61 -15.53
CA LYS A 636 -35.04 8.52 -14.78
C LYS A 636 -34.63 8.56 -13.31
N LEU A 637 -34.25 7.40 -12.75
CA LEU A 637 -33.69 7.36 -11.40
C LEU A 637 -32.55 8.35 -11.26
N MET A 638 -31.55 8.25 -12.14
CA MET A 638 -30.40 9.13 -12.02
C MET A 638 -30.80 10.59 -12.13
N ASP A 639 -31.74 10.92 -13.02
CA ASP A 639 -32.17 12.30 -13.04
C ASP A 639 -32.81 12.70 -11.70
N LEU A 640 -33.53 11.76 -11.04
CA LEU A 640 -34.08 12.09 -9.73
C LEU A 640 -32.96 12.38 -8.74
N TYR A 641 -31.89 11.62 -8.84
CA TYR A 641 -30.79 11.81 -7.93
C TYR A 641 -30.13 13.17 -8.15
N LEU A 642 -29.78 13.50 -9.39
CA LEU A 642 -29.17 14.81 -9.66
C LEU A 642 -30.07 15.93 -9.18
N GLN A 643 -31.39 15.73 -9.18
CA GLN A 643 -32.30 16.75 -8.67
C GLN A 643 -32.24 16.85 -7.16
N MET A 644 -32.01 15.76 -6.45
CA MET A 644 -31.95 15.93 -5.01
C MET A 644 -30.56 16.11 -4.43
N LYS A 645 -29.49 15.91 -5.20
CA LYS A 645 -28.12 15.95 -4.68
C LYS A 645 -27.74 17.34 -4.19
N PRO A 646 -27.85 18.35 -5.06
CA PRO A 646 -27.46 19.68 -4.62
C PRO A 646 -28.14 20.05 -3.35
N VAL A 647 -29.24 19.40 -3.02
CA VAL A 647 -29.98 19.81 -1.85
C VAL A 647 -29.09 19.70 -0.63
N TRP A 648 -28.45 18.56 -0.46
CA TRP A 648 -27.56 18.43 0.68
C TRP A 648 -26.15 18.93 0.41
N ARG A 649 -25.65 18.84 -0.84
CA ARG A 649 -24.24 19.15 -0.98
C ARG A 649 -23.92 20.62 -1.12
N SER A 650 -24.86 21.45 -1.53
CA SER A 650 -24.54 22.87 -1.59
C SER A 650 -24.47 23.41 -0.20
N THR A 651 -23.82 24.56 -0.09
CA THR A 651 -23.53 25.13 1.20
C THR A 651 -24.80 25.58 1.90
N CYS A 652 -25.59 26.45 1.25
CA CYS A 652 -26.86 26.93 1.79
C CYS A 652 -27.90 26.75 0.70
N PRO A 653 -28.56 25.60 0.65
CA PRO A 653 -29.62 25.43 -0.36
C PRO A 653 -30.74 26.45 -0.28
N SER A 654 -30.90 27.16 0.84
CA SER A 654 -31.99 28.12 0.92
C SER A 654 -31.86 29.18 -0.13
N ARG A 655 -30.63 29.48 -0.53
CA ARG A 655 -30.34 30.47 -1.56
C ARG A 655 -30.00 29.83 -2.90
N ASP A 656 -28.93 29.02 -2.95
CA ASP A 656 -28.41 28.54 -4.23
C ASP A 656 -29.41 27.66 -4.96
N CYS A 657 -30.13 26.77 -4.27
CA CYS A 657 -31.01 25.79 -4.93
C CYS A 657 -32.32 25.67 -4.19
N PRO A 658 -33.15 26.72 -4.20
CA PRO A 658 -34.40 26.68 -3.41
C PRO A 658 -35.45 25.74 -3.99
N ASP A 659 -35.61 25.69 -5.32
CA ASP A 659 -36.71 24.94 -5.93
C ASP A 659 -36.49 23.42 -5.84
N GLN A 660 -35.24 22.95 -5.86
CA GLN A 660 -34.95 21.56 -5.54
C GLN A 660 -35.27 21.27 -4.09
N LEU A 661 -34.95 22.21 -3.20
CA LEU A 661 -35.20 21.96 -1.79
C LEU A 661 -36.69 21.80 -1.51
N CYS A 662 -37.52 22.71 -2.04
CA CYS A 662 -38.95 22.62 -1.73
C CYS A 662 -39.57 21.34 -2.30
N GLN A 663 -38.95 20.75 -3.33
CA GLN A 663 -39.47 19.56 -4.00
C GLN A 663 -38.87 18.27 -3.47
N TYR A 664 -38.01 18.35 -2.45
CA TYR A 664 -37.19 17.21 -2.08
C TYR A 664 -38.08 16.03 -1.69
N SER A 665 -39.00 16.23 -0.75
CA SER A 665 -39.77 15.10 -0.26
C SER A 665 -40.51 14.43 -1.39
N TYR A 666 -41.22 15.22 -2.18
CA TYR A 666 -41.94 14.65 -3.31
C TYR A 666 -40.97 13.93 -4.25
N ASN A 667 -39.78 14.51 -4.43
CA ASN A 667 -38.82 13.95 -5.36
C ASN A 667 -38.31 12.58 -4.87
N SER A 668 -37.87 12.51 -3.61
CA SER A 668 -37.49 11.24 -2.99
C SER A 668 -38.63 10.23 -3.02
N GLN A 669 -39.87 10.71 -3.00
CA GLN A 669 -41.02 9.81 -3.06
C GLN A 669 -41.07 9.06 -4.38
N GLN A 670 -41.05 9.79 -5.50
CA GLN A 670 -40.94 9.09 -6.80
C GLN A 670 -39.73 8.19 -6.85
N PHE A 671 -38.63 8.59 -6.19
CA PHE A 671 -37.46 7.71 -6.14
C PHE A 671 -37.79 6.39 -5.45
N ALA A 672 -38.20 6.45 -4.18
CA ALA A 672 -38.39 5.22 -3.41
C ALA A 672 -39.43 4.35 -4.07
N ASP A 673 -40.53 4.95 -4.48
CA ASP A 673 -41.53 4.21 -5.23
C ASP A 673 -40.90 3.53 -6.44
N LEU A 674 -39.93 4.19 -7.09
CA LEU A 674 -39.32 3.62 -8.27
C LEU A 674 -38.44 2.42 -7.91
N LEU A 675 -37.69 2.50 -6.82
CA LEU A 675 -36.92 1.37 -6.31
C LEU A 675 -37.83 0.21 -5.93
N SER A 676 -38.73 0.44 -4.98
CA SER A 676 -39.61 -0.59 -4.48
C SER A 676 -40.48 -1.17 -5.58
N SER A 677 -40.72 -0.43 -6.66
CA SER A 677 -41.45 -1.02 -7.79
C SER A 677 -40.49 -1.85 -8.65
N MET A 678 -39.58 -1.17 -9.34
CA MET A 678 -38.87 -1.83 -10.43
C MET A 678 -37.65 -2.62 -9.94
N PHE A 679 -36.94 -2.09 -8.98
CA PHE A 679 -35.69 -2.68 -8.54
C PHE A 679 -35.87 -3.58 -7.34
N LYS A 680 -37.12 -3.84 -6.94
CA LYS A 680 -37.38 -4.36 -5.60
C LYS A 680 -36.49 -5.54 -5.27
N TYR A 681 -36.18 -6.39 -6.26
CA TYR A 681 -35.42 -7.60 -5.98
C TYR A 681 -34.16 -7.31 -5.18
N ARG A 682 -33.53 -6.18 -5.42
CA ARG A 682 -32.34 -5.80 -4.69
C ARG A 682 -32.68 -5.15 -3.36
N TYR A 683 -33.81 -4.46 -3.25
CA TYR A 683 -34.10 -3.67 -2.04
C TYR A 683 -35.05 -4.32 -1.05
N ASP A 684 -35.52 -5.53 -1.31
CA ASP A 684 -36.62 -6.07 -0.50
C ASP A 684 -36.35 -5.98 1.00
N GLY A 685 -35.35 -6.70 1.52
CA GLY A 685 -35.08 -6.69 2.94
C GLY A 685 -33.83 -5.97 3.35
N LYS A 686 -33.16 -5.29 2.42
CA LYS A 686 -31.85 -4.69 2.64
C LYS A 686 -31.76 -3.36 1.89
N ILE A 687 -31.30 -2.32 2.59
CA ILE A 687 -31.06 -1.00 2.02
C ILE A 687 -29.80 -0.47 2.67
N THR A 688 -28.94 0.15 1.88
CA THR A 688 -27.73 0.70 2.45
C THR A 688 -28.13 1.75 3.47
N ASN A 689 -27.25 1.99 4.45
CA ASN A 689 -27.48 3.02 5.45
C ASN A 689 -27.76 4.35 4.80
N TYR A 690 -27.08 4.63 3.71
CA TYR A 690 -27.04 5.99 3.20
C TYR A 690 -28.27 6.33 2.36
N LEU A 691 -28.66 5.47 1.43
CA LEU A 691 -29.93 5.59 0.76
C LEU A 691 -31.04 5.89 1.76
N HIS A 692 -31.09 5.15 2.86
CA HIS A 692 -32.10 5.45 3.86
C HIS A 692 -31.91 6.85 4.43
N LYS A 693 -30.70 7.14 4.91
CA LYS A 693 -30.49 8.43 5.53
C LYS A 693 -30.87 9.53 4.58
N THR A 694 -30.48 9.39 3.32
CA THR A 694 -30.63 10.46 2.35
C THR A 694 -32.03 10.56 1.78
N LEU A 695 -32.81 9.49 1.79
CA LEU A 695 -34.20 9.50 1.38
C LEU A 695 -35.13 9.76 2.53
N ALA A 696 -34.60 9.90 3.74
CA ALA A 696 -35.49 10.09 4.87
C ALA A 696 -35.19 11.40 5.58
N HIS A 697 -34.02 11.56 6.18
CA HIS A 697 -33.98 12.64 7.17
C HIS A 697 -33.46 13.97 6.64
N VAL A 698 -33.16 14.13 5.35
CA VAL A 698 -32.58 15.39 4.89
C VAL A 698 -33.49 16.60 4.96
N PRO A 699 -34.74 16.55 4.49
CA PRO A 699 -35.59 17.73 4.69
C PRO A 699 -35.63 18.15 6.12
N GLU A 700 -35.67 17.19 7.05
CA GLU A 700 -35.67 17.55 8.45
C GLU A 700 -34.36 18.24 8.85
N ILE A 701 -33.24 17.80 8.28
CA ILE A 701 -31.97 18.39 8.69
C ILE A 701 -31.87 19.82 8.18
N VAL A 702 -32.06 20.04 6.87
CA VAL A 702 -31.90 21.39 6.37
C VAL A 702 -32.95 22.33 6.93
N GLU A 703 -34.08 21.81 7.35
CA GLU A 703 -34.97 22.64 8.14
C GLU A 703 -34.33 22.98 9.49
N ARG A 704 -33.62 22.04 10.12
CA ARG A 704 -33.09 22.34 11.45
C ARG A 704 -31.85 23.22 11.36
N ASP A 705 -30.95 22.93 10.42
CA ASP A 705 -29.72 23.71 10.18
C ASP A 705 -29.88 24.69 9.03
N GLY A 706 -30.22 24.17 7.87
CA GLY A 706 -30.24 24.95 6.64
C GLY A 706 -29.09 24.62 5.75
N SER A 707 -28.22 23.74 6.19
CA SER A 707 -27.03 23.50 5.41
C SER A 707 -26.63 22.08 5.67
N ILE A 708 -26.00 21.46 4.70
CA ILE A 708 -25.46 20.17 5.01
C ILE A 708 -24.03 20.19 4.57
N GLY A 709 -23.82 20.40 3.28
CA GLY A 709 -22.50 20.35 2.75
C GLY A 709 -21.52 21.23 3.50
N ALA A 710 -22.00 22.34 4.05
CA ALA A 710 -21.05 23.20 4.75
C ALA A 710 -20.52 22.51 5.98
N TRP A 711 -21.30 21.62 6.56
CA TRP A 711 -20.89 20.84 7.70
C TRP A 711 -20.24 19.53 7.31
N ALA A 712 -19.91 19.34 6.04
CA ALA A 712 -19.38 18.06 5.60
C ALA A 712 -18.02 17.79 6.19
N SER A 713 -17.65 16.51 6.10
CA SER A 713 -16.35 16.02 6.55
C SER A 713 -15.16 16.57 5.80
N GLU A 714 -15.35 17.20 4.67
CA GLU A 714 -14.20 17.53 3.79
C GLU A 714 -13.09 18.17 4.58
N GLY A 715 -13.39 19.25 5.30
CA GLY A 715 -12.31 20.07 5.84
C GLY A 715 -11.44 19.32 6.81
N ASN A 716 -12.05 18.39 7.53
CA ASN A 716 -11.23 17.50 8.32
C ASN A 716 -10.56 16.54 7.36
N GLU A 717 -11.38 15.76 6.66
CA GLU A 717 -10.86 14.76 5.79
C GLU A 717 -9.78 15.25 4.82
N SER A 718 -10.12 16.19 3.98
CA SER A 718 -9.13 16.78 3.07
C SER A 718 -7.86 17.24 3.81
N GLY A 719 -8.02 17.69 5.14
CA GLY A 719 -6.73 18.06 5.69
C GLY A 719 -5.70 16.99 5.92
N ASN A 720 -6.14 15.74 5.86
CA ASN A 720 -5.19 14.67 6.07
C ASN A 720 -4.06 14.78 5.07
N LYS A 721 -4.37 15.22 3.85
CA LYS A 721 -3.32 15.35 2.85
C LYS A 721 -2.20 16.22 3.38
N LEU A 722 -2.53 17.38 3.93
CA LEU A 722 -1.51 18.19 4.59
C LEU A 722 -0.72 17.40 5.62
N PHE A 723 -1.42 16.71 6.52
CA PHE A 723 -0.71 15.92 7.53
C PHE A 723 0.37 15.06 6.89
N ARG A 724 0.05 14.39 5.79
CA ARG A 724 1.07 13.56 5.18
C ARG A 724 2.23 14.41 4.70
N ARG A 725 1.95 15.47 3.96
CA ARG A 725 3.11 16.29 3.63
C ARG A 725 3.75 16.97 4.83
N PHE A 726 3.12 16.99 5.99
CA PHE A 726 3.84 17.53 7.13
C PHE A 726 4.53 16.48 7.96
N ARG A 727 4.28 15.21 7.70
CA ARG A 727 5.06 14.21 8.39
C ARG A 727 6.30 13.88 7.62
N LYS A 728 6.41 14.38 6.40
CA LYS A 728 7.58 14.13 5.61
C LYS A 728 8.47 15.35 5.54
N MET A 729 7.97 16.46 5.05
CA MET A 729 8.89 17.55 4.80
C MET A 729 9.19 18.38 6.04
N ASN A 730 8.21 18.71 6.86
CA ASN A 730 8.45 19.59 7.99
C ASN A 730 8.52 18.87 9.34
N ALA A 731 8.55 17.54 9.33
CA ALA A 731 8.76 16.77 10.54
C ALA A 731 10.18 16.93 11.06
N ARG A 732 10.36 16.49 12.30
CA ARG A 732 11.61 16.66 13.03
C ARG A 732 12.89 15.95 12.56
N GLN A 733 12.96 14.62 12.33
CA GLN A 733 11.93 13.60 12.55
C GLN A 733 12.33 12.38 13.39
N SER A 734 11.74 12.36 14.57
CA SER A 734 11.90 11.27 15.50
C SER A 734 10.61 11.19 16.27
N LYS A 735 10.35 9.98 16.77
CA LYS A 735 9.07 9.69 17.37
C LYS A 735 8.71 10.75 18.40
N THR A 736 9.67 11.11 19.26
CA THR A 736 9.38 12.02 20.36
C THR A 736 8.92 13.38 19.84
N PHE A 737 9.74 14.01 19.02
CA PHE A 737 9.45 15.41 18.80
C PHE A 737 8.33 15.57 17.80
N GLU A 738 8.16 14.59 16.91
CA GLU A 738 7.72 14.94 15.56
C GLU A 738 6.25 15.38 15.53
N LEU A 739 5.37 14.77 16.33
CA LEU A 739 3.99 15.25 16.35
C LEU A 739 3.91 16.70 16.76
N GLU A 740 4.76 17.09 17.71
CA GLU A 740 4.73 18.47 18.14
C GLU A 740 4.93 19.39 16.95
N ASP A 741 5.79 18.97 16.03
CA ASP A 741 6.18 19.84 14.95
C ASP A 741 5.18 19.82 13.82
N ILE A 742 4.64 18.65 13.46
CA ILE A 742 3.52 18.65 12.53
C ILE A 742 2.41 19.53 13.04
N LEU A 743 2.16 19.48 14.33
CA LEU A 743 0.99 20.18 14.84
C LEU A 743 1.19 21.68 14.78
N LYS A 744 2.31 22.15 15.36
CA LYS A 744 2.59 23.57 15.28
C LYS A 744 2.48 24.05 13.85
N HIS A 745 3.20 23.39 12.96
CA HIS A 745 3.26 23.84 11.59
C HIS A 745 1.90 23.78 10.92
N HIS A 746 1.08 22.81 11.28
CA HIS A 746 -0.29 22.83 10.80
C HIS A 746 -0.97 24.11 11.25
N TRP A 747 -1.00 24.35 12.55
CA TRP A 747 -1.70 25.50 13.09
C TRP A 747 -1.35 26.75 12.32
N LEU A 748 -0.06 26.93 12.01
CA LEU A 748 0.29 28.09 11.21
C LEU A 748 -0.27 27.98 9.82
N TYR A 749 -0.32 26.79 9.27
CA TYR A 749 -0.79 26.77 7.90
C TYR A 749 -2.19 27.30 7.85
N THR A 750 -2.94 27.03 8.87
CA THR A 750 -4.34 27.27 8.76
C THR A 750 -4.76 28.59 9.34
N SER A 751 -3.84 29.39 9.84
CA SER A 751 -4.21 30.67 10.42
C SER A 751 -4.55 31.68 9.33
N LYS A 752 -5.51 32.57 9.61
CA LYS A 752 -5.93 33.58 8.63
C LYS A 752 -4.86 34.63 8.45
N TYR A 753 -4.36 35.17 9.56
CA TYR A 753 -3.42 36.28 9.51
C TYR A 753 -2.39 36.06 8.42
N LEU A 754 -1.91 34.83 8.29
CA LEU A 754 -0.95 34.55 7.23
C LEU A 754 -1.65 34.58 5.89
N GLN A 755 -2.78 33.91 5.79
CA GLN A 755 -3.34 33.85 4.48
C GLN A 755 -3.75 35.22 3.96
N LYS A 756 -4.00 36.22 4.82
CA LYS A 756 -4.40 37.51 4.26
C LYS A 756 -3.35 38.04 3.30
N PHE A 757 -2.09 37.67 3.53
CA PHE A 757 -0.99 38.18 2.75
C PHE A 757 -0.92 37.57 1.38
N MET A 758 -1.77 36.61 1.06
CA MET A 758 -1.70 35.95 -0.24
C MET A 758 -2.10 36.89 -1.37
N GLU A 759 -3.26 37.53 -1.25
CA GLU A 759 -3.72 38.39 -2.34
C GLU A 759 -2.88 39.65 -2.39
N ALA A 760 -2.41 40.13 -1.23
CA ALA A 760 -1.64 41.39 -1.11
C ALA A 760 -2.39 42.55 -1.72
N HIS A 761 -3.71 42.53 -1.48
CA HIS A 761 -4.70 43.42 -2.06
C HIS A 761 -4.57 43.49 -3.59
N LYS A 762 -4.57 42.28 -4.16
CA LYS A 762 -4.44 41.85 -5.58
C LYS A 762 -2.98 41.88 -6.06
N MET B 4 5.68 -29.43 37.50
CA MET B 4 5.71 -28.09 36.88
C MET B 4 5.93 -28.08 35.37
N SER B 5 5.04 -27.46 34.61
CA SER B 5 5.27 -27.44 33.17
C SER B 5 4.46 -26.34 32.51
N LEU B 6 4.84 -26.01 31.26
CA LEU B 6 4.19 -25.00 30.43
C LEU B 6 4.25 -25.43 28.96
N GLN B 7 3.19 -25.13 28.19
CA GLN B 7 3.18 -25.54 26.81
C GLN B 7 2.47 -24.48 25.99
N PRO B 8 2.91 -24.29 24.75
CA PRO B 8 2.39 -23.19 23.93
C PRO B 8 0.94 -23.45 23.53
N LEU B 9 0.21 -22.35 23.37
CA LEU B 9 -1.20 -22.38 22.98
C LEU B 9 -1.41 -21.51 21.76
N THR B 10 -2.06 -22.07 20.76
CA THR B 10 -2.52 -21.29 19.63
C THR B 10 -3.91 -20.73 19.96
N ALA B 11 -4.10 -19.44 19.73
CA ALA B 11 -5.34 -18.78 20.11
C ALA B 11 -6.46 -19.01 19.11
N VAL B 12 -6.19 -19.81 18.08
CA VAL B 12 -7.17 -20.18 17.05
C VAL B 12 -7.82 -18.96 16.41
N ASN B 13 -9.15 -18.86 16.48
CA ASN B 13 -9.77 -17.69 15.89
C ASN B 13 -10.01 -16.78 17.08
N CYS B 14 -10.18 -15.50 16.76
CA CYS B 14 -10.63 -14.53 17.72
C CYS B 14 -9.71 -14.54 18.95
N GLY B 15 -8.49 -14.05 18.70
CA GLY B 15 -7.59 -13.56 19.72
C GLY B 15 -7.56 -12.06 19.90
N SER B 16 -8.42 -11.32 19.21
CA SER B 16 -8.52 -9.87 19.38
C SER B 16 -9.31 -9.45 20.61
N LEU B 17 -9.82 -10.41 21.38
CA LEU B 17 -10.67 -10.13 22.53
C LEU B 17 -9.90 -9.78 23.77
N VAL B 18 -8.66 -10.22 23.87
CA VAL B 18 -7.94 -10.15 25.13
C VAL B 18 -7.21 -8.83 25.24
N GLN B 19 -7.27 -8.21 26.41
CA GLN B 19 -6.58 -6.96 26.64
C GLN B 19 -5.68 -7.14 27.85
N PRO B 20 -4.72 -6.23 28.06
CA PRO B 20 -3.63 -6.49 29.03
C PRO B 20 -4.08 -6.75 30.45
N GLY B 21 -4.99 -5.99 31.04
CA GLY B 21 -5.67 -6.46 32.21
C GLY B 21 -6.84 -7.30 31.74
N PHE B 22 -7.12 -8.40 32.42
CA PHE B 22 -8.42 -9.03 32.23
C PHE B 22 -8.61 -10.01 33.37
N SER B 23 -9.78 -10.66 33.38
CA SER B 23 -10.11 -11.49 34.53
C SER B 23 -10.67 -12.84 34.10
N LEU B 24 -10.21 -13.90 34.75
CA LEU B 24 -10.70 -15.25 34.52
C LEU B 24 -11.56 -15.67 35.71
N LEU B 25 -12.78 -16.08 35.43
CA LEU B 25 -13.72 -16.54 36.45
C LEU B 25 -13.86 -18.04 36.39
N ASP B 26 -13.35 -18.70 37.40
CA ASP B 26 -13.41 -20.14 37.50
C ASP B 26 -14.55 -20.50 38.41
N LEU B 27 -15.61 -21.04 37.85
CA LEU B 27 -16.69 -21.51 38.69
C LEU B 27 -17.28 -22.73 38.01
N GLU B 28 -17.60 -23.72 38.85
CA GLU B 28 -18.26 -24.93 38.40
C GLU B 28 -17.56 -25.45 37.17
N GLY B 29 -16.36 -25.98 37.37
CA GLY B 29 -15.61 -26.42 36.23
C GLY B 29 -15.30 -25.21 35.40
N ASP B 30 -15.83 -25.18 34.18
CA ASP B 30 -15.31 -24.29 33.16
C ASP B 30 -15.22 -22.87 33.68
N VAL B 31 -14.21 -22.21 33.21
CA VAL B 31 -13.84 -20.85 33.55
C VAL B 31 -14.17 -19.97 32.36
N TYR B 32 -14.55 -18.75 32.67
CA TYR B 32 -15.00 -17.76 31.72
C TYR B 32 -14.11 -16.52 31.81
N LEU B 33 -13.46 -16.22 30.69
CA LEU B 33 -12.85 -14.93 30.44
C LEU B 33 -13.87 -13.85 30.58
N PHE B 34 -13.37 -12.69 30.94
CA PHE B 34 -14.13 -11.50 31.23
C PHE B 34 -13.30 -10.26 30.96
N GLY B 35 -13.97 -9.19 30.52
CA GLY B 35 -13.25 -7.96 30.20
C GLY B 35 -12.67 -7.92 28.81
N GLN B 36 -13.52 -8.22 27.85
CA GLN B 36 -13.18 -8.12 26.44
C GLN B 36 -12.65 -6.72 26.12
N LYS B 37 -11.78 -6.65 25.11
CA LYS B 37 -11.30 -5.37 24.62
C LYS B 37 -12.44 -4.51 24.08
N GLY B 38 -12.47 -3.23 24.43
CA GLY B 38 -13.47 -2.34 23.84
C GLY B 38 -14.89 -2.68 24.28
N TRP B 39 -15.88 -2.15 23.50
CA TRP B 39 -17.27 -2.42 23.88
C TRP B 39 -17.72 -3.75 23.29
N PRO B 40 -18.68 -4.41 23.92
CA PRO B 40 -19.09 -5.73 23.42
C PRO B 40 -19.68 -5.63 22.00
N LYS B 41 -19.25 -6.55 21.13
CA LYS B 41 -19.72 -6.64 19.75
C LYS B 41 -20.83 -7.65 19.65
N ARG B 42 -21.79 -7.40 18.75
CA ARG B 42 -23.02 -8.17 18.82
C ARG B 42 -22.79 -9.61 18.35
N SER B 43 -21.57 -9.97 17.92
CA SER B 43 -21.16 -11.38 17.91
C SER B 43 -21.42 -12.02 19.27
N CYS B 44 -21.02 -11.36 20.36
CA CYS B 44 -21.33 -11.77 21.73
C CYS B 44 -21.65 -10.59 22.62
N PRO B 45 -22.90 -10.17 22.67
CA PRO B 45 -23.22 -8.93 23.39
C PRO B 45 -23.12 -9.09 24.86
N THR B 46 -23.09 -10.33 25.34
CA THR B 46 -23.06 -10.55 26.77
C THR B 46 -21.81 -9.92 27.38
N GLY B 47 -20.65 -10.23 26.79
CA GLY B 47 -19.34 -9.71 27.16
C GLY B 47 -18.45 -10.75 27.76
N ILE B 48 -19.01 -11.89 28.14
CA ILE B 48 -18.32 -12.94 28.88
C ILE B 48 -18.12 -14.13 27.96
N PHE B 49 -16.98 -14.81 28.13
CA PHE B 49 -16.71 -15.96 27.26
C PHE B 49 -16.31 -17.17 28.07
N GLY B 50 -16.94 -18.30 27.77
CA GLY B 50 -16.39 -19.55 28.24
C GLY B 50 -15.11 -19.82 27.48
N VAL B 51 -14.12 -20.31 28.19
CA VAL B 51 -12.89 -20.66 27.54
C VAL B 51 -12.65 -22.14 27.76
N ARG B 52 -12.27 -22.82 26.68
CA ARG B 52 -11.94 -24.24 26.66
C ARG B 52 -10.59 -24.40 25.97
N ILE B 53 -9.72 -25.20 26.60
CA ILE B 53 -8.38 -25.46 26.09
C ILE B 53 -8.27 -26.94 25.80
N LYS B 54 -8.17 -27.25 24.51
CA LYS B 54 -8.15 -28.62 24.01
C LYS B 54 -7.07 -28.79 22.96
N LYS B 55 -6.15 -29.71 23.22
CA LYS B 55 -5.06 -30.08 22.31
C LYS B 55 -4.31 -28.85 21.82
N GLY B 56 -3.99 -27.95 22.76
CA GLY B 56 -3.24 -26.74 22.51
C GLY B 56 -4.08 -25.59 22.01
N GLU B 57 -5.28 -25.85 21.49
CA GLU B 57 -6.14 -24.80 20.99
C GLU B 57 -6.87 -24.15 22.16
N LEU B 58 -6.97 -22.83 22.08
CA LEU B 58 -7.71 -22.05 23.05
C LEU B 58 -8.93 -21.48 22.35
N LYS B 59 -10.09 -22.00 22.68
CA LYS B 59 -11.33 -21.64 22.02
C LYS B 59 -12.17 -20.82 23.00
N LEU B 60 -12.72 -19.70 22.52
CA LEU B 60 -13.60 -18.82 23.28
C LEU B 60 -15.02 -18.93 22.78
N ARG B 61 -15.94 -19.14 23.70
CA ARG B 61 -17.33 -19.35 23.38
C ARG B 61 -18.16 -18.21 23.96
N ALA B 62 -19.27 -17.94 23.32
CA ALA B 62 -20.09 -16.79 23.66
C ALA B 62 -21.07 -17.23 24.74
N ILE B 63 -20.92 -16.70 25.95
CA ILE B 63 -21.90 -16.99 26.98
C ILE B 63 -23.17 -16.21 26.68
N SER B 64 -24.30 -16.64 27.27
CA SER B 64 -25.54 -15.87 27.21
C SER B 64 -26.12 -15.74 28.60
N PHE B 65 -26.30 -14.51 29.04
CA PHE B 65 -26.95 -14.19 30.30
C PHE B 65 -28.40 -14.65 30.35
N SER B 66 -28.91 -14.81 31.57
CA SER B 66 -30.32 -15.06 31.83
C SER B 66 -31.12 -13.77 31.78
N ASN B 67 -32.42 -13.89 31.51
CA ASN B 67 -33.23 -12.69 31.45
C ASN B 67 -33.24 -11.95 32.78
N ASN B 68 -32.97 -12.65 33.87
CA ASN B 68 -33.02 -12.01 35.19
C ASN B 68 -31.92 -10.98 35.36
N SER B 69 -30.89 -11.01 34.51
CA SER B 69 -29.62 -10.38 34.81
C SER B 69 -29.54 -8.97 34.24
N SER B 70 -28.76 -8.13 34.92
CA SER B 70 -28.18 -6.95 34.32
C SER B 70 -26.98 -7.33 33.50
N TYR B 71 -26.71 -6.51 32.49
CA TYR B 71 -25.58 -6.70 31.59
C TYR B 71 -24.41 -5.86 32.03
N LEU B 72 -23.21 -6.39 31.81
CA LEU B 72 -22.05 -5.81 32.43
C LEU B 72 -21.10 -5.25 31.37
N PRO B 73 -20.47 -4.13 31.65
CA PRO B 73 -19.52 -3.58 30.74
C PRO B 73 -18.19 -4.29 30.89
N PRO B 74 -17.42 -4.33 29.89
CA PRO B 74 -16.17 -5.10 30.02
C PRO B 74 -15.13 -4.42 30.93
N LEU B 75 -15.24 -4.51 32.26
CA LEU B 75 -14.25 -3.87 33.15
C LEU B 75 -12.86 -4.44 32.95
N ARG B 76 -11.86 -3.62 33.16
CA ARG B 76 -10.52 -4.09 32.85
C ARG B 76 -9.96 -4.81 34.06
N CYS B 77 -9.68 -4.06 35.12
CA CYS B 77 -8.89 -4.56 36.25
C CYS B 77 -9.69 -4.42 37.54
N PRO B 78 -10.68 -5.22 37.71
CA PRO B 78 -11.52 -5.12 38.91
C PRO B 78 -10.95 -5.97 40.02
N ALA B 79 -11.62 -5.92 41.19
CA ALA B 79 -11.38 -6.81 42.31
C ALA B 79 -12.38 -7.94 42.24
N ILE B 80 -11.88 -9.13 41.98
CA ILE B 80 -12.69 -10.34 41.97
C ILE B 80 -12.51 -10.99 43.33
N ALA B 81 -13.62 -11.37 43.93
CA ALA B 81 -13.58 -12.22 45.11
C ALA B 81 -14.52 -13.36 44.81
N HIS B 82 -13.97 -14.55 44.77
CA HIS B 82 -14.78 -15.72 44.62
C HIS B 82 -15.38 -16.10 45.96
N PHE B 83 -16.69 -16.15 46.03
CA PHE B 83 -17.42 -16.65 47.17
C PHE B 83 -17.95 -18.04 46.83
N GLU B 84 -17.59 -19.00 47.68
CA GLU B 84 -17.80 -20.41 47.42
C GLU B 84 -19.28 -20.75 47.68
N ALA B 85 -19.60 -22.04 47.64
CA ALA B 85 -20.97 -22.50 47.73
C ALA B 85 -21.43 -22.59 49.19
N GLN B 86 -22.49 -21.86 49.51
CA GLN B 86 -23.27 -22.16 50.71
C GLN B 86 -24.60 -21.43 50.56
N ASP B 87 -25.47 -21.64 51.54
CA ASP B 87 -26.73 -20.92 51.58
C ASP B 87 -26.39 -19.43 51.53
N GLY B 88 -27.22 -18.60 50.88
CA GLY B 88 -28.41 -19.05 50.17
C GLY B 88 -28.19 -19.64 48.81
N LYS B 89 -27.47 -18.91 47.95
CA LYS B 89 -27.44 -19.17 46.52
C LYS B 89 -26.01 -19.15 46.03
N PRO B 90 -25.36 -20.29 46.04
CA PRO B 90 -24.02 -20.45 45.50
C PRO B 90 -24.03 -20.43 43.97
N GLU B 91 -22.86 -20.23 43.39
CA GLU B 91 -21.73 -19.71 44.13
C GLU B 91 -21.37 -18.47 43.36
N CYS B 92 -20.85 -17.48 44.06
CA CYS B 92 -20.84 -16.12 43.56
C CYS B 92 -19.43 -15.63 43.24
N TYR B 93 -19.34 -14.79 42.22
CA TYR B 93 -18.15 -14.02 41.90
C TYR B 93 -18.49 -12.55 42.04
N LEU B 94 -17.87 -11.89 43.02
CA LEU B 94 -18.13 -10.48 43.32
C LEU B 94 -17.11 -9.66 42.57
N ILE B 95 -17.60 -8.86 41.62
CA ILE B 95 -16.77 -8.12 40.69
C ILE B 95 -16.97 -6.66 40.99
N HIS B 96 -15.94 -6.02 41.52
CA HIS B 96 -16.06 -4.61 41.74
C HIS B 96 -14.73 -3.92 41.81
N GLY B 97 -14.65 -2.70 41.31
CA GLY B 97 -15.57 -2.27 40.30
C GLY B 97 -14.87 -2.14 38.96
N GLY B 98 -13.55 -2.28 38.92
CA GLY B 98 -12.77 -2.15 37.66
C GLY B 98 -12.90 -0.79 36.93
N ARG B 99 -12.53 -0.77 35.64
CA ARG B 99 -12.83 0.42 34.82
C ARG B 99 -13.25 0.08 33.40
N THR B 100 -14.32 0.72 32.97
CA THR B 100 -15.05 0.39 31.78
C THR B 100 -14.22 0.70 30.55
N PRO B 101 -14.69 0.29 29.30
CA PRO B 101 -13.99 0.66 28.06
C PRO B 101 -14.05 2.11 27.71
N ASN B 102 -14.99 2.84 28.26
CA ASN B 102 -14.67 4.22 28.44
C ASN B 102 -13.92 4.36 29.72
N ASN B 103 -13.42 5.55 29.95
CA ASN B 103 -12.53 5.71 31.04
C ASN B 103 -13.34 6.31 32.16
N GLU B 104 -13.79 5.44 33.03
CA GLU B 104 -14.39 5.84 34.28
C GLU B 104 -14.36 4.58 35.09
N LEU B 105 -14.59 4.74 36.38
CA LEU B 105 -14.52 3.63 37.31
C LEU B 105 -15.92 3.33 37.80
N SER B 106 -16.30 2.06 37.71
CA SER B 106 -17.71 1.72 37.88
C SER B 106 -18.20 2.03 39.29
N SER B 107 -17.44 1.64 40.33
CA SER B 107 -17.81 1.79 41.75
C SER B 107 -19.15 1.15 42.09
N SER B 108 -19.55 0.13 41.32
CA SER B 108 -20.79 -0.59 41.57
C SER B 108 -20.48 -2.07 41.62
N LEU B 109 -20.89 -2.73 42.70
CA LEU B 109 -20.57 -4.14 42.84
C LEU B 109 -21.56 -4.98 42.05
N TYR B 110 -21.03 -5.95 41.29
CA TYR B 110 -21.86 -6.94 40.61
C TYR B 110 -21.64 -8.32 41.23
N MET B 111 -22.70 -9.12 41.28
CA MET B 111 -22.63 -10.50 41.72
C MET B 111 -22.98 -11.39 40.54
N LEU B 112 -22.04 -12.23 40.15
CA LEU B 112 -22.17 -13.05 38.95
C LEU B 112 -22.25 -14.51 39.35
N SER B 113 -23.28 -15.19 38.83
CA SER B 113 -23.57 -16.56 39.20
C SER B 113 -24.02 -17.36 37.98
N VAL B 114 -23.92 -18.66 38.14
CA VAL B 114 -24.36 -19.63 37.15
C VAL B 114 -25.87 -19.78 37.25
N ASP B 115 -26.49 -20.20 36.16
CA ASP B 115 -27.92 -20.37 36.19
C ASP B 115 -28.38 -21.73 35.67
N SER B 116 -28.24 -22.00 34.36
CA SER B 116 -28.89 -23.15 33.75
C SER B 116 -27.98 -23.83 32.72
N ARG B 117 -28.19 -25.12 32.56
CA ARG B 117 -27.38 -25.93 31.65
C ARG B 117 -28.11 -27.24 31.26
N GLY B 118 -27.68 -27.87 30.17
CA GLY B 118 -26.93 -27.16 29.14
C GLY B 118 -27.82 -26.20 28.34
N CYS B 119 -28.77 -26.71 27.55
CA CYS B 119 -28.98 -28.12 27.26
C CYS B 119 -27.75 -28.85 26.73
N ASN B 120 -27.23 -28.43 25.59
CA ASN B 120 -26.01 -29.01 25.04
C ASN B 120 -24.88 -28.06 25.41
N ARG B 121 -24.06 -28.47 26.40
CA ARG B 121 -22.83 -27.77 26.81
C ARG B 121 -23.01 -26.26 26.88
N LYS B 122 -24.15 -25.83 27.37
CA LYS B 122 -24.48 -24.42 27.36
C LYS B 122 -24.74 -24.01 28.81
N VAL B 123 -24.27 -22.82 29.16
CA VAL B 123 -24.41 -22.31 30.52
C VAL B 123 -24.90 -20.90 30.38
N THR B 124 -26.06 -20.65 30.92
CA THR B 124 -26.56 -19.31 31.10
C THR B 124 -26.11 -18.81 32.47
N LEU B 125 -25.86 -17.51 32.56
CA LEU B 125 -25.42 -16.85 33.79
C LEU B 125 -26.36 -15.71 34.12
N ARG B 126 -26.30 -15.26 35.37
CA ARG B 126 -27.05 -14.09 35.80
C ARG B 126 -26.16 -13.17 36.61
N CYS B 127 -26.24 -11.88 36.27
CA CYS B 127 -25.54 -10.80 36.94
C CYS B 127 -26.56 -9.97 37.70
N GLU B 128 -26.38 -9.88 39.00
CA GLU B 128 -27.18 -9.03 39.85
C GLU B 128 -26.28 -7.96 40.44
N GLU B 129 -26.41 -6.75 39.93
CA GLU B 129 -25.84 -5.60 40.60
C GLU B 129 -26.54 -5.44 41.94
N LYS B 130 -25.80 -4.97 42.93
CA LYS B 130 -26.40 -4.68 44.22
C LYS B 130 -26.19 -3.22 44.56
N GLU B 131 -27.28 -2.57 44.97
CA GLU B 131 -27.21 -1.23 45.54
C GLU B 131 -26.37 -1.24 46.83
N LEU B 132 -25.65 -0.14 47.05
CA LEU B 132 -24.79 0.04 48.21
C LEU B 132 -25.07 1.39 48.85
N VAL B 133 -25.49 1.37 50.12
CA VAL B 133 -25.75 2.58 50.90
C VAL B 133 -24.62 2.75 51.90
N GLY B 134 -24.32 4.00 52.22
CA GLY B 134 -23.14 4.31 53.00
C GLY B 134 -22.74 5.79 52.98
N ASP B 135 -21.45 6.12 53.12
CA ASP B 135 -20.32 5.20 53.20
C ASP B 135 -20.22 4.22 51.99
N VAL B 136 -20.32 4.77 50.79
CA VAL B 136 -20.11 3.99 49.58
C VAL B 136 -18.60 3.85 49.40
N PRO B 137 -18.13 2.79 48.76
CA PRO B 137 -16.71 2.73 48.39
C PRO B 137 -16.46 3.71 47.29
N SER B 138 -15.34 4.42 47.40
CA SER B 138 -14.93 5.26 46.32
C SER B 138 -14.62 4.39 45.11
N ALA B 139 -14.99 4.89 43.92
CA ALA B 139 -14.70 4.24 42.66
C ALA B 139 -13.20 4.07 42.51
N ARG B 140 -12.75 2.84 42.30
CA ARG B 140 -11.34 2.56 42.35
C ARG B 140 -11.10 1.33 41.50
N TYR B 141 -9.84 1.05 41.19
CA TYR B 141 -9.52 -0.14 40.41
C TYR B 141 -8.18 -0.72 40.86
N GLY B 142 -7.98 -1.99 40.55
CA GLY B 142 -6.83 -2.73 41.05
C GLY B 142 -6.83 -2.97 42.55
N HIS B 143 -7.83 -2.51 43.27
CA HIS B 143 -8.02 -2.95 44.63
C HIS B 143 -8.42 -4.40 44.62
N THR B 144 -8.41 -5.00 45.81
CA THR B 144 -8.85 -6.36 45.97
C THR B 144 -9.95 -6.51 47.02
N LEU B 145 -10.72 -7.58 46.85
CA LEU B 145 -11.90 -7.91 47.63
C LEU B 145 -11.83 -9.37 48.01
N SER B 146 -12.31 -9.69 49.23
CA SER B 146 -12.21 -11.03 49.81
C SER B 146 -13.40 -11.33 50.72
N VAL B 147 -13.61 -12.62 50.92
CA VAL B 147 -14.79 -13.18 51.58
C VAL B 147 -14.37 -13.76 52.92
N ILE B 148 -15.03 -13.35 53.99
CA ILE B 148 -14.67 -13.79 55.33
C ILE B 148 -15.94 -14.21 56.04
N ASN B 149 -15.79 -15.14 56.99
CA ASN B 149 -16.90 -15.67 57.76
C ASN B 149 -16.52 -15.69 59.22
N SER B 150 -17.20 -14.88 60.00
CA SER B 150 -17.06 -14.86 61.45
C SER B 150 -18.40 -15.25 62.04
N ARG B 151 -18.45 -16.46 62.60
CA ARG B 151 -19.45 -16.84 63.58
C ARG B 151 -20.90 -16.37 63.32
N GLY B 152 -21.54 -16.89 62.28
CA GLY B 152 -20.87 -17.58 61.18
C GLY B 152 -21.06 -16.65 60.01
N LYS B 153 -21.50 -15.45 60.35
CA LYS B 153 -21.92 -14.47 59.36
C LYS B 153 -20.81 -14.22 58.37
N THR B 154 -21.21 -14.07 57.11
CA THR B 154 -20.28 -13.83 56.03
C THR B 154 -20.37 -12.37 55.62
N ALA B 155 -19.22 -11.72 55.56
CA ALA B 155 -19.09 -10.37 55.04
C ALA B 155 -17.89 -10.32 54.11
N CYS B 156 -17.57 -9.12 53.60
CA CYS B 156 -16.47 -8.94 52.66
C CYS B 156 -15.61 -7.73 52.95
N VAL B 157 -14.36 -7.81 52.48
CA VAL B 157 -13.30 -6.86 52.80
C VAL B 157 -12.72 -6.32 51.51
N LEU B 158 -12.72 -4.99 51.41
CA LEU B 158 -12.41 -4.28 50.18
C LEU B 158 -11.37 -3.22 50.47
N PHE B 159 -10.21 -3.37 49.83
CA PHE B 159 -9.12 -2.47 50.14
C PHE B 159 -8.16 -2.44 48.96
N GLY B 160 -7.47 -1.34 48.84
CA GLY B 160 -6.46 -1.16 47.83
C GLY B 160 -6.93 -0.28 46.70
N GLY B 161 -6.02 -0.14 45.74
CA GLY B 161 -6.36 0.29 44.39
C GLY B 161 -6.14 1.79 44.17
N ARG B 162 -5.87 2.12 42.92
CA ARG B 162 -5.84 3.51 42.50
C ARG B 162 -7.23 4.03 42.26
N SER B 163 -7.31 5.35 42.17
CA SER B 163 -8.46 6.05 41.59
C SER B 163 -7.94 7.30 40.90
N TYR B 164 -8.83 7.93 40.14
CA TYR B 164 -8.52 9.18 39.46
C TYR B 164 -8.47 10.34 40.45
N MET B 165 -7.74 11.40 40.09
CA MET B 165 -7.49 12.52 41.00
C MET B 165 -8.81 13.17 41.41
N PRO B 166 -9.01 13.50 42.70
CA PRO B 166 -10.33 14.01 43.14
C PRO B 166 -10.68 15.29 42.39
N PRO B 167 -11.97 15.59 42.29
CA PRO B 167 -12.40 16.73 41.45
C PRO B 167 -12.19 18.09 42.08
N THR B 168 -10.96 18.32 42.55
CA THR B 168 -10.49 19.65 42.91
C THR B 168 -9.16 19.82 42.18
N GLU B 169 -8.20 18.96 42.51
CA GLU B 169 -6.95 18.83 41.80
C GLU B 169 -7.11 18.32 40.37
N ARG B 170 -8.31 17.95 39.97
CA ARG B 170 -8.56 17.36 38.67
C ARG B 170 -8.40 18.39 37.57
N THR B 171 -7.52 18.11 36.61
CA THR B 171 -7.24 19.10 35.58
C THR B 171 -7.08 18.37 34.26
N THR B 172 -7.59 18.95 33.19
CA THR B 172 -7.49 18.31 31.89
C THR B 172 -6.05 18.16 31.41
N GLN B 173 -5.06 18.77 32.04
CA GLN B 173 -3.72 18.28 31.75
C GLN B 173 -3.34 17.09 32.63
N ASN B 174 -3.79 17.06 33.88
CA ASN B 174 -3.58 15.94 34.80
C ASN B 174 -4.73 15.02 34.87
N TRP B 175 -5.71 15.20 33.99
CA TRP B 175 -6.91 14.38 34.00
C TRP B 175 -6.58 12.90 33.94
N ASN B 176 -5.58 12.52 33.17
CA ASN B 176 -5.32 11.12 32.97
C ASN B 176 -4.38 10.53 34.01
N SER B 177 -4.01 11.30 35.02
CA SER B 177 -3.21 10.78 36.14
C SER B 177 -4.08 9.97 37.07
N VAL B 178 -3.41 9.20 37.90
CA VAL B 178 -4.07 8.43 38.92
C VAL B 178 -3.30 8.62 40.20
N VAL B 179 -3.91 8.14 41.28
CA VAL B 179 -3.29 8.21 42.58
C VAL B 179 -3.90 7.11 43.42
N ASP B 180 -3.15 6.62 44.40
CA ASP B 180 -3.65 5.63 45.33
C ASP B 180 -4.76 6.24 46.17
N CYS B 181 -5.93 5.63 46.14
CA CYS B 181 -6.99 6.13 46.97
C CYS B 181 -6.61 5.84 48.43
N PRO B 182 -7.17 6.59 49.38
CA PRO B 182 -6.72 6.48 50.78
C PRO B 182 -7.01 5.11 51.36
N PRO B 183 -6.20 4.69 52.45
CA PRO B 183 -6.25 3.36 53.11
C PRO B 183 -7.32 3.22 54.18
N GLN B 184 -8.54 2.99 53.73
CA GLN B 184 -9.65 2.69 54.61
C GLN B 184 -10.33 1.44 54.09
N VAL B 185 -10.29 0.37 54.87
CA VAL B 185 -10.97 -0.84 54.45
C VAL B 185 -12.47 -0.64 54.51
N TYR B 186 -13.15 -1.28 53.57
CA TYR B 186 -14.60 -1.28 53.48
C TYR B 186 -15.10 -2.70 53.70
N LEU B 187 -15.92 -2.88 54.73
CA LEU B 187 -16.60 -4.14 55.00
C LEU B 187 -17.98 -4.07 54.38
N ILE B 188 -18.18 -4.90 53.38
CA ILE B 188 -19.41 -4.95 52.63
C ILE B 188 -20.12 -6.23 53.00
N ASP B 189 -21.26 -6.12 53.68
CA ASP B 189 -22.14 -7.28 53.78
C ASP B 189 -22.63 -7.62 52.38
N LEU B 190 -22.69 -8.93 52.08
CA LEU B 190 -23.16 -9.38 50.76
C LEU B 190 -24.59 -8.95 50.54
N GLU B 191 -25.47 -9.30 51.49
CA GLU B 191 -26.77 -8.70 51.58
C GLU B 191 -27.05 -8.56 53.09
N PHE B 192 -27.43 -7.37 53.59
CA PHE B 192 -27.78 -6.16 52.83
C PHE B 192 -26.58 -5.39 52.27
N GLY B 193 -26.87 -4.23 51.69
CA GLY B 193 -25.90 -3.42 50.99
C GLY B 193 -25.14 -2.39 51.81
N CYS B 194 -24.99 -2.65 53.12
CA CYS B 194 -24.30 -1.72 54.02
C CYS B 194 -22.78 -1.89 53.92
N CYS B 195 -22.09 -0.77 53.64
CA CYS B 195 -20.65 -0.70 53.45
C CYS B 195 -20.09 0.17 54.57
N THR B 196 -19.33 -0.43 55.46
CA THR B 196 -18.68 0.32 56.52
C THR B 196 -17.25 0.64 56.11
N ALA B 197 -16.79 1.81 56.51
CA ALA B 197 -15.46 2.30 56.18
C ALA B 197 -14.70 2.48 57.47
N HIS B 198 -13.66 1.70 57.67
CA HIS B 198 -12.81 1.85 58.82
C HIS B 198 -11.41 2.15 58.34
N THR B 199 -10.62 2.74 59.22
CA THR B 199 -9.21 2.96 58.96
C THR B 199 -8.42 2.46 60.15
N LEU B 200 -7.12 2.24 59.92
CA LEU B 200 -6.28 1.71 60.96
C LEU B 200 -4.93 2.43 60.99
N PRO B 201 -4.35 2.62 62.19
CA PRO B 201 -3.01 3.25 62.23
C PRO B 201 -1.93 2.39 61.61
N GLU B 202 -2.10 1.07 61.57
CA GLU B 202 -1.11 0.19 60.99
C GLU B 202 -0.97 0.40 59.48
N LEU B 203 -2.03 0.86 58.83
CA LEU B 203 -2.00 1.10 57.39
C LEU B 203 -1.64 2.53 57.17
N THR B 204 -0.42 2.77 56.73
CA THR B 204 -0.06 4.15 56.49
C THR B 204 -0.54 4.59 55.13
N ASP B 205 -0.49 3.69 54.17
CA ASP B 205 -0.67 4.10 52.80
C ASP B 205 -1.56 3.10 52.07
N GLY B 206 -2.11 3.56 50.93
CA GLY B 206 -2.79 2.69 49.99
C GLY B 206 -1.84 2.02 49.03
N GLN B 207 -2.30 0.89 48.53
CA GLN B 207 -1.51 0.04 47.66
C GLN B 207 -2.29 -0.20 46.37
N SER B 208 -1.74 -1.03 45.49
CA SER B 208 -2.39 -1.35 44.24
C SER B 208 -1.95 -2.75 43.87
N PHE B 209 -2.82 -3.52 43.24
CA PHE B 209 -2.45 -4.82 42.68
C PHE B 209 -1.94 -5.80 43.72
N HIS B 210 -2.27 -5.59 44.98
CA HIS B 210 -1.71 -6.42 46.04
C HIS B 210 -2.54 -7.67 46.15
N VAL B 211 -1.92 -8.82 46.00
CA VAL B 211 -2.73 -10.01 45.90
C VAL B 211 -3.21 -10.42 47.29
N ALA B 212 -4.53 -10.54 47.42
CA ALA B 212 -5.17 -10.91 48.66
C ALA B 212 -5.43 -12.39 48.70
N LEU B 213 -5.19 -12.97 49.87
CA LEU B 213 -5.55 -14.33 50.20
C LEU B 213 -6.47 -14.28 51.40
N ALA B 214 -7.49 -15.12 51.38
CA ALA B 214 -8.55 -15.03 52.37
C ALA B 214 -8.93 -16.42 52.81
N ARG B 215 -8.80 -16.67 54.10
CA ARG B 215 -9.30 -17.92 54.67
C ARG B 215 -9.74 -17.63 56.08
N GLN B 216 -10.86 -18.23 56.46
CA GLN B 216 -11.25 -18.36 57.86
C GLN B 216 -11.04 -17.06 58.64
N ASP B 217 -11.85 -16.05 58.35
CA ASP B 217 -11.87 -14.74 59.04
C ASP B 217 -10.50 -14.06 59.08
N CYS B 218 -9.64 -14.32 58.10
CA CYS B 218 -8.33 -13.68 58.07
C CYS B 218 -7.92 -13.48 56.62
N VAL B 219 -7.28 -12.34 56.38
CA VAL B 219 -6.99 -11.90 55.04
C VAL B 219 -5.57 -11.37 54.97
N TYR B 220 -4.78 -11.94 54.09
CA TYR B 220 -3.38 -11.61 53.93
C TYR B 220 -3.22 -10.94 52.58
N PHE B 221 -2.81 -9.69 52.63
CA PHE B 221 -2.41 -8.92 51.47
C PHE B 221 -0.91 -9.06 51.27
N LEU B 222 -0.53 -9.60 50.12
CA LEU B 222 0.86 -9.56 49.69
C LEU B 222 1.25 -8.15 49.32
N GLY B 223 2.56 -7.93 49.29
CA GLY B 223 3.08 -6.66 48.86
C GLY B 223 2.58 -6.20 47.50
N GLY B 224 1.97 -5.02 47.47
CA GLY B 224 1.55 -4.37 46.25
C GLY B 224 2.54 -3.33 45.78
N HIS B 225 2.02 -2.30 45.13
CA HIS B 225 2.83 -1.24 44.56
C HIS B 225 2.28 0.06 45.10
N ILE B 226 3.07 0.74 45.89
CA ILE B 226 2.68 2.02 46.42
C ILE B 226 3.20 3.09 45.46
N LEU B 227 2.31 4.00 45.06
CA LEU B 227 2.59 5.03 44.08
C LEU B 227 3.23 6.28 44.68
N SER B 228 3.06 6.51 45.97
CA SER B 228 3.56 7.74 46.57
C SER B 228 5.07 7.70 46.76
N SER B 229 5.56 6.66 47.45
CA SER B 229 6.98 6.45 47.66
C SER B 229 7.58 5.45 46.66
N ASP B 230 6.78 4.88 45.76
CA ASP B 230 7.17 3.95 44.68
C ASP B 230 7.85 2.68 45.17
N CYS B 231 7.66 2.31 46.43
CA CYS B 231 8.19 1.04 46.93
C CYS B 231 7.25 -0.12 46.59
N ARG B 232 7.83 -1.31 46.58
CA ARG B 232 7.13 -2.57 46.34
C ARG B 232 7.28 -3.37 47.62
N PRO B 233 6.44 -3.13 48.63
CA PRO B 233 6.81 -3.55 49.98
C PRO B 233 7.07 -5.04 50.07
N SER B 234 8.19 -5.37 50.68
CA SER B 234 8.43 -6.71 51.16
C SER B 234 7.73 -6.96 52.49
N ARG B 235 7.00 -5.98 53.04
CA ARG B 235 6.18 -6.23 54.23
C ARG B 235 4.91 -6.93 53.80
N LEU B 236 4.64 -8.05 54.45
CA LEU B 236 3.37 -8.69 54.24
C LEU B 236 2.35 -8.16 55.24
N ILE B 237 1.09 -8.05 54.80
CA ILE B 237 0.03 -7.48 55.63
C ILE B 237 -1.01 -8.53 55.95
N ARG B 238 -1.46 -8.54 57.19
CA ARG B 238 -2.48 -9.45 57.66
C ARG B 238 -3.52 -8.63 58.39
N LEU B 239 -4.77 -9.09 58.34
CA LEU B 239 -5.83 -8.52 59.15
C LEU B 239 -6.84 -9.61 59.51
N HIS B 240 -7.48 -9.38 60.63
CA HIS B 240 -8.34 -10.36 61.25
C HIS B 240 -9.57 -9.62 61.70
N VAL B 241 -10.70 -10.00 61.12
CA VAL B 241 -11.98 -9.36 61.39
C VAL B 241 -12.88 -10.38 62.06
N GLU B 242 -13.69 -9.93 63.02
CA GLU B 242 -14.78 -10.78 63.47
C GLU B 242 -16.02 -9.92 63.67
N LEU B 243 -17.12 -10.46 63.19
CA LEU B 243 -18.38 -9.75 63.17
C LEU B 243 -19.18 -10.11 64.41
N LEU B 244 -19.35 -9.12 65.30
CA LEU B 244 -19.99 -9.40 66.57
C LEU B 244 -21.08 -8.36 66.79
N LEU B 245 -22.30 -8.83 66.99
CA LEU B 245 -23.47 -7.92 67.00
C LEU B 245 -23.28 -6.76 67.98
N GLY B 246 -23.45 -5.52 67.52
CA GLY B 246 -23.83 -5.18 66.17
C GLY B 246 -22.78 -4.53 65.27
N SER B 247 -21.50 -4.63 65.68
CA SER B 247 -20.37 -4.08 64.96
C SER B 247 -19.42 -5.14 64.43
N PRO B 248 -18.86 -4.92 63.25
CA PRO B 248 -17.78 -5.73 62.66
C PRO B 248 -16.40 -5.27 63.09
N VAL B 249 -15.97 -5.75 64.25
CA VAL B 249 -14.72 -5.25 64.80
C VAL B 249 -13.55 -5.88 64.05
N LEU B 250 -12.50 -5.08 63.89
CA LEU B 250 -11.47 -5.34 62.90
C LEU B 250 -10.12 -5.06 63.52
N THR B 251 -9.14 -5.92 63.22
CA THR B 251 -7.77 -5.69 63.64
C THR B 251 -6.83 -6.04 62.50
N CYS B 252 -5.54 -5.79 62.73
CA CYS B 252 -4.49 -5.95 61.73
C CYS B 252 -3.14 -6.15 62.39
N THR B 253 -2.19 -6.65 61.59
CA THR B 253 -0.77 -6.74 61.94
C THR B 253 0.07 -6.72 60.67
N ILE B 254 1.26 -6.14 60.79
CA ILE B 254 2.31 -6.29 59.79
C ILE B 254 3.05 -7.58 60.06
N LEU B 255 3.71 -8.09 59.01
CA LEU B 255 4.50 -9.29 59.11
C LEU B 255 5.96 -8.96 58.82
N HIS B 256 6.81 -9.83 59.33
CA HIS B 256 8.24 -9.74 59.08
C HIS B 256 8.50 -9.64 57.59
N GLU B 257 8.20 -10.71 56.89
CA GLU B 257 8.61 -10.91 55.51
C GLU B 257 7.39 -11.11 54.64
N GLY B 258 7.38 -10.43 53.50
CA GLY B 258 6.38 -10.67 52.49
C GLY B 258 7.01 -10.42 51.14
N LEU B 259 6.31 -10.87 50.11
CA LEU B 259 6.86 -10.80 48.78
C LEU B 259 6.77 -9.40 48.20
N THR B 260 7.65 -9.12 47.24
CA THR B 260 7.82 -7.80 46.65
C THR B 260 7.05 -7.63 45.35
N ILE B 261 6.17 -8.57 45.00
CA ILE B 261 5.65 -8.66 43.64
C ILE B 261 4.27 -8.01 43.48
N THR B 262 4.11 -7.35 42.35
CA THR B 262 2.88 -6.69 41.96
C THR B 262 2.28 -7.46 40.80
N SER B 263 0.94 -7.43 40.78
CA SER B 263 0.13 -7.97 39.70
C SER B 263 0.23 -9.49 39.60
N ALA B 264 0.18 -10.14 40.76
CA ALA B 264 0.41 -11.58 40.82
C ALA B 264 -0.84 -12.37 40.48
N ILE B 265 -0.61 -13.60 40.01
CA ILE B 265 -1.64 -14.57 39.65
C ILE B 265 -1.62 -15.70 40.69
N ALA B 266 -2.72 -15.83 41.45
CA ALA B 266 -2.85 -16.85 42.48
C ALA B 266 -3.68 -18.01 41.94
N SER B 267 -3.06 -19.16 41.75
CA SER B 267 -3.82 -20.29 41.22
C SER B 267 -4.01 -21.27 42.37
N PRO B 268 -5.22 -21.44 42.87
CA PRO B 268 -5.43 -22.39 43.98
C PRO B 268 -5.11 -23.78 43.50
N ILE B 269 -4.43 -24.54 44.36
CA ILE B 269 -4.15 -25.92 43.99
C ILE B 269 -4.75 -26.82 45.04
N GLY B 270 -4.30 -26.69 46.28
CA GLY B 270 -4.70 -27.56 47.35
C GLY B 270 -5.97 -27.05 47.97
N TYR B 271 -6.18 -27.42 49.23
CA TYR B 271 -7.33 -26.93 49.95
C TYR B 271 -7.31 -25.41 49.92
N HIS B 272 -6.45 -24.79 50.74
CA HIS B 272 -6.18 -23.37 50.66
C HIS B 272 -4.83 -23.02 50.06
N GLU B 273 -4.08 -23.98 49.58
CA GLU B 273 -2.75 -23.69 49.08
C GLU B 273 -2.81 -23.16 47.65
N TYR B 274 -2.16 -22.03 47.43
CA TYR B 274 -2.06 -21.41 46.11
C TYR B 274 -0.62 -21.44 45.62
N ILE B 275 -0.47 -21.34 44.31
CA ILE B 275 0.82 -21.09 43.66
C ILE B 275 0.77 -19.69 43.11
N ILE B 276 1.65 -18.85 43.61
CA ILE B 276 1.77 -17.49 43.15
C ILE B 276 2.78 -17.50 42.02
N PHE B 277 2.35 -17.04 40.84
CA PHE B 277 3.28 -16.81 39.75
C PHE B 277 4.00 -15.49 39.88
N GLY B 278 3.24 -14.44 40.03
CA GLY B 278 3.82 -13.13 40.17
C GLY B 278 3.94 -12.45 38.84
N GLY B 279 3.66 -11.16 38.82
CA GLY B 279 3.93 -10.44 37.62
C GLY B 279 5.26 -9.78 37.66
N TYR B 280 5.63 -9.23 38.81
CA TYR B 280 6.77 -8.33 38.71
C TYR B 280 7.55 -8.32 40.00
N GLN B 281 8.89 -8.32 39.87
CA GLN B 281 9.75 -7.98 40.99
C GLN B 281 9.84 -6.46 41.17
N SER B 282 10.22 -5.76 40.10
CA SER B 282 10.49 -4.33 40.12
C SER B 282 9.85 -3.71 38.89
N GLU B 283 9.96 -2.38 38.78
CA GLU B 283 9.31 -1.62 37.72
C GLU B 283 9.83 -2.05 36.35
N THR B 284 11.13 -2.21 36.24
CA THR B 284 11.68 -2.65 34.97
C THR B 284 11.47 -4.15 34.82
N GLN B 285 11.98 -4.91 35.77
CA GLN B 285 12.27 -6.32 35.59
C GLN B 285 11.22 -7.19 36.27
N LYS B 286 10.56 -7.99 35.44
CA LYS B 286 9.51 -8.92 35.81
C LYS B 286 10.08 -10.08 36.59
N ARG B 287 9.22 -10.70 37.38
CA ARG B 287 9.63 -11.85 38.16
C ARG B 287 9.47 -13.10 37.31
N MET B 288 10.57 -13.82 37.15
CA MET B 288 10.49 -15.17 36.59
C MET B 288 10.16 -16.20 37.66
N GLU B 289 10.63 -15.96 38.88
CA GLU B 289 10.54 -16.98 39.93
C GLU B 289 9.09 -17.34 40.23
N CYS B 290 8.87 -18.63 40.43
CA CYS B 290 7.56 -19.16 40.78
C CYS B 290 7.59 -19.56 42.23
N THR B 291 6.47 -19.33 42.90
CA THR B 291 6.44 -19.51 44.32
C THR B 291 5.17 -20.24 44.69
N TYR B 292 5.25 -20.97 45.77
CA TYR B 292 4.11 -21.65 46.36
C TYR B 292 3.81 -21.04 47.73
N VAL B 293 2.54 -20.80 47.97
CA VAL B 293 2.09 -20.17 49.17
C VAL B 293 0.95 -20.97 49.77
N GLY B 294 1.19 -21.59 50.91
CA GLY B 294 0.13 -22.12 51.71
C GLY B 294 -0.21 -21.17 52.84
N LEU B 295 -1.37 -21.40 53.44
CA LEU B 295 -1.71 -20.63 54.62
C LEU B 295 -2.44 -21.51 55.63
N ASP B 296 -2.16 -21.25 56.90
CA ASP B 296 -2.72 -22.00 58.00
C ASP B 296 -3.02 -21.05 59.14
N ASP B 297 -3.72 -21.58 60.16
CA ASP B 297 -4.14 -20.79 61.32
C ASP B 297 -2.94 -20.17 62.04
N VAL B 298 -1.86 -20.93 62.21
CA VAL B 298 -0.60 -20.37 62.72
C VAL B 298 -0.19 -19.17 61.86
N GLY B 299 -0.07 -19.39 60.56
CA GLY B 299 0.27 -18.30 59.68
C GLY B 299 0.36 -18.81 58.27
N VAL B 300 0.93 -17.98 57.42
CA VAL B 300 1.12 -18.32 56.01
C VAL B 300 2.56 -18.71 55.78
N HIS B 301 2.74 -19.85 55.12
CA HIS B 301 4.04 -20.45 54.92
C HIS B 301 4.34 -20.45 53.44
N MET B 302 5.57 -20.05 53.16
CA MET B 302 6.04 -19.74 51.83
C MET B 302 7.11 -20.75 51.46
N GLU B 303 6.96 -21.36 50.28
CA GLU B 303 7.98 -22.26 49.79
C GLU B 303 8.14 -22.02 48.30
N SER B 304 9.33 -21.67 47.88
CA SER B 304 9.53 -21.58 46.45
C SER B 304 9.63 -22.98 45.89
N ARG B 305 9.02 -23.19 44.73
CA ARG B 305 9.18 -24.42 43.96
C ARG B 305 9.86 -24.05 42.64
N GLU B 306 10.54 -25.03 42.07
CA GLU B 306 11.34 -24.84 40.85
C GLU B 306 10.41 -24.32 39.77
N PRO B 307 10.66 -23.14 39.19
CA PRO B 307 9.76 -22.64 38.17
C PRO B 307 9.97 -23.39 36.86
N PRO B 308 8.91 -23.56 36.07
CA PRO B 308 9.09 -24.15 34.75
C PRO B 308 10.12 -23.37 33.97
N GLN B 309 10.87 -24.10 33.12
CA GLN B 309 11.88 -23.50 32.27
C GLN B 309 11.16 -22.69 31.19
N TRP B 310 11.48 -21.42 31.14
CA TRP B 310 10.78 -20.50 30.28
C TRP B 310 11.46 -20.45 28.94
N THR B 311 10.67 -20.52 27.90
CA THR B 311 11.20 -20.23 26.59
C THR B 311 11.79 -18.82 26.60
N SER B 312 12.89 -18.65 25.88
CA SER B 312 13.60 -17.37 25.82
C SER B 312 12.65 -16.23 25.49
N GLU B 313 11.57 -16.53 24.79
CA GLU B 313 10.65 -15.46 24.49
C GLU B 313 10.07 -14.90 25.78
N ILE B 314 9.41 -15.74 26.59
CA ILE B 314 8.78 -15.17 27.77
C ILE B 314 9.82 -14.68 28.78
N SER B 315 11.00 -15.31 28.85
CA SER B 315 12.08 -14.75 29.65
C SER B 315 12.51 -13.37 29.19
N HIS B 316 12.35 -13.05 27.91
CA HIS B 316 12.75 -11.75 27.38
C HIS B 316 11.59 -10.79 27.19
N SER B 317 10.35 -11.18 27.47
CA SER B 317 9.25 -10.30 27.16
C SER B 317 9.14 -9.21 28.22
N ARG B 318 8.87 -7.98 27.79
CA ARG B 318 8.87 -6.86 28.74
C ARG B 318 7.74 -6.99 29.75
N THR B 319 6.57 -7.40 29.29
CA THR B 319 5.36 -7.43 30.11
C THR B 319 4.65 -8.75 29.86
N TRP B 320 3.93 -9.22 30.87
CA TRP B 320 3.18 -10.44 30.70
C TRP B 320 2.10 -10.45 31.78
N PHE B 321 1.06 -11.25 31.54
CA PHE B 321 -0.14 -11.29 32.40
C PHE B 321 -0.84 -12.62 32.23
N GLY B 322 -2.03 -12.72 32.77
CA GLY B 322 -2.79 -13.94 32.61
C GLY B 322 -3.80 -14.08 33.72
N GLY B 323 -4.25 -15.33 33.89
CA GLY B 323 -5.17 -15.66 34.94
C GLY B 323 -5.03 -17.13 35.23
N SER B 324 -5.60 -17.53 36.36
CA SER B 324 -5.55 -18.91 36.82
C SER B 324 -6.86 -19.59 36.49
N LEU B 325 -6.78 -20.62 35.64
CA LEU B 325 -7.92 -21.51 35.45
C LEU B 325 -8.27 -22.29 36.71
N GLY B 326 -7.49 -22.17 37.79
CA GLY B 326 -7.75 -22.93 38.99
C GLY B 326 -7.35 -24.39 38.85
N LYS B 327 -7.55 -25.16 39.92
CA LYS B 327 -7.09 -26.56 39.94
C LYS B 327 -5.61 -26.64 39.57
N GLY B 328 -4.82 -25.71 40.11
CA GLY B 328 -3.39 -25.69 39.86
C GLY B 328 -2.99 -25.48 38.43
N THR B 329 -3.92 -25.04 37.61
CA THR B 329 -3.73 -24.80 36.19
C THR B 329 -3.97 -23.32 35.95
N ALA B 330 -3.16 -22.71 35.09
CA ALA B 330 -3.30 -21.29 34.86
C ALA B 330 -2.83 -20.98 33.44
N LEU B 331 -3.16 -19.77 32.99
CA LEU B 331 -2.82 -19.26 31.66
C LEU B 331 -1.94 -18.02 31.77
N VAL B 332 -0.92 -17.91 30.89
CA VAL B 332 -0.10 -16.70 30.76
C VAL B 332 -0.08 -16.26 29.31
N ALA B 333 0.26 -14.99 29.12
CA ALA B 333 0.04 -14.28 27.87
C ALA B 333 1.18 -13.30 27.58
N ILE B 334 1.72 -13.38 26.38
CA ILE B 334 2.87 -12.61 25.96
C ILE B 334 2.49 -11.72 24.79
N PRO B 335 2.58 -10.39 24.91
CA PRO B 335 2.44 -9.54 23.73
C PRO B 335 3.50 -9.93 22.72
N SER B 336 3.18 -9.74 21.44
CA SER B 336 4.12 -10.11 20.40
C SER B 336 4.20 -9.06 19.32
N GLU B 337 5.41 -8.59 19.07
CA GLU B 337 5.64 -7.64 17.99
C GLU B 337 5.96 -8.45 16.73
N GLY B 338 5.22 -8.19 15.67
CA GLY B 338 5.57 -8.73 14.37
C GLY B 338 4.99 -7.86 13.28
N ASN B 339 5.67 -7.89 12.12
CA ASN B 339 5.16 -7.23 10.90
C ASN B 339 5.26 -8.10 9.65
N PRO B 340 4.18 -8.14 8.84
CA PRO B 340 2.85 -7.56 9.04
C PRO B 340 2.11 -8.14 10.25
N THR B 341 1.11 -7.43 10.76
CA THR B 341 0.51 -7.77 12.04
C THR B 341 0.04 -9.22 12.05
N PRO B 342 0.26 -9.98 13.14
CA PRO B 342 0.03 -11.43 13.25
C PRO B 342 -1.30 -12.07 12.73
N PRO B 343 -2.47 -11.42 12.88
CA PRO B 343 -2.87 -10.20 13.59
C PRO B 343 -2.90 -10.44 15.11
N GLU B 344 -3.01 -11.72 15.49
CA GLU B 344 -3.21 -12.06 16.89
C GLU B 344 -2.12 -11.48 17.78
N ALA B 345 -2.52 -10.73 18.80
CA ALA B 345 -1.54 -9.90 19.46
C ALA B 345 -0.76 -10.62 20.54
N TYR B 346 -1.25 -11.76 21.01
CA TYR B 346 -0.74 -12.37 22.22
C TYR B 346 -0.49 -13.85 22.03
N HIS B 347 0.75 -14.26 22.16
CA HIS B 347 0.98 -15.67 22.31
C HIS B 347 0.52 -16.09 23.69
N PHE B 348 0.16 -17.34 23.80
CA PHE B 348 -0.28 -17.85 25.08
C PHE B 348 0.48 -19.10 25.45
N TYR B 349 0.46 -19.39 26.74
CA TYR B 349 1.04 -20.61 27.26
C TYR B 349 0.16 -21.07 28.39
N GLN B 350 -0.01 -22.37 28.46
CA GLN B 350 -0.67 -22.96 29.59
C GLN B 350 0.38 -23.50 30.55
N VAL B 351 0.19 -23.20 31.83
CA VAL B 351 1.07 -23.65 32.88
C VAL B 351 0.28 -24.50 33.86
N SER B 352 0.96 -25.48 34.44
CA SER B 352 0.33 -26.45 35.33
C SER B 352 1.33 -26.84 36.41
N PHE B 353 0.79 -27.15 37.58
CA PHE B 353 1.58 -27.60 38.72
C PHE B 353 1.49 -29.12 38.88
N GLN B 354 2.63 -29.76 39.13
CA GLN B 354 2.75 -31.21 39.35
C GLN B 354 2.14 -32.03 38.21
N GLY C 213 17.91 42.56 -7.59
CA GLY C 213 17.24 41.81 -8.63
C GLY C 213 18.08 40.66 -9.14
N LEU C 214 17.64 39.43 -8.87
CA LEU C 214 18.41 38.25 -9.22
C LEU C 214 18.49 38.03 -10.73
N HIS C 215 19.62 37.52 -11.16
CA HIS C 215 19.72 37.00 -12.50
C HIS C 215 18.73 35.84 -12.67
N PRO C 216 18.03 35.72 -13.81
CA PRO C 216 17.03 34.64 -13.94
C PRO C 216 17.60 33.23 -13.75
N ALA C 217 18.87 33.00 -14.07
CA ALA C 217 19.46 31.69 -13.80
C ALA C 217 19.45 31.41 -12.31
N VAL C 218 20.00 32.32 -11.50
CA VAL C 218 20.04 32.09 -10.06
C VAL C 218 18.65 31.82 -9.55
N CYS C 219 17.69 32.65 -9.94
CA CYS C 219 16.34 32.41 -9.52
C CYS C 219 15.90 30.99 -9.90
N LEU C 220 16.12 30.58 -11.15
CA LEU C 220 15.69 29.25 -11.56
C LEU C 220 16.29 28.19 -10.64
N ALA C 221 17.58 28.31 -10.30
CA ALA C 221 18.17 27.35 -9.41
C ALA C 221 17.47 27.37 -8.08
N ILE C 222 17.12 28.56 -7.57
CA ILE C 222 16.35 28.56 -6.34
C ILE C 222 15.14 27.71 -6.53
N ARG C 223 14.46 27.86 -7.67
CA ARG C 223 13.23 27.12 -7.84
C ARG C 223 13.43 25.60 -7.87
N VAL C 224 14.19 25.08 -8.85
CA VAL C 224 14.26 23.62 -8.94
C VAL C 224 15.02 23.01 -7.77
N ASN C 225 15.92 23.74 -7.12
CA ASN C 225 16.70 23.19 -6.02
C ASN C 225 16.01 23.26 -4.69
N THR C 226 15.05 24.14 -4.52
CA THR C 226 14.31 24.03 -3.31
C THR C 226 12.97 23.34 -3.50
N PHE C 227 12.69 22.77 -4.70
CA PHE C 227 11.46 22.00 -5.02
C PHE C 227 10.20 22.87 -5.03
N LEU C 228 10.27 24.02 -5.68
CA LEU C 228 9.16 24.93 -5.62
C LEU C 228 8.26 24.75 -6.83
N SER C 229 7.00 24.51 -6.56
CA SER C 229 6.00 24.43 -7.61
C SER C 229 5.87 25.76 -8.33
N CYS C 230 5.79 25.68 -9.67
CA CYS C 230 5.50 26.88 -10.47
C CYS C 230 4.42 27.70 -9.79
N SER C 231 3.31 27.07 -9.48
CA SER C 231 2.26 27.84 -8.84
C SER C 231 2.69 28.24 -7.45
N GLN C 232 3.44 27.38 -6.76
CA GLN C 232 3.95 27.83 -5.48
C GLN C 232 4.92 28.98 -5.68
N TYR C 233 5.71 28.91 -6.74
CA TYR C 233 6.73 29.94 -6.92
C TYR C 233 6.08 31.27 -7.24
N HIS C 234 5.31 31.29 -8.31
CA HIS C 234 4.58 32.47 -8.72
C HIS C 234 3.79 33.07 -7.57
N LYS C 235 3.23 32.22 -6.70
CA LYS C 235 2.65 32.73 -5.47
C LYS C 235 3.67 33.55 -4.73
N MET C 236 4.86 32.98 -4.51
CA MET C 236 5.87 33.73 -3.78
C MET C 236 6.23 35.04 -4.47
N TYR C 237 6.49 34.99 -5.76
CA TYR C 237 6.83 36.20 -6.52
C TYR C 237 5.77 37.27 -6.34
N ARG C 238 4.50 36.95 -6.60
CA ARG C 238 3.46 37.95 -6.41
C ARG C 238 3.56 38.55 -5.03
N THR C 239 3.79 37.70 -4.01
CA THR C 239 3.71 38.22 -2.65
C THR C 239 4.87 39.15 -2.35
N VAL C 240 6.09 38.71 -2.66
CA VAL C 240 7.23 39.58 -2.40
C VAL C 240 7.15 40.85 -3.24
N LYS C 241 6.57 40.77 -4.44
CA LYS C 241 6.56 41.91 -5.33
C LYS C 241 5.57 42.94 -4.83
N ALA C 242 4.42 42.50 -4.37
CA ALA C 242 3.41 43.46 -3.92
C ALA C 242 3.88 44.18 -2.67
N THR C 243 4.45 43.44 -1.73
CA THR C 243 4.90 44.02 -0.48
C THR C 243 6.34 44.46 -0.64
N SER C 244 6.56 45.76 -0.47
CA SER C 244 7.87 46.39 -0.56
C SER C 244 8.47 46.30 -1.96
N GLY C 245 7.85 45.60 -2.89
CA GLY C 245 8.46 45.44 -4.19
C GLY C 245 8.44 46.66 -5.09
N ARG C 246 9.52 46.97 -5.84
CA ARG C 246 10.86 46.39 -5.73
C ARG C 246 10.84 44.86 -5.83
N GLN C 247 10.27 44.34 -6.92
CA GLN C 247 10.21 42.89 -7.09
C GLN C 247 11.61 42.32 -7.24
N ILE C 248 11.87 41.22 -6.56
CA ILE C 248 13.20 40.64 -6.64
C ILE C 248 13.20 39.54 -7.67
N PHE C 249 12.39 38.53 -7.42
CA PHE C 249 12.36 37.33 -8.25
C PHE C 249 11.92 37.66 -9.67
N GLN C 250 12.31 36.87 -10.54
CA GLN C 250 12.00 37.06 -11.94
C GLN C 250 10.73 36.31 -12.33
N PRO C 251 9.92 36.86 -13.24
CA PRO C 251 8.61 36.25 -13.53
C PRO C 251 8.77 34.90 -14.19
N LEU C 252 7.65 34.20 -14.28
CA LEU C 252 7.68 32.87 -14.84
C LEU C 252 8.18 32.90 -16.29
N HIS C 253 7.54 33.67 -17.16
CA HIS C 253 7.89 33.57 -18.58
C HIS C 253 9.36 33.83 -18.84
N THR C 254 10.07 34.52 -17.93
CA THR C 254 11.51 34.73 -18.12
C THR C 254 12.32 33.57 -17.60
N LEU C 255 11.77 32.74 -16.72
CA LEU C 255 12.46 31.50 -16.40
C LEU C 255 12.24 30.50 -17.51
N ARG C 256 11.03 30.47 -18.06
CA ARG C 256 10.74 29.45 -19.06
C ARG C 256 11.65 29.56 -20.27
N ASN C 257 12.07 30.77 -20.65
CA ASN C 257 13.08 30.86 -21.70
C ASN C 257 14.49 30.97 -21.13
N ALA C 258 14.62 30.84 -19.81
CA ALA C 258 15.92 30.83 -19.16
C ALA C 258 16.57 29.46 -19.25
N GLU C 259 15.80 28.40 -19.09
CA GLU C 259 16.43 27.09 -19.12
C GLU C 259 16.54 26.49 -20.50
N LYS C 260 15.99 27.12 -21.54
CA LYS C 260 16.14 26.54 -22.87
C LYS C 260 17.59 26.16 -23.10
N GLU C 261 18.52 26.84 -22.43
CA GLU C 261 19.90 26.43 -22.58
C GLU C 261 20.16 25.10 -21.87
N LEU C 262 19.62 24.91 -20.67
CA LEU C 262 20.09 23.83 -19.80
C LEU C 262 19.53 22.46 -20.21
N LEU C 263 18.40 22.44 -20.91
CA LEU C 263 17.85 21.22 -21.44
C LEU C 263 18.60 20.75 -22.67
N PRO C 264 18.33 19.53 -23.13
CA PRO C 264 18.93 19.04 -24.36
C PRO C 264 18.26 19.57 -25.62
N GLY C 265 18.98 19.38 -26.72
CA GLY C 265 18.56 19.91 -27.99
C GLY C 265 18.86 21.37 -28.05
N PHE C 266 20.00 21.81 -27.53
CA PHE C 266 20.41 23.21 -27.55
C PHE C 266 21.80 23.39 -28.13
N HIS C 267 22.83 22.93 -27.42
CA HIS C 267 24.19 23.08 -27.90
C HIS C 267 24.44 22.20 -29.10
N GLN C 268 25.14 22.75 -30.08
CA GLN C 268 25.43 22.04 -31.31
C GLN C 268 26.65 21.13 -31.14
N PHE C 269 26.62 19.99 -31.83
CA PHE C 269 27.61 18.93 -31.71
C PHE C 269 27.60 18.08 -32.96
N GLU C 270 28.65 17.27 -33.12
CA GLU C 270 28.61 16.28 -34.18
C GLU C 270 29.56 15.13 -33.87
N TRP C 271 29.20 13.96 -34.37
CA TRP C 271 30.01 12.75 -34.21
C TRP C 271 30.87 12.52 -35.43
N GLN C 272 32.08 12.02 -35.19
CA GLN C 272 32.79 11.40 -36.29
C GLN C 272 33.41 10.09 -35.82
N PRO C 273 33.33 9.05 -36.67
CA PRO C 273 32.50 9.05 -37.89
C PRO C 273 31.03 9.16 -37.58
N ALA C 274 30.23 9.63 -38.52
CA ALA C 274 28.81 9.85 -38.25
C ALA C 274 28.14 8.58 -37.73
N LEU C 275 27.21 8.77 -36.80
CA LEU C 275 26.64 7.62 -36.10
C LEU C 275 25.80 6.79 -37.04
N LYS C 276 25.72 5.51 -36.72
CA LYS C 276 24.90 4.57 -37.48
C LYS C 276 23.47 4.52 -36.96
N ASN C 277 22.54 4.56 -37.91
CA ASN C 277 21.10 4.40 -37.78
C ASN C 277 20.51 5.44 -36.84
N VAL C 278 21.17 6.61 -36.73
CA VAL C 278 20.68 7.72 -35.92
C VAL C 278 20.64 8.95 -36.81
N SER C 279 19.61 9.78 -36.62
CA SER C 279 19.50 10.98 -37.41
C SER C 279 20.62 11.96 -37.05
N THR C 280 20.84 12.90 -37.95
CA THR C 280 21.87 13.90 -37.76
C THR C 280 21.33 15.18 -37.12
N SER C 281 20.01 15.27 -36.89
CA SER C 281 19.42 16.48 -36.31
C SER C 281 19.78 16.59 -34.83
N TRP C 282 20.38 17.69 -34.45
CA TRP C 282 20.79 17.84 -33.08
C TRP C 282 19.82 18.65 -32.21
N ASP C 283 18.72 19.16 -32.77
CA ASP C 283 17.85 20.06 -32.03
C ASP C 283 16.71 19.36 -31.29
N VAL C 284 16.65 18.02 -31.30
CA VAL C 284 15.47 17.31 -30.80
C VAL C 284 15.49 17.23 -29.29
N GLY C 285 14.42 17.71 -28.66
CA GLY C 285 14.23 17.76 -27.22
C GLY C 285 13.51 16.51 -26.75
N ILE C 286 12.59 16.63 -25.80
CA ILE C 286 11.87 15.45 -25.28
C ILE C 286 11.04 14.81 -26.39
N ILE C 287 11.28 13.52 -26.63
CA ILE C 287 10.64 12.73 -27.68
C ILE C 287 9.74 11.73 -26.99
N ASP C 288 8.56 11.51 -27.55
CA ASP C 288 7.75 10.39 -27.07
C ASP C 288 8.43 9.09 -27.46
N GLY C 289 8.68 8.22 -26.47
CA GLY C 289 9.55 7.11 -26.72
C GLY C 289 8.92 5.99 -27.47
N LEU C 290 7.60 6.04 -27.63
CA LEU C 290 6.93 5.07 -28.47
C LEU C 290 7.70 4.91 -29.77
N SER C 291 8.30 6.02 -30.24
CA SER C 291 9.25 6.01 -31.36
C SER C 291 8.63 5.41 -32.62
N GLY C 292 7.44 5.90 -32.96
CA GLY C 292 6.80 5.57 -34.21
C GLY C 292 5.97 4.33 -34.19
N TRP C 293 5.46 3.91 -33.07
CA TRP C 293 4.59 2.76 -33.08
C TRP C 293 3.31 3.07 -33.84
N THR C 294 2.96 2.25 -34.84
CA THR C 294 1.85 2.62 -35.73
C THR C 294 0.49 2.57 -35.03
N VAL C 295 0.40 1.91 -33.88
CA VAL C 295 -0.77 1.86 -32.99
C VAL C 295 -2.03 1.42 -33.73
N SER C 296 -1.86 0.61 -34.76
CA SER C 296 -3.00 -0.04 -35.41
C SER C 296 -3.58 -1.08 -34.47
N VAL C 297 -4.91 -1.16 -34.48
CA VAL C 297 -5.59 -2.11 -33.61
C VAL C 297 -5.14 -3.52 -33.91
N ASP C 298 -4.90 -3.80 -35.19
CA ASP C 298 -4.67 -5.16 -35.66
C ASP C 298 -3.33 -5.70 -35.17
N ASP C 299 -2.34 -4.82 -34.96
CA ASP C 299 -1.00 -5.18 -34.50
C ASP C 299 -0.97 -5.32 -32.99
N VAL C 300 0.23 -5.52 -32.45
CA VAL C 300 0.40 -5.64 -31.02
C VAL C 300 0.15 -4.27 -30.42
N PRO C 301 -0.76 -4.12 -29.46
CA PRO C 301 -1.16 -2.77 -29.04
C PRO C 301 -0.01 -2.04 -28.38
N ALA C 302 -0.11 -0.70 -28.46
CA ALA C 302 0.79 0.22 -27.77
C ALA C 302 0.06 0.67 -26.52
N ASP C 303 0.44 0.09 -25.38
CA ASP C 303 -0.20 0.34 -24.09
C ASP C 303 0.60 1.25 -23.19
N THR C 304 1.71 1.77 -23.66
CA THR C 304 2.69 2.39 -22.79
C THR C 304 2.92 3.83 -23.20
N ILE C 305 2.98 4.68 -22.22
CA ILE C 305 3.42 6.05 -22.40
C ILE C 305 4.89 6.10 -22.05
N SER C 306 5.66 6.89 -22.79
CA SER C 306 7.03 7.10 -22.40
C SER C 306 7.51 8.39 -23.00
N ARG C 307 8.62 8.86 -22.48
CA ARG C 307 9.30 9.99 -23.07
C ARG C 307 10.78 9.76 -22.87
N ARG C 308 11.55 10.14 -23.86
CA ARG C 308 12.98 10.00 -23.68
C ARG C 308 13.65 11.07 -24.47
N PHE C 309 14.82 11.45 -23.99
CA PHE C 309 15.74 12.19 -24.81
C PHE C 309 16.47 11.26 -25.74
N ARG C 310 16.77 11.75 -26.94
CA ARG C 310 17.68 11.04 -27.80
C ARG C 310 19.01 11.02 -27.09
N TYR C 311 19.50 9.82 -26.84
CA TYR C 311 20.58 9.57 -25.88
C TYR C 311 21.79 10.46 -26.10
N ASP C 312 22.28 10.51 -27.35
CA ASP C 312 23.44 11.32 -27.66
C ASP C 312 23.21 12.77 -27.25
N VAL C 313 22.02 13.29 -27.49
CA VAL C 313 21.77 14.69 -27.18
C VAL C 313 21.82 14.93 -25.68
N ALA C 314 21.16 14.05 -24.93
CA ALA C 314 21.25 14.05 -23.47
C ALA C 314 22.69 14.08 -23.03
N LEU C 315 23.53 13.28 -23.68
CA LEU C 315 24.94 13.25 -23.33
C LEU C 315 25.59 14.62 -23.52
N VAL C 316 25.59 15.15 -24.75
CA VAL C 316 26.32 16.38 -24.98
C VAL C 316 25.81 17.46 -24.09
N SER C 317 24.57 17.33 -23.63
CA SER C 317 24.10 18.36 -22.72
C SER C 317 24.63 18.13 -21.30
N ALA C 318 24.70 16.88 -20.89
CA ALA C 318 25.34 16.61 -19.62
C ALA C 318 26.75 17.15 -19.64
N LEU C 319 27.47 16.87 -20.71
CA LEU C 319 28.89 17.19 -20.70
C LEU C 319 29.09 18.69 -20.87
N LYS C 320 28.40 19.32 -21.83
CA LYS C 320 28.46 20.77 -21.97
C LYS C 320 28.14 21.48 -20.67
N ASP C 321 27.40 20.81 -19.78
CA ASP C 321 27.20 21.30 -18.42
C ASP C 321 28.39 20.99 -17.51
N LEU C 322 29.13 19.92 -17.76
CA LEU C 322 30.36 19.82 -17.02
C LEU C 322 31.46 20.68 -17.56
N GLU C 323 31.20 21.44 -18.63
CA GLU C 323 32.26 22.24 -19.21
C GLU C 323 32.97 23.04 -18.13
N GLU C 324 32.20 23.59 -17.18
CA GLU C 324 32.79 24.40 -16.13
C GLU C 324 33.82 23.60 -15.33
N ASP C 325 33.41 22.44 -14.81
CA ASP C 325 34.31 21.69 -13.93
C ASP C 325 35.49 21.09 -14.68
N ILE C 326 35.31 20.73 -15.95
CA ILE C 326 36.47 20.20 -16.66
C ILE C 326 37.44 21.33 -17.03
N MET C 327 36.95 22.55 -17.25
CA MET C 327 37.90 23.61 -17.53
C MET C 327 38.69 23.97 -16.28
N GLU C 328 38.02 24.00 -15.12
CA GLU C 328 38.71 24.31 -13.87
C GLU C 328 39.60 23.15 -13.40
N GLY C 329 39.25 21.91 -13.79
CA GLY C 329 40.16 20.80 -13.55
C GLY C 329 41.38 20.82 -14.47
N LEU C 330 41.16 21.21 -15.73
CA LEU C 330 42.26 21.30 -16.70
C LEU C 330 43.27 22.37 -16.30
N ARG C 331 42.75 23.52 -15.86
CA ARG C 331 43.62 24.57 -15.36
C ARG C 331 44.33 24.12 -14.09
N GLU C 332 43.60 23.52 -13.14
CA GLU C 332 44.22 23.01 -11.92
C GLU C 332 45.39 22.08 -12.24
N ARG C 333 45.18 21.15 -13.18
CA ARG C 333 46.27 20.31 -13.67
C ARG C 333 47.42 21.12 -14.26
N ALA C 334 47.19 22.38 -14.63
CA ALA C 334 48.11 23.18 -15.42
C ALA C 334 48.48 22.48 -16.73
N LEU C 335 47.66 21.53 -17.15
CA LEU C 335 47.75 21.00 -18.49
C LEU C 335 47.25 22.06 -19.45
N ASP C 336 48.08 22.40 -20.45
CA ASP C 336 47.75 23.48 -21.38
C ASP C 336 46.41 23.20 -22.03
N ASP C 337 45.48 24.15 -21.88
CA ASP C 337 44.10 23.87 -22.24
C ASP C 337 43.95 23.77 -23.75
N SER C 338 44.57 24.68 -24.51
CA SER C 338 44.31 24.75 -25.94
C SER C 338 44.91 23.55 -26.66
N MET C 339 46.13 23.15 -26.30
CA MET C 339 46.75 21.98 -26.88
C MET C 339 46.15 20.70 -26.27
N CYS C 340 46.34 19.59 -26.99
CA CYS C 340 46.01 18.22 -26.56
C CYS C 340 44.55 18.11 -26.14
N THR C 341 43.65 18.58 -27.02
CA THR C 341 42.23 18.63 -26.72
C THR C 341 41.45 17.43 -27.24
N SER C 342 42.08 16.53 -28.00
CA SER C 342 41.28 15.54 -28.70
C SER C 342 41.24 14.17 -28.03
N GLY C 343 42.02 13.95 -26.98
CA GLY C 343 42.18 12.59 -26.49
C GLY C 343 41.34 12.18 -25.31
N PHE C 344 40.18 12.81 -25.12
CA PHE C 344 39.39 12.62 -23.91
C PHE C 344 38.71 11.26 -23.86
N THR C 345 38.37 10.85 -22.65
CA THR C 345 37.71 9.58 -22.39
C THR C 345 36.67 9.82 -21.32
N VAL C 346 35.45 9.42 -21.60
CA VAL C 346 34.30 9.74 -20.76
C VAL C 346 33.64 8.45 -20.32
N VAL C 347 33.52 8.26 -19.02
CA VAL C 347 33.03 7.00 -18.48
C VAL C 347 31.72 7.25 -17.77
N VAL C 348 30.69 6.60 -18.30
CA VAL C 348 29.27 6.86 -18.04
C VAL C 348 28.69 5.62 -17.41
N LYS C 349 28.26 5.75 -16.16
CA LYS C 349 27.53 4.69 -15.49
C LYS C 349 26.05 4.86 -15.77
N GLU C 350 25.45 3.86 -16.38
CA GLU C 350 24.03 3.90 -16.63
C GLU C 350 23.32 2.85 -15.82
N SER C 351 22.08 3.12 -15.56
CA SER C 351 21.36 2.33 -14.60
C SER C 351 19.89 2.42 -14.99
N CYS C 352 19.19 1.30 -14.80
CA CYS C 352 17.79 1.17 -15.15
C CYS C 352 17.12 0.37 -14.05
N ASP C 353 16.15 0.96 -13.36
CA ASP C 353 15.46 0.27 -12.27
C ASP C 353 13.99 0.67 -12.22
N GLY C 354 13.13 -0.30 -11.98
CA GLY C 354 11.71 -0.06 -12.08
C GLY C 354 11.06 0.16 -10.75
N MET C 355 9.82 0.59 -10.77
CA MET C 355 9.17 0.99 -9.53
C MET C 355 7.71 0.61 -9.57
N GLY C 356 7.20 0.02 -8.48
CA GLY C 356 5.82 -0.42 -8.42
C GLY C 356 4.87 0.70 -7.99
N ASP C 357 3.64 0.28 -7.68
CA ASP C 357 2.59 1.01 -6.94
C ASP C 357 2.49 2.49 -7.32
N VAL C 358 2.51 2.76 -8.61
CA VAL C 358 2.30 4.10 -9.15
C VAL C 358 0.91 4.13 -9.75
N SER C 359 -0.01 4.86 -9.11
CA SER C 359 -1.41 4.75 -9.49
C SER C 359 -1.65 5.41 -10.83
N GLU C 360 -2.42 4.72 -11.68
CA GLU C 360 -2.78 5.28 -12.97
C GLU C 360 -3.66 6.50 -12.76
N LYS C 361 -3.77 7.31 -13.82
CA LYS C 361 -4.62 8.50 -13.84
C LYS C 361 -5.86 8.26 -14.71
N HIS C 362 -7.00 8.90 -14.37
CA HIS C 362 -8.27 8.69 -15.14
C HIS C 362 -8.11 9.06 -16.59
N GLY C 363 -7.75 10.31 -16.88
CA GLY C 363 -7.25 10.60 -18.21
C GLY C 363 -8.10 10.14 -19.37
N SER C 364 -7.48 10.10 -20.55
CA SER C 364 -8.14 9.73 -21.78
C SER C 364 -7.67 8.36 -22.22
N GLY C 365 -6.42 8.28 -22.63
CA GLY C 365 -5.85 7.02 -23.03
C GLY C 365 -4.35 7.13 -23.16
N PRO C 366 -3.68 6.01 -23.49
CA PRO C 366 -4.33 4.69 -23.53
C PRO C 366 -4.29 4.00 -22.16
N ALA C 367 -4.88 2.83 -22.03
CA ALA C 367 -4.77 2.08 -20.78
C ALA C 367 -3.32 1.71 -20.53
N VAL C 368 -2.85 1.88 -19.29
CA VAL C 368 -1.43 1.62 -18.99
C VAL C 368 -1.21 0.99 -17.62
N PRO C 369 -0.24 0.09 -17.47
CA PRO C 369 -0.07 -0.58 -16.18
C PRO C 369 0.36 0.38 -15.09
N GLU C 370 0.32 -0.12 -13.86
CA GLU C 370 0.67 0.70 -12.72
C GLU C 370 2.16 0.94 -12.61
N LYS C 371 2.97 -0.07 -12.90
CA LYS C 371 4.39 0.03 -12.54
C LYS C 371 5.16 0.95 -13.51
N ALA C 372 6.17 1.63 -12.98
CA ALA C 372 6.90 2.61 -13.75
C ALA C 372 8.42 2.40 -13.68
N VAL C 373 9.06 2.49 -14.86
CA VAL C 373 10.48 2.18 -15.08
C VAL C 373 11.26 3.43 -15.47
N ARG C 374 12.32 3.72 -14.70
CA ARG C 374 13.09 4.95 -14.78
C ARG C 374 14.51 4.66 -15.18
N PHE C 375 14.84 5.01 -16.40
CA PHE C 375 16.12 4.67 -17.00
C PHE C 375 16.97 5.93 -17.03
N SER C 376 18.16 5.86 -16.40
CA SER C 376 18.93 7.06 -16.15
C SER C 376 20.40 6.83 -16.46
N PHE C 377 21.20 7.88 -16.34
CA PHE C 377 22.65 7.72 -16.34
C PHE C 377 23.27 8.84 -15.54
N THR C 378 24.58 8.76 -15.37
CA THR C 378 25.39 9.68 -14.58
C THR C 378 26.79 9.63 -15.16
N ILE C 379 27.48 10.76 -15.20
CA ILE C 379 28.85 10.76 -15.72
C ILE C 379 29.79 10.55 -14.55
N MET C 380 30.44 9.39 -14.55
CA MET C 380 31.37 9.01 -13.49
C MET C 380 32.69 9.74 -13.61
N SER C 381 33.32 9.65 -14.77
CA SER C 381 34.56 10.39 -14.88
C SER C 381 34.74 10.83 -16.32
N ILE C 382 35.70 11.72 -16.47
CA ILE C 382 36.18 12.15 -17.77
C ILE C 382 37.64 12.45 -17.59
N SER C 383 38.44 12.01 -18.56
CA SER C 383 39.87 11.94 -18.44
C SER C 383 40.47 12.21 -19.80
N ILE C 384 41.79 12.05 -19.90
CA ILE C 384 42.53 12.41 -21.11
C ILE C 384 43.69 11.46 -21.25
N ARG C 385 44.19 11.33 -22.46
CA ARG C 385 45.32 10.46 -22.74
C ARG C 385 46.48 11.24 -23.35
N LEU C 386 46.26 11.91 -24.48
CA LEU C 386 47.29 12.43 -25.39
C LEU C 386 48.35 13.29 -24.68
N GLU C 387 49.59 13.37 -25.19
CA GLU C 387 50.02 13.12 -26.59
C GLU C 387 50.16 11.67 -26.94
N GLY C 388 50.14 10.85 -25.94
CA GLY C 388 50.68 9.53 -25.96
C GLY C 388 51.09 9.17 -24.54
N GLU C 389 52.14 8.37 -24.45
CA GLU C 389 52.80 8.20 -23.15
C GLU C 389 51.80 7.76 -22.09
N ASP C 390 51.46 8.69 -21.22
CA ASP C 390 50.99 8.36 -19.89
C ASP C 390 49.51 7.99 -19.90
N ASP C 391 49.26 6.71 -19.61
CA ASP C 391 48.03 6.11 -19.09
C ASP C 391 46.80 6.70 -19.77
N GLY C 392 45.79 7.09 -19.02
CA GLY C 392 45.01 8.26 -19.29
C GLY C 392 44.86 8.96 -17.94
N ILE C 393 44.48 10.23 -17.99
CA ILE C 393 44.67 11.16 -16.87
C ILE C 393 43.34 11.69 -16.45
N THR C 394 42.94 11.36 -15.23
CA THR C 394 41.67 11.82 -14.73
C THR C 394 41.66 13.35 -14.77
N ILE C 395 40.49 13.92 -15.08
CA ILE C 395 40.27 15.35 -14.90
C ILE C 395 39.14 15.46 -13.92
N PHE C 396 38.00 14.91 -14.29
CA PHE C 396 36.85 15.04 -13.44
C PHE C 396 36.33 13.69 -13.01
N GLN C 397 36.03 13.60 -11.72
CA GLN C 397 35.53 12.40 -11.08
C GLN C 397 34.40 12.75 -10.13
N GLU C 398 33.24 12.13 -10.34
CA GLU C 398 32.07 12.47 -9.54
C GLU C 398 32.37 12.25 -8.06
N GLN C 399 32.15 13.29 -7.25
CA GLN C 399 32.60 13.15 -5.87
C GLN C 399 31.63 12.40 -5.01
N LYS C 400 30.34 12.39 -5.30
CA LYS C 400 29.37 11.62 -4.52
C LYS C 400 28.41 10.97 -5.49
N PRO C 401 28.83 9.89 -6.15
CA PRO C 401 27.98 9.34 -7.20
C PRO C 401 26.69 8.82 -6.68
N ASN C 402 26.64 8.51 -5.40
CA ASN C 402 25.41 7.92 -4.93
C ASN C 402 24.35 8.96 -4.61
N SER C 403 24.68 10.24 -4.74
CA SER C 403 23.67 11.27 -4.59
C SER C 403 22.66 11.19 -5.71
N GLU C 404 21.39 11.25 -5.34
CA GLU C 404 20.36 11.60 -6.31
C GLU C 404 20.62 12.95 -6.94
N LEU C 405 21.55 13.74 -6.42
CA LEU C 405 21.77 15.06 -7.00
C LEU C 405 22.35 14.93 -8.39
N SER C 406 23.20 13.93 -8.60
CA SER C 406 23.62 13.59 -9.95
C SER C 406 23.14 12.19 -10.27
N CYS C 407 21.97 12.10 -10.90
CA CYS C 407 21.52 10.96 -11.68
C CYS C 407 20.66 11.54 -12.79
N ARG C 408 21.06 11.36 -14.04
CA ARG C 408 20.37 12.05 -15.11
C ARG C 408 19.30 11.14 -15.72
N PRO C 409 18.02 11.41 -15.55
CA PRO C 409 17.04 10.53 -16.18
C PRO C 409 17.15 10.62 -17.66
N LEU C 410 16.80 9.54 -18.29
CA LEU C 410 16.83 9.61 -19.71
C LEU C 410 15.49 9.14 -20.27
N CYS C 411 15.08 7.92 -19.97
CA CYS C 411 13.80 7.41 -20.46
C CYS C 411 12.86 7.08 -19.31
N LEU C 412 11.65 7.64 -19.35
CA LEU C 412 10.62 7.38 -18.35
C LEU C 412 9.49 6.64 -18.99
N MET C 413 9.12 5.53 -18.37
CA MET C 413 8.06 4.70 -18.90
C MET C 413 7.09 4.29 -17.82
N PHE C 414 5.91 3.94 -18.27
CA PHE C 414 5.02 3.18 -17.43
C PHE C 414 4.99 1.78 -18.02
N VAL C 415 5.69 0.85 -17.39
CA VAL C 415 5.77 -0.51 -17.91
C VAL C 415 5.91 -1.45 -16.73
N ASP C 416 5.37 -2.65 -16.86
CA ASP C 416 5.67 -3.67 -15.87
C ASP C 416 7.02 -4.30 -16.22
N GLU C 417 7.89 -4.44 -15.23
CA GLU C 417 9.17 -5.11 -15.46
C GLU C 417 8.97 -6.49 -16.06
N SER C 418 7.87 -7.15 -15.68
CA SER C 418 7.70 -8.54 -16.07
C SER C 418 7.58 -8.68 -17.58
N ASP C 419 6.73 -7.87 -18.24
CA ASP C 419 6.54 -8.06 -19.68
C ASP C 419 7.81 -7.67 -20.40
N HIS C 420 8.33 -8.62 -21.11
CA HIS C 420 9.54 -8.31 -21.81
C HIS C 420 9.21 -7.60 -23.10
N GLU C 421 8.04 -7.92 -23.68
CA GLU C 421 7.77 -7.45 -25.04
C GLU C 421 7.84 -5.93 -25.11
N THR C 422 7.25 -5.28 -24.12
CA THR C 422 7.18 -3.82 -24.18
C THR C 422 8.46 -3.18 -23.68
N LEU C 423 9.07 -3.78 -22.68
CA LEU C 423 10.31 -3.21 -22.19
C LEU C 423 11.34 -3.18 -23.31
N THR C 424 11.43 -4.23 -24.12
CA THR C 424 12.42 -4.20 -25.19
C THR C 424 11.98 -3.38 -26.38
N ALA C 425 10.69 -3.29 -26.64
CA ALA C 425 10.26 -2.39 -27.69
C ALA C 425 10.68 -0.95 -27.39
N ILE C 426 10.53 -0.52 -26.13
CA ILE C 426 10.82 0.89 -25.80
C ILE C 426 12.28 1.13 -25.53
N LEU C 427 12.96 0.19 -24.91
CA LEU C 427 14.37 0.42 -24.68
C LEU C 427 15.22 0.02 -25.87
N GLY C 428 14.63 -0.48 -26.95
CA GLY C 428 15.37 -1.03 -28.07
C GLY C 428 16.16 0.01 -28.83
N PRO C 429 15.47 1.05 -29.28
CA PRO C 429 16.17 2.23 -29.76
C PRO C 429 17.31 2.70 -28.87
N VAL C 430 17.11 2.78 -27.55
CA VAL C 430 18.12 3.37 -26.67
C VAL C 430 19.41 2.57 -26.74
N VAL C 431 19.27 1.27 -26.61
CA VAL C 431 20.43 0.40 -26.72
C VAL C 431 21.10 0.58 -28.07
N ALA C 432 20.32 0.63 -29.14
CA ALA C 432 20.94 0.73 -30.45
C ALA C 432 21.85 1.97 -30.54
N GLU C 433 21.47 3.07 -29.88
CA GLU C 433 22.35 4.24 -29.96
C GLU C 433 23.55 4.10 -29.05
N ARG C 434 23.42 3.38 -27.95
CA ARG C 434 24.65 3.09 -27.22
C ARG C 434 25.63 2.33 -28.09
N LYS C 435 25.22 1.17 -28.60
CA LYS C 435 26.15 0.27 -29.29
C LYS C 435 26.55 0.79 -30.65
N ALA C 436 25.79 1.74 -31.23
CA ALA C 436 26.27 2.48 -32.40
C ALA C 436 27.23 3.58 -32.00
N MET C 437 27.12 4.04 -30.75
CA MET C 437 27.87 5.17 -30.23
C MET C 437 29.24 4.82 -29.66
N MET C 438 29.40 3.62 -29.12
CA MET C 438 30.71 3.20 -28.64
C MET C 438 31.81 3.39 -29.69
N GLU C 439 31.46 3.32 -30.97
CA GLU C 439 32.45 3.30 -32.05
C GLU C 439 32.99 4.69 -32.36
N SER C 440 32.10 5.66 -32.46
CA SER C 440 32.41 6.99 -32.92
C SER C 440 32.77 7.89 -31.75
N ARG C 441 33.64 8.84 -32.01
CA ARG C 441 34.00 9.79 -30.99
C ARG C 441 33.27 11.09 -31.26
N LEU C 442 32.98 11.78 -30.17
CA LEU C 442 32.21 13.01 -30.10
C LEU C 442 33.06 14.25 -30.35
N ILE C 443 32.45 15.27 -30.95
CA ILE C 443 33.04 16.59 -31.16
C ILE C 443 32.10 17.65 -30.62
N ILE C 444 32.56 18.33 -29.58
CA ILE C 444 31.91 19.42 -28.88
C ILE C 444 32.74 20.68 -29.04
N SER C 445 32.08 21.83 -29.03
CA SER C 445 32.73 23.13 -28.96
C SER C 445 32.64 23.62 -27.52
N VAL C 446 33.75 23.59 -26.81
CA VAL C 446 33.76 23.80 -25.37
C VAL C 446 35.05 24.55 -25.04
N GLY C 447 34.97 25.43 -24.04
CA GLY C 447 36.06 26.34 -23.76
C GLY C 447 36.52 27.12 -24.97
N GLY C 448 35.65 27.31 -25.98
CA GLY C 448 35.98 27.98 -27.21
C GLY C 448 36.48 27.08 -28.32
N LEU C 449 36.95 25.88 -28.00
CA LEU C 449 37.62 25.04 -28.97
C LEU C 449 36.84 23.77 -29.26
N LEU C 450 37.07 23.24 -30.44
CA LEU C 450 36.48 21.97 -30.81
C LEU C 450 37.33 20.84 -30.24
N ARG C 451 36.71 20.01 -29.38
CA ARG C 451 37.32 18.89 -28.66
C ARG C 451 36.46 17.64 -28.79
N SER C 452 37.13 16.49 -28.66
CA SER C 452 36.59 15.18 -28.99
C SER C 452 36.69 14.24 -27.80
N PHE C 453 35.60 13.49 -27.59
CA PHE C 453 35.42 12.59 -26.47
C PHE C 453 35.19 11.18 -26.94
N ARG C 454 35.81 10.27 -26.22
CA ARG C 454 35.46 8.87 -26.27
C ARG C 454 34.61 8.58 -25.05
N PHE C 455 33.66 7.69 -25.20
CA PHE C 455 32.72 7.34 -24.17
C PHE C 455 32.86 5.87 -23.83
N PHE C 456 33.00 5.57 -22.55
CA PHE C 456 33.08 4.18 -22.11
C PHE C 456 31.86 3.94 -21.25
N PHE C 457 30.97 3.09 -21.73
CA PHE C 457 29.68 2.85 -21.08
C PHE C 457 29.73 1.60 -20.23
N ARG C 458 29.55 1.79 -18.92
CA ARG C 458 29.41 0.70 -17.96
C ARG C 458 27.99 0.73 -17.43
N GLY C 459 27.14 -0.23 -17.84
CA GLY C 459 25.98 -0.52 -17.01
C GLY C 459 26.28 -1.33 -15.76
N THR C 460 26.31 -0.66 -14.61
CA THR C 460 26.57 -1.30 -13.31
C THR C 460 25.41 -1.27 -12.34
N GLY C 461 24.31 -0.62 -12.67
CA GLY C 461 23.42 -0.21 -11.59
C GLY C 461 22.15 -1.02 -11.54
N TYR C 462 22.04 -1.94 -12.49
CA TYR C 462 20.93 -2.85 -12.48
C TYR C 462 20.98 -3.72 -11.24
N ASP C 463 19.81 -3.98 -10.67
CA ASP C 463 19.64 -5.02 -9.69
C ASP C 463 19.72 -6.38 -10.35
N GLU C 464 19.88 -7.43 -9.52
CA GLU C 464 20.13 -8.78 -10.02
C GLU C 464 19.03 -9.27 -10.95
N LYS C 465 17.79 -9.21 -10.49
CA LYS C 465 16.71 -9.72 -11.30
C LYS C 465 16.75 -9.13 -12.69
N MET C 466 17.00 -7.83 -12.81
CA MET C 466 16.89 -7.25 -14.14
C MET C 466 18.12 -7.58 -14.97
N VAL C 467 19.29 -7.64 -14.35
CA VAL C 467 20.43 -8.18 -15.07
C VAL C 467 20.05 -9.51 -15.70
N ARG C 468 19.52 -10.42 -14.87
CA ARG C 468 19.21 -11.74 -15.37
C ARG C 468 18.19 -11.66 -16.49
N GLU C 469 17.19 -10.82 -16.34
CA GLU C 469 16.12 -10.80 -17.31
C GLU C 469 16.50 -10.12 -18.61
N MET C 470 17.51 -9.25 -18.63
CA MET C 470 17.99 -8.69 -19.90
C MET C 470 19.14 -9.46 -20.49
N GLU C 471 19.68 -10.38 -19.70
CA GLU C 471 20.71 -11.29 -20.14
C GLU C 471 20.20 -12.67 -20.51
N GLY C 472 18.90 -12.91 -20.53
CA GLY C 472 18.42 -14.24 -20.88
C GLY C 472 18.67 -15.33 -19.87
N LEU C 473 19.11 -15.02 -18.66
CA LEU C 473 19.21 -16.01 -17.59
C LEU C 473 17.86 -16.44 -17.06
N GLU C 474 17.89 -17.38 -16.11
CA GLU C 474 16.70 -17.89 -15.42
C GLU C 474 16.67 -17.28 -14.04
N ALA C 475 15.70 -16.46 -13.82
CA ALA C 475 15.75 -15.75 -12.60
C ALA C 475 14.90 -16.51 -11.62
N SER C 476 14.94 -16.11 -10.35
CA SER C 476 16.18 -15.57 -9.80
C SER C 476 16.81 -16.61 -8.92
N GLY C 477 16.08 -17.70 -8.69
CA GLY C 477 16.43 -18.69 -7.69
C GLY C 477 16.90 -19.98 -8.34
N SER C 478 17.21 -19.91 -9.63
CA SER C 478 17.51 -21.09 -10.43
C SER C 478 18.81 -21.73 -9.98
N THR C 479 19.00 -22.96 -10.41
CA THR C 479 20.20 -23.67 -10.03
C THR C 479 21.47 -22.92 -10.37
N TYR C 480 21.45 -22.06 -11.38
CA TYR C 480 22.68 -21.40 -11.79
C TYR C 480 22.70 -20.00 -11.20
N ILE C 481 23.43 -19.83 -10.12
CA ILE C 481 23.26 -18.62 -9.30
C ILE C 481 24.02 -17.44 -9.87
N CYS C 482 25.26 -17.68 -10.23
CA CYS C 482 26.14 -16.56 -10.47
C CYS C 482 25.78 -15.97 -11.82
N THR C 483 25.57 -14.69 -11.82
CA THR C 483 25.52 -14.02 -13.10
C THR C 483 26.89 -13.98 -13.73
N LEU C 484 27.95 -13.97 -12.92
CA LEU C 484 29.32 -13.86 -13.41
C LEU C 484 30.03 -15.18 -13.52
N CYS C 485 29.40 -16.27 -13.08
CA CYS C 485 30.05 -17.56 -13.06
C CYS C 485 29.07 -18.66 -13.40
N ASP C 486 29.62 -19.77 -13.85
CA ASP C 486 28.86 -20.92 -14.34
C ASP C 486 28.48 -21.90 -13.25
N SER C 487 28.76 -21.58 -12.00
CA SER C 487 28.58 -22.54 -10.93
C SER C 487 27.10 -22.79 -10.68
N THR C 488 26.78 -24.05 -10.38
CA THR C 488 25.42 -24.35 -10.00
C THR C 488 25.27 -24.07 -8.51
N ARG C 489 24.06 -24.34 -8.01
CA ARG C 489 23.78 -24.13 -6.59
C ARG C 489 24.59 -25.09 -5.73
N ALA C 490 24.41 -26.39 -5.95
CA ALA C 490 25.10 -27.32 -5.08
C ALA C 490 26.59 -27.31 -5.35
N GLU C 491 27.00 -26.98 -6.58
CA GLU C 491 28.43 -26.92 -6.80
C GLU C 491 29.05 -25.79 -5.98
N ALA C 492 28.33 -24.67 -5.84
CA ALA C 492 28.74 -23.52 -5.04
C ALA C 492 28.46 -23.72 -3.58
N SER C 493 27.82 -24.82 -3.23
CA SER C 493 27.72 -25.16 -1.83
C SER C 493 29.05 -25.68 -1.33
N GLN C 494 29.53 -26.79 -1.90
CA GLN C 494 30.76 -27.38 -1.40
C GLN C 494 31.93 -26.40 -1.45
N ASN C 495 32.24 -25.89 -2.64
CA ASN C 495 33.29 -24.88 -2.83
C ASN C 495 32.66 -23.50 -2.90
N MET C 496 33.31 -22.54 -2.25
CA MET C 496 32.74 -21.22 -2.09
C MET C 496 33.72 -20.19 -2.56
N VAL C 497 34.84 -20.11 -1.84
CA VAL C 497 35.74 -18.97 -1.98
C VAL C 497 36.51 -18.98 -3.29
N LEU C 498 36.51 -20.09 -4.03
CA LEU C 498 37.31 -20.23 -5.25
C LEU C 498 36.39 -20.22 -6.48
N HIS C 499 36.49 -19.17 -7.30
CA HIS C 499 35.70 -19.03 -8.51
C HIS C 499 36.35 -18.05 -9.46
N SER C 500 35.98 -18.21 -10.72
CA SER C 500 36.57 -17.49 -11.83
C SER C 500 35.44 -16.97 -12.70
N ILE C 501 35.45 -15.65 -12.92
CA ILE C 501 34.36 -15.00 -13.64
C ILE C 501 34.44 -15.32 -15.13
N THR C 502 33.34 -15.85 -15.67
CA THR C 502 33.23 -16.16 -17.10
C THR C 502 32.17 -15.33 -17.78
N ARG C 503 30.92 -15.39 -17.32
CA ARG C 503 29.80 -14.88 -18.11
C ARG C 503 30.01 -13.44 -18.54
N SER C 504 29.90 -13.23 -19.85
CA SER C 504 30.01 -11.93 -20.49
C SER C 504 29.13 -11.93 -21.72
N HIS C 505 28.87 -10.72 -22.19
CA HIS C 505 27.85 -10.50 -23.20
C HIS C 505 28.02 -11.43 -24.40
N ASP C 506 29.06 -11.19 -25.20
CA ASP C 506 29.25 -11.97 -26.42
C ASP C 506 29.14 -13.48 -26.15
N GLU C 507 29.63 -13.91 -24.98
CA GLU C 507 29.54 -15.31 -24.60
C GLU C 507 28.08 -15.75 -24.41
N ASN C 508 27.26 -14.94 -23.75
CA ASN C 508 25.86 -15.33 -23.60
C ASN C 508 25.17 -15.35 -24.94
N LEU C 509 25.59 -14.47 -25.85
CA LEU C 509 24.97 -14.43 -27.17
C LEU C 509 25.29 -15.70 -27.96
N GLU C 510 26.57 -16.04 -28.10
CA GLU C 510 26.90 -17.31 -28.70
C GLU C 510 26.17 -18.47 -28.00
N ARG C 511 26.05 -18.40 -26.66
CA ARG C 511 25.48 -19.49 -25.88
C ARG C 511 24.01 -19.68 -26.18
N TYR C 512 23.26 -18.59 -26.36
CA TYR C 512 21.91 -18.70 -26.88
C TYR C 512 21.91 -19.35 -28.25
N GLU C 513 22.78 -18.91 -29.15
CA GLU C 513 22.70 -19.49 -30.50
C GLU C 513 22.91 -20.98 -30.46
N ILE C 514 23.67 -21.45 -29.48
CA ILE C 514 23.73 -22.88 -29.25
C ILE C 514 22.39 -23.41 -28.73
N TRP C 515 21.82 -22.76 -27.72
CA TRP C 515 20.57 -23.28 -27.13
C TRP C 515 19.46 -23.39 -28.15
N ARG C 516 19.46 -22.50 -29.13
CA ARG C 516 18.42 -22.51 -30.13
C ARG C 516 18.79 -23.45 -31.25
N LYS C 517 19.89 -23.17 -31.92
CA LYS C 517 20.28 -23.97 -33.06
C LYS C 517 20.45 -25.43 -32.68
N ASN C 518 21.08 -25.71 -31.51
CA ASN C 518 21.30 -27.00 -30.86
C ASN C 518 21.99 -28.05 -31.73
N PRO C 519 23.28 -27.92 -32.03
CA PRO C 519 23.91 -28.88 -32.95
C PRO C 519 24.15 -30.27 -32.32
N PHE C 520 24.35 -30.38 -31.01
CA PHE C 520 24.71 -31.65 -30.36
C PHE C 520 23.52 -32.47 -29.90
N SER C 521 22.32 -31.92 -29.93
CA SER C 521 21.08 -32.69 -29.78
C SER C 521 21.02 -33.42 -28.43
N GLU C 522 21.33 -32.67 -27.36
CA GLU C 522 21.05 -33.11 -26.00
C GLU C 522 19.60 -32.82 -25.65
N SER C 523 19.10 -33.58 -24.70
CA SER C 523 17.78 -33.33 -24.14
C SER C 523 17.82 -32.05 -23.34
N ALA C 524 16.62 -31.55 -23.04
CA ALA C 524 16.47 -30.28 -22.35
C ALA C 524 17.40 -30.19 -21.14
N ASP C 525 17.37 -31.20 -20.26
CA ASP C 525 18.20 -31.14 -19.06
C ASP C 525 19.66 -30.95 -19.44
N GLU C 526 20.19 -31.85 -20.27
CA GLU C 526 21.58 -31.75 -20.66
C GLU C 526 21.83 -30.47 -21.45
N LEU C 527 20.88 -30.05 -22.26
CA LEU C 527 21.15 -28.83 -23.01
C LEU C 527 21.32 -27.66 -22.07
N ARG C 528 20.39 -27.52 -21.12
CA ARG C 528 20.50 -26.46 -20.12
C ARG C 528 21.76 -26.60 -19.31
N ASP C 529 22.29 -27.82 -19.20
CA ASP C 529 23.59 -27.93 -18.59
C ASP C 529 24.68 -27.40 -19.51
N ARG C 530 24.54 -27.57 -20.84
CA ARG C 530 25.67 -27.27 -21.71
C ARG C 530 25.83 -25.78 -21.89
N VAL C 531 24.74 -25.01 -21.88
CA VAL C 531 24.85 -23.55 -21.92
C VAL C 531 24.82 -22.93 -20.54
N LYS C 532 24.87 -23.75 -19.48
CA LYS C 532 24.94 -23.26 -18.11
C LYS C 532 23.77 -22.33 -17.83
N GLY C 533 22.63 -22.63 -18.44
CA GLY C 533 21.44 -21.89 -18.14
C GLY C 533 21.37 -20.52 -18.79
N VAL C 534 21.60 -20.46 -20.10
CA VAL C 534 21.19 -19.31 -20.90
C VAL C 534 20.04 -19.77 -21.78
N SER C 535 18.82 -19.37 -21.44
CA SER C 535 17.67 -19.83 -22.20
C SER C 535 17.16 -18.80 -23.18
N ALA C 536 17.74 -17.61 -23.23
CA ALA C 536 17.10 -16.55 -23.98
C ALA C 536 18.14 -15.62 -24.56
N LYS C 537 17.80 -15.04 -25.68
CA LYS C 537 18.76 -14.13 -26.25
C LYS C 537 18.81 -12.82 -25.47
N PRO C 538 19.91 -12.49 -24.79
CA PRO C 538 20.00 -11.14 -24.24
C PRO C 538 20.06 -10.17 -25.38
N PHE C 539 19.58 -8.95 -25.11
CA PHE C 539 19.75 -7.84 -26.04
C PHE C 539 20.77 -6.84 -25.52
N MET C 540 20.57 -6.27 -24.35
CA MET C 540 21.53 -5.31 -23.85
C MET C 540 22.84 -5.97 -23.45
N GLU C 541 23.93 -5.20 -23.51
CA GLU C 541 25.20 -5.58 -22.92
C GLU C 541 25.30 -4.97 -21.53
N THR C 542 25.79 -5.73 -20.55
CA THR C 542 25.88 -5.24 -19.18
C THR C 542 27.21 -5.64 -18.56
N GLN C 543 27.84 -4.75 -17.82
CA GLN C 543 29.17 -5.08 -17.33
C GLN C 543 29.07 -6.19 -16.28
N PRO C 544 30.04 -7.15 -16.24
CA PRO C 544 30.00 -8.21 -15.22
C PRO C 544 30.42 -7.72 -13.84
N THR C 545 29.49 -7.09 -13.14
CA THR C 545 29.77 -6.49 -11.87
C THR C 545 28.57 -6.67 -10.96
N LEU C 546 28.81 -6.41 -9.69
CA LEU C 546 27.93 -6.78 -8.62
C LEU C 546 27.36 -5.53 -7.97
N ASP C 547 26.04 -5.44 -7.89
CA ASP C 547 25.44 -4.28 -7.25
C ASP C 547 25.69 -4.32 -5.75
N ALA C 548 26.00 -3.16 -5.18
CA ALA C 548 26.35 -3.13 -3.78
C ALA C 548 25.12 -3.11 -2.90
N LEU C 549 24.12 -2.32 -3.27
CA LEU C 549 22.99 -2.15 -2.38
C LEU C 549 22.32 -3.49 -2.09
N HIS C 550 21.88 -4.16 -3.14
CA HIS C 550 21.14 -5.41 -2.94
C HIS C 550 22.03 -6.51 -2.39
N CYS C 551 23.34 -6.42 -2.62
CA CYS C 551 24.26 -7.27 -1.88
C CYS C 551 24.11 -7.03 -0.39
N ASP C 552 24.11 -5.76 0.02
CA ASP C 552 24.00 -5.46 1.44
C ASP C 552 22.66 -5.97 1.99
N ILE C 553 21.59 -5.81 1.24
CA ILE C 553 20.34 -6.25 1.78
C ILE C 553 20.24 -7.77 1.80
N GLY C 554 20.88 -8.45 0.84
CA GLY C 554 20.76 -9.91 0.77
C GLY C 554 21.51 -10.61 1.89
N ASN C 555 22.70 -10.09 2.21
CA ASN C 555 23.45 -10.58 3.36
C ASN C 555 22.75 -10.27 4.66
N ALA C 556 22.23 -9.06 4.80
CA ALA C 556 21.56 -8.76 6.05
C ALA C 556 20.36 -9.68 6.27
N THR C 557 19.61 -9.98 5.21
CA THR C 557 18.43 -10.83 5.43
C THR C 557 18.83 -12.27 5.69
N GLU C 558 19.94 -12.71 5.12
CA GLU C 558 20.44 -14.02 5.50
C GLU C 558 20.82 -14.05 6.98
N PHE C 559 21.56 -13.05 7.47
CA PHE C 559 21.91 -13.11 8.90
C PHE C 559 20.70 -12.92 9.75
N TYR C 560 19.74 -12.15 9.30
CA TYR C 560 18.50 -12.09 10.03
C TYR C 560 17.90 -13.48 10.17
N LYS C 561 18.00 -14.30 9.12
CA LYS C 561 17.40 -15.63 9.22
C LYS C 561 18.24 -16.53 10.11
N ILE C 562 19.57 -16.45 10.01
CA ILE C 562 20.40 -17.20 10.94
C ILE C 562 20.07 -16.84 12.37
N PHE C 563 20.00 -15.54 12.70
CA PHE C 563 19.60 -15.18 14.05
C PHE C 563 18.35 -15.93 14.42
N GLN C 564 17.30 -15.77 13.60
CA GLN C 564 16.03 -16.45 13.90
C GLN C 564 16.25 -17.91 14.22
N ASP C 565 17.17 -18.56 13.52
CA ASP C 565 17.32 -19.98 13.79
C ASP C 565 18.11 -20.24 15.05
N GLU C 566 18.97 -19.31 15.46
CA GLU C 566 19.73 -19.47 16.68
C GLU C 566 18.95 -19.08 17.93
N ILE C 567 17.87 -18.31 17.77
CA ILE C 567 16.99 -18.05 18.89
C ILE C 567 16.48 -19.36 19.45
N GLY C 568 15.69 -20.07 18.66
CA GLY C 568 15.48 -21.48 18.82
C GLY C 568 16.75 -22.26 18.55
N GLU C 569 16.67 -23.54 18.78
CA GLU C 569 17.80 -24.41 18.56
C GLU C 569 17.43 -25.17 17.30
N VAL C 570 18.02 -24.76 16.21
CA VAL C 570 17.64 -25.41 14.97
C VAL C 570 18.45 -26.67 14.77
N TYR C 571 19.73 -26.61 15.07
CA TYR C 571 20.52 -27.78 14.81
C TYR C 571 20.28 -28.86 15.85
N GLN C 572 19.67 -28.52 16.99
CA GLN C 572 19.30 -29.55 17.95
C GLN C 572 18.04 -30.27 17.53
N LYS C 573 17.00 -29.53 17.17
CA LYS C 573 15.77 -30.09 16.61
C LYS C 573 15.67 -29.70 15.15
N PRO C 574 15.94 -30.58 14.17
CA PRO C 574 16.07 -30.07 12.80
C PRO C 574 14.75 -29.68 12.16
N ASN C 575 13.60 -30.11 12.67
CA ASN C 575 12.35 -29.95 11.96
C ASN C 575 11.43 -29.05 12.78
N PRO C 576 11.56 -27.72 12.63
CA PRO C 576 10.80 -26.81 13.49
C PRO C 576 9.37 -26.62 13.02
N SER C 577 8.47 -26.48 13.98
CA SER C 577 7.07 -26.24 13.67
C SER C 577 6.86 -24.80 13.20
N ARG C 578 5.75 -24.58 12.53
CA ARG C 578 5.50 -23.25 12.00
C ARG C 578 5.20 -22.26 13.11
N GLU C 579 4.39 -22.67 14.11
CA GLU C 579 4.11 -21.81 15.25
C GLU C 579 5.38 -21.33 15.94
N GLU C 580 6.38 -22.21 16.11
CA GLU C 580 7.65 -21.76 16.70
C GLU C 580 8.44 -20.90 15.75
N ARG C 581 8.26 -21.05 14.43
CA ARG C 581 8.85 -20.09 13.50
C ARG C 581 8.37 -18.71 13.83
N ARG C 582 7.04 -18.54 13.89
CA ARG C 582 6.51 -17.22 14.18
C ARG C 582 6.96 -16.77 15.57
N ARG C 583 6.97 -17.68 16.56
CA ARG C 583 7.38 -17.34 17.92
C ARG C 583 8.83 -16.81 17.95
N TRP C 584 9.72 -17.44 17.17
CA TRP C 584 11.10 -16.97 17.11
C TRP C 584 11.19 -15.60 16.46
N ARG C 585 10.45 -15.37 15.37
CA ARG C 585 10.42 -14.01 14.83
C ARG C 585 9.98 -13.01 15.89
N SER C 586 8.99 -13.35 16.72
CA SER C 586 8.44 -12.35 17.65
C SER C 586 9.40 -12.05 18.80
N THR C 587 10.12 -13.06 19.28
CA THR C 587 11.09 -12.69 20.30
C THR C 587 12.30 -11.98 19.70
N LEU C 588 12.68 -12.32 18.47
CA LEU C 588 13.79 -11.61 17.86
C LEU C 588 13.46 -10.13 17.71
N ASP C 589 12.28 -9.81 17.20
CA ASP C 589 11.97 -8.40 16.95
C ASP C 589 11.64 -7.66 18.23
N LYS C 590 11.06 -8.35 19.21
CA LYS C 590 11.01 -7.78 20.55
C LYS C 590 12.42 -7.34 20.97
N GLN C 591 13.41 -8.22 20.82
CA GLN C 591 14.75 -7.89 21.32
C GLN C 591 15.29 -6.68 20.60
N LEU C 592 15.26 -6.70 19.27
CA LEU C 592 15.81 -5.60 18.48
C LEU C 592 15.07 -4.29 18.65
N ARG C 593 13.86 -4.31 19.20
CA ARG C 593 13.25 -3.04 19.55
C ARG C 593 13.81 -2.57 20.91
N LYS C 594 13.86 -3.48 21.92
CA LYS C 594 14.32 -3.10 23.27
C LYS C 594 15.74 -2.58 23.25
N LYS C 595 16.65 -3.30 22.59
CA LYS C 595 17.98 -2.79 22.31
C LYS C 595 18.08 -2.60 20.81
N MET C 596 18.99 -1.71 20.41
CA MET C 596 19.23 -1.36 19.01
C MET C 596 18.15 -0.45 18.43
N LYS C 597 16.98 -0.36 19.08
CA LYS C 597 15.94 0.59 18.68
C LYS C 597 15.54 0.38 17.23
N LEU C 598 15.12 -0.84 16.91
CA LEU C 598 14.74 -1.23 15.55
C LEU C 598 13.32 -1.78 15.53
N LYS C 599 12.60 -1.51 14.44
CA LYS C 599 11.23 -2.00 14.31
C LYS C 599 11.09 -2.87 13.07
N PRO C 600 10.35 -3.98 13.19
CA PRO C 600 10.33 -4.98 12.16
C PRO C 600 9.88 -4.37 10.85
N VAL C 601 10.24 -5.05 9.77
CA VAL C 601 9.97 -4.61 8.43
C VAL C 601 9.37 -5.77 7.68
N MET C 602 8.70 -5.46 6.57
CA MET C 602 8.18 -6.52 5.71
C MET C 602 9.25 -6.93 4.71
N ARG C 603 9.64 -6.01 3.86
CA ARG C 603 10.82 -6.12 3.04
C ARG C 603 11.84 -5.27 3.78
N MET C 604 13.12 -5.63 3.70
CA MET C 604 14.11 -4.97 4.53
C MET C 604 14.86 -3.90 3.78
N ASN C 605 14.66 -2.66 4.19
CA ASN C 605 15.42 -1.59 3.59
C ASN C 605 16.88 -1.71 4.02
N GLY C 606 17.77 -1.21 3.18
CA GLY C 606 19.16 -1.27 3.57
C GLY C 606 19.46 -0.43 4.78
N ASN C 607 18.55 0.43 5.20
CA ASN C 607 18.92 1.24 6.34
C ASN C 607 18.74 0.42 7.64
N TYR C 608 17.70 -0.42 7.70
CA TYR C 608 17.68 -1.46 8.71
C TYR C 608 18.78 -2.50 8.53
N ALA C 609 19.34 -2.67 7.32
CA ALA C 609 20.53 -3.51 7.14
C ALA C 609 21.78 -2.87 7.74
N ARG C 610 21.87 -1.55 7.74
CA ARG C 610 23.02 -0.94 8.37
C ARG C 610 22.91 -0.93 9.86
N ARG C 611 21.71 -0.87 10.43
CA ARG C 611 21.71 -1.00 11.88
C ARG C 611 21.83 -2.45 12.31
N LEU C 612 21.43 -3.40 11.45
CA LEU C 612 21.52 -4.82 11.82
C LEU C 612 22.92 -5.37 11.70
N MET C 613 23.69 -4.93 10.73
CA MET C 613 25.00 -5.49 10.51
C MET C 613 26.00 -5.21 11.63
N THR C 614 25.77 -4.22 12.47
CA THR C 614 26.86 -3.84 13.34
C THR C 614 27.07 -4.89 14.41
N ARG C 615 28.24 -4.81 15.04
CA ARG C 615 28.56 -5.79 16.04
C ARG C 615 27.70 -5.63 17.30
N GLU C 616 27.50 -4.40 17.77
CA GLU C 616 26.66 -4.20 18.94
C GLU C 616 25.20 -4.58 18.70
N ALA C 617 24.77 -4.76 17.44
CA ALA C 617 23.42 -5.28 17.18
C ALA C 617 23.40 -6.80 17.29
N VAL C 618 24.44 -7.45 16.80
CA VAL C 618 24.67 -8.84 17.12
C VAL C 618 24.80 -9.08 18.61
N GLU C 619 25.10 -8.04 19.38
CA GLU C 619 25.21 -8.19 20.83
C GLU C 619 23.84 -8.40 21.47
N ALA C 620 22.81 -7.69 21.04
CA ALA C 620 21.52 -7.94 21.66
C ALA C 620 21.00 -9.32 21.27
N VAL C 621 21.45 -9.89 20.15
CA VAL C 621 21.02 -11.24 19.81
C VAL C 621 21.90 -12.30 20.47
N CYS C 622 23.19 -12.01 20.62
CA CYS C 622 24.09 -12.91 21.34
C CYS C 622 23.55 -13.24 22.73
N GLU C 623 22.82 -12.31 23.35
CA GLU C 623 22.19 -12.53 24.64
C GLU C 623 21.02 -13.49 24.57
N LEU C 624 20.47 -13.68 23.37
CA LEU C 624 19.30 -14.53 23.19
C LEU C 624 19.67 -16.00 23.11
N VAL C 625 20.79 -16.33 22.47
CA VAL C 625 21.13 -17.72 22.22
C VAL C 625 21.71 -18.32 23.48
N PRO C 626 21.07 -19.34 24.04
CA PRO C 626 21.61 -19.94 25.27
C PRO C 626 23.03 -20.49 25.09
N SER C 627 23.34 -21.07 23.92
CA SER C 627 24.60 -21.81 23.76
C SER C 627 25.81 -20.87 23.68
N GLU C 628 26.90 -21.29 24.33
CA GLU C 628 28.04 -20.42 24.49
C GLU C 628 28.92 -20.37 23.24
N GLU C 629 29.23 -21.53 22.66
CA GLU C 629 30.12 -21.56 21.52
C GLU C 629 29.43 -21.09 20.26
N ARG C 630 28.11 -21.30 20.17
CA ARG C 630 27.32 -20.62 19.16
C ARG C 630 27.41 -19.12 19.32
N ARG C 631 27.05 -18.62 20.50
CA ARG C 631 27.11 -17.19 20.76
C ARG C 631 28.49 -16.62 20.38
N GLU C 632 29.55 -17.38 20.64
CA GLU C 632 30.85 -16.94 20.15
C GLU C 632 30.92 -17.03 18.63
N ALA C 633 30.32 -18.07 18.05
CA ALA C 633 30.57 -18.37 16.66
C ALA C 633 29.97 -17.28 15.78
N LEU C 634 28.69 -16.96 16.00
CA LEU C 634 28.04 -15.96 15.16
C LEU C 634 28.61 -14.57 15.43
N LEU C 635 29.08 -14.33 16.65
CA LEU C 635 29.76 -13.08 16.93
C LEU C 635 31.03 -12.96 16.09
N LYS C 636 31.82 -14.04 16.06
CA LYS C 636 33.01 -14.10 15.22
C LYS C 636 32.65 -13.88 13.76
N LEU C 637 31.62 -14.58 13.27
CA LEU C 637 31.12 -14.39 11.91
C LEU C 637 30.88 -12.92 11.62
N MET C 638 30.11 -12.26 12.49
CA MET C 638 29.76 -10.87 12.25
C MET C 638 30.99 -9.98 12.23
N ASP C 639 31.99 -10.27 13.07
CA ASP C 639 33.18 -9.47 12.95
C ASP C 639 33.89 -9.74 11.62
N LEU C 640 33.82 -10.98 11.11
CA LEU C 640 34.36 -11.24 9.77
C LEU C 640 33.65 -10.40 8.74
N TYR C 641 32.36 -10.24 8.93
CA TYR C 641 31.59 -9.51 7.93
C TYR C 641 31.91 -8.04 7.96
N LEU C 642 31.88 -7.41 9.15
CA LEU C 642 32.31 -6.02 9.24
C LEU C 642 33.68 -5.80 8.64
N GLN C 643 34.57 -6.80 8.72
CA GLN C 643 35.90 -6.65 8.12
C GLN C 643 35.89 -6.72 6.61
N MET C 644 35.00 -7.51 6.05
CA MET C 644 35.01 -7.55 4.60
C MET C 644 34.04 -6.59 3.93
N LYS C 645 33.10 -5.99 4.66
CA LYS C 645 32.05 -5.16 4.07
C LYS C 645 32.59 -3.91 3.40
N PRO C 646 33.38 -3.11 4.12
CA PRO C 646 33.80 -1.85 3.55
C PRO C 646 34.45 -2.04 2.23
N VAL C 647 34.90 -3.25 1.92
CA VAL C 647 35.64 -3.42 0.69
C VAL C 647 34.76 -3.07 -0.50
N TRP C 648 33.56 -3.64 -0.53
CA TRP C 648 32.63 -3.41 -1.63
C TRP C 648 31.65 -2.28 -1.38
N ARG C 649 31.59 -1.78 -0.15
CA ARG C 649 30.72 -0.64 0.09
C ARG C 649 31.40 0.68 -0.21
N SER C 650 32.67 0.82 0.18
CA SER C 650 33.32 2.10 0.04
C SER C 650 33.61 2.37 -1.41
N THR C 651 33.83 3.65 -1.67
CA THR C 651 33.90 4.11 -3.04
C THR C 651 35.16 3.57 -3.73
N CYS C 652 36.33 3.78 -3.10
CA CYS C 652 37.63 3.38 -3.64
C CYS C 652 38.41 2.75 -2.52
N PRO C 653 38.28 1.44 -2.32
CA PRO C 653 39.07 0.79 -1.26
C PRO C 653 40.57 0.81 -1.51
N SER C 654 41.03 1.10 -2.72
CA SER C 654 42.46 1.08 -2.98
C SER C 654 43.21 2.06 -2.10
N ARG C 655 42.50 3.00 -1.51
CA ARG C 655 43.06 4.06 -0.71
C ARG C 655 42.41 4.04 0.66
N ASP C 656 41.08 4.17 0.66
CA ASP C 656 40.35 4.33 1.91
C ASP C 656 40.61 3.15 2.87
N CYS C 657 40.56 1.91 2.38
CA CYS C 657 40.66 0.73 3.25
C CYS C 657 41.53 -0.33 2.60
N PRO C 658 42.85 -0.12 2.56
CA PRO C 658 43.70 -1.06 1.80
C PRO C 658 43.89 -2.41 2.47
N ASP C 659 43.99 -2.45 3.81
CA ASP C 659 44.35 -3.69 4.48
C ASP C 659 43.20 -4.71 4.47
N GLN C 660 41.96 -4.25 4.64
CA GLN C 660 40.82 -5.13 4.44
C GLN C 660 40.81 -5.68 3.03
N LEU C 661 41.18 -4.84 2.06
CA LEU C 661 41.18 -5.30 0.69
C LEU C 661 42.21 -6.41 0.46
N CYS C 662 43.45 -6.20 0.92
CA CYS C 662 44.48 -7.21 0.71
C CYS C 662 44.14 -8.52 1.43
N GLN C 663 43.47 -8.45 2.58
CA GLN C 663 43.15 -9.60 3.41
C GLN C 663 41.81 -10.24 3.05
N TYR C 664 41.15 -9.74 2.00
CA TYR C 664 39.77 -10.11 1.77
C TYR C 664 39.65 -11.58 1.42
N SER C 665 40.50 -12.09 0.52
CA SER C 665 40.39 -13.49 0.13
C SER C 665 40.59 -14.38 1.34
N TYR C 666 41.65 -14.15 2.10
CA TYR C 666 41.88 -14.92 3.31
C TYR C 666 40.70 -14.75 4.26
N ASN C 667 40.17 -13.54 4.34
CA ASN C 667 39.07 -13.27 5.25
C ASN C 667 37.79 -14.03 4.87
N SER C 668 37.47 -14.06 3.59
CA SER C 668 36.32 -14.83 3.10
C SER C 668 36.54 -16.33 3.30
N GLN C 669 37.77 -16.79 3.09
CA GLN C 669 38.06 -18.20 3.30
C GLN C 669 37.66 -18.62 4.71
N GLN C 670 38.18 -17.87 5.67
CA GLN C 670 37.82 -17.93 7.08
C GLN C 670 36.32 -18.01 7.32
N PHE C 671 35.60 -17.12 6.68
CA PHE C 671 34.14 -17.09 6.78
C PHE C 671 33.52 -18.39 6.28
N ALA C 672 33.76 -18.75 5.02
CA ALA C 672 33.04 -19.88 4.44
C ALA C 672 33.34 -21.13 5.23
N ASP C 673 34.59 -21.28 5.63
CA ASP C 673 34.97 -22.36 6.54
C ASP C 673 34.08 -22.35 7.78
N LEU C 674 33.89 -21.15 8.38
CA LEU C 674 33.05 -21.07 9.57
C LEU C 674 31.63 -21.54 9.29
N LEU C 675 31.01 -21.02 8.22
CA LEU C 675 29.71 -21.47 7.73
C LEU C 675 29.61 -22.98 7.58
N SER C 676 30.36 -23.54 6.63
CA SER C 676 30.33 -24.99 6.43
C SER C 676 30.75 -25.74 7.67
N SER C 677 31.36 -25.07 8.66
CA SER C 677 31.64 -25.75 9.92
C SER C 677 30.38 -25.76 10.79
N MET C 678 30.00 -24.65 11.36
CA MET C 678 28.96 -24.79 12.37
C MET C 678 27.55 -24.65 11.83
N PHE C 679 27.40 -24.08 10.67
CA PHE C 679 26.08 -23.77 10.14
C PHE C 679 25.64 -24.73 9.06
N LYS C 680 26.44 -25.77 8.76
CA LYS C 680 26.26 -26.47 7.49
C LYS C 680 24.80 -26.82 7.27
N TYR C 681 24.08 -27.16 8.34
CA TYR C 681 22.69 -27.59 8.19
C TYR C 681 21.88 -26.61 7.35
N ARG C 682 22.16 -25.32 7.47
CA ARG C 682 21.50 -24.32 6.67
C ARG C 682 22.12 -24.20 5.28
N TYR C 683 23.42 -24.45 5.14
CA TYR C 683 24.12 -24.23 3.88
C TYR C 683 24.37 -25.47 3.03
N ASP C 684 23.90 -26.64 3.44
CA ASP C 684 24.30 -27.88 2.78
C ASP C 684 24.17 -27.82 1.25
N GLY C 685 22.96 -27.72 0.70
CA GLY C 685 22.78 -27.64 -0.74
C GLY C 685 22.28 -26.31 -1.26
N LYS C 686 22.25 -25.28 -0.43
CA LYS C 686 21.59 -24.02 -0.75
C LYS C 686 22.39 -22.87 -0.16
N ILE C 687 22.66 -21.87 -1.00
CA ILE C 687 23.34 -20.64 -0.61
C ILE C 687 22.67 -19.51 -1.37
N THR C 688 22.31 -18.46 -0.65
CA THR C 688 21.72 -17.30 -1.28
C THR C 688 22.65 -16.78 -2.36
N ASN C 689 22.08 -16.22 -3.43
CA ASN C 689 22.88 -15.67 -4.53
C ASN C 689 23.97 -14.73 -4.03
N TYR C 690 23.62 -13.82 -3.12
CA TYR C 690 24.53 -12.73 -2.81
C TYR C 690 25.65 -13.17 -1.90
N LEU C 691 25.38 -14.09 -0.98
CA LEU C 691 26.45 -14.68 -0.19
C LEU C 691 27.51 -15.28 -1.09
N HIS C 692 27.09 -16.00 -2.13
CA HIS C 692 28.06 -16.56 -3.06
C HIS C 692 28.76 -15.46 -3.81
N LYS C 693 28.00 -14.51 -4.32
CA LYS C 693 28.63 -13.48 -5.12
C LYS C 693 29.67 -12.75 -4.30
N THR C 694 29.34 -12.48 -3.05
CA THR C 694 30.18 -11.66 -2.20
C THR C 694 31.38 -12.41 -1.65
N LEU C 695 31.27 -13.72 -1.46
CA LEU C 695 32.40 -14.54 -1.03
C LEU C 695 33.22 -15.05 -2.19
N ALA C 696 32.85 -14.74 -3.43
CA ALA C 696 33.59 -15.33 -4.54
C ALA C 696 34.18 -14.27 -5.45
N HIS C 697 33.38 -13.48 -6.14
CA HIS C 697 33.93 -12.66 -7.21
C HIS C 697 34.31 -11.25 -6.78
N VAL C 698 34.24 -10.88 -5.50
CA VAL C 698 34.58 -9.50 -5.11
C VAL C 698 36.03 -9.13 -5.36
N PRO C 699 37.03 -9.83 -4.80
CA PRO C 699 38.42 -9.42 -5.05
C PRO C 699 38.70 -9.29 -6.52
N GLU C 700 38.09 -10.15 -7.33
CA GLU C 700 38.33 -10.07 -8.75
C GLU C 700 37.79 -8.75 -9.31
N ILE C 701 36.55 -8.39 -8.98
CA ILE C 701 36.03 -7.22 -9.68
C ILE C 701 36.67 -5.95 -9.15
N VAL C 702 37.07 -5.92 -7.88
CA VAL C 702 37.74 -4.72 -7.39
C VAL C 702 39.08 -4.58 -8.08
N GLU C 703 39.76 -5.69 -8.34
CA GLU C 703 40.98 -5.62 -9.12
C GLU C 703 40.70 -5.10 -10.51
N ARG C 704 39.51 -5.40 -11.02
CA ARG C 704 39.26 -5.14 -12.42
C ARG C 704 38.79 -3.72 -12.68
N ASP C 705 37.58 -3.38 -12.20
CA ASP C 705 37.09 -2.00 -12.23
C ASP C 705 37.92 -1.03 -11.42
N GLY C 706 38.70 -1.53 -10.48
CA GLY C 706 39.37 -0.72 -9.53
C GLY C 706 38.56 -0.45 -8.27
N SER C 707 37.25 -0.52 -8.33
CA SER C 707 36.48 -0.20 -7.13
C SER C 707 35.04 -0.49 -7.46
N ILE C 708 34.23 -0.59 -6.42
CA ILE C 708 32.86 -1.05 -6.55
C ILE C 708 32.09 -0.32 -5.48
N GLY C 709 30.80 -0.28 -5.67
CA GLY C 709 29.97 0.44 -4.78
C GLY C 709 29.89 1.89 -5.14
N ALA C 710 30.95 2.44 -5.74
CA ALA C 710 30.79 3.67 -6.50
C ALA C 710 29.87 3.43 -7.66
N TRP C 711 29.86 2.22 -8.14
CA TRP C 711 29.05 1.77 -9.23
C TRP C 711 27.72 1.25 -8.76
N ALA C 712 27.38 1.47 -7.50
CA ALA C 712 26.20 0.83 -6.96
C ALA C 712 24.91 1.40 -7.56
N SER C 713 23.84 0.61 -7.41
CA SER C 713 22.48 0.98 -7.80
C SER C 713 21.95 2.15 -7.01
N GLU C 714 22.63 2.48 -5.93
CA GLU C 714 22.18 3.50 -5.01
C GLU C 714 21.83 4.82 -5.69
N GLY C 715 22.73 5.29 -6.55
CA GLY C 715 22.58 6.55 -7.23
C GLY C 715 21.45 6.57 -8.23
N ASN C 716 20.86 5.40 -8.49
CA ASN C 716 19.75 5.38 -9.41
C ASN C 716 18.54 5.37 -8.53
N GLU C 717 18.51 4.37 -7.73
CA GLU C 717 17.45 4.13 -6.82
C GLU C 717 17.00 5.31 -5.99
N SER C 718 17.97 6.02 -5.45
CA SER C 718 17.61 7.16 -4.64
C SER C 718 16.72 8.10 -5.41
N GLY C 719 17.07 8.32 -6.66
CA GLY C 719 16.44 9.27 -7.53
C GLY C 719 14.99 8.91 -7.64
N ASN C 720 14.62 7.66 -7.38
CA ASN C 720 13.20 7.33 -7.47
C ASN C 720 12.40 8.21 -6.53
N LYS C 721 12.95 8.54 -5.36
CA LYS C 721 12.22 9.40 -4.45
C LYS C 721 11.80 10.65 -5.19
N LEU C 722 12.70 11.25 -5.98
CA LEU C 722 12.33 12.43 -6.75
C LEU C 722 11.18 12.13 -7.71
N PHE C 723 11.24 10.99 -8.40
CA PHE C 723 10.19 10.69 -9.36
C PHE C 723 8.84 10.64 -8.69
N ARG C 724 8.79 10.36 -7.40
CA ARG C 724 7.50 10.39 -6.74
C ARG C 724 7.10 11.82 -6.45
N ARG C 725 8.01 12.61 -5.87
CA ARG C 725 7.62 14.00 -5.64
C ARG C 725 7.44 14.71 -6.96
N PHE C 726 8.30 14.46 -7.93
CA PHE C 726 8.07 15.16 -9.17
C PHE C 726 6.83 14.71 -9.92
N ARG C 727 6.13 13.69 -9.45
CA ARG C 727 4.86 13.34 -10.07
C ARG C 727 3.71 13.92 -9.32
N LYS C 728 3.98 14.63 -8.24
CA LYS C 728 2.92 15.36 -7.58
C LYS C 728 3.17 16.85 -7.62
N MET C 729 4.25 17.34 -7.02
CA MET C 729 4.46 18.78 -7.01
C MET C 729 4.48 19.33 -8.42
N ASN C 730 5.36 18.81 -9.27
CA ASN C 730 5.64 19.43 -10.55
C ASN C 730 5.01 18.76 -11.77
N ALA C 731 4.12 17.78 -11.58
CA ALA C 731 3.36 17.17 -12.67
C ALA C 731 2.32 18.13 -13.23
N ARG C 732 1.80 17.76 -14.40
CA ARG C 732 1.15 18.71 -15.31
C ARG C 732 -0.27 19.19 -14.99
N GLN C 733 -1.28 18.36 -14.75
CA GLN C 733 -1.18 16.94 -14.50
C GLN C 733 -2.24 16.08 -15.19
N SER C 734 -1.78 15.36 -16.20
CA SER C 734 -2.67 14.59 -17.03
C SER C 734 -1.77 13.58 -17.69
N LYS C 735 -2.37 12.51 -18.16
CA LYS C 735 -1.58 11.39 -18.63
C LYS C 735 -0.63 11.84 -19.73
N THR C 736 -1.09 12.69 -20.63
CA THR C 736 -0.32 12.97 -21.83
C THR C 736 0.95 13.72 -21.48
N PHE C 737 0.81 14.83 -20.82
CA PHE C 737 1.97 15.68 -20.61
C PHE C 737 2.80 15.26 -19.42
N GLU C 738 2.29 14.35 -18.58
CA GLU C 738 2.86 14.24 -17.24
C GLU C 738 4.29 13.71 -17.29
N LEU C 739 4.55 12.66 -18.06
CA LEU C 739 5.93 12.20 -18.16
C LEU C 739 6.81 13.27 -18.75
N GLU C 740 6.32 14.00 -19.74
CA GLU C 740 7.15 15.02 -20.34
C GLU C 740 7.65 15.98 -19.28
N ASP C 741 6.76 16.50 -18.45
CA ASP C 741 7.29 17.54 -17.59
C ASP C 741 7.99 16.97 -16.35
N ILE C 742 7.65 15.78 -15.87
CA ILE C 742 8.52 15.20 -14.85
C ILE C 742 9.93 15.10 -15.36
N LEU C 743 10.08 14.60 -16.57
CA LEU C 743 11.41 14.33 -17.08
C LEU C 743 12.18 15.62 -17.22
N LYS C 744 11.57 16.63 -17.86
CA LYS C 744 12.26 17.89 -17.97
C LYS C 744 12.71 18.35 -16.60
N HIS C 745 11.77 18.44 -15.67
CA HIS C 745 12.07 19.03 -14.37
C HIS C 745 13.10 18.23 -13.63
N HIS C 746 13.11 16.92 -13.82
CA HIS C 746 14.17 16.12 -13.25
C HIS C 746 15.52 16.57 -13.82
N TRP C 747 15.61 16.57 -15.15
CA TRP C 747 16.86 16.94 -15.78
C TRP C 747 17.42 18.21 -15.16
N LEU C 748 16.56 19.22 -15.01
CA LEU C 748 17.01 20.47 -14.40
C LEU C 748 17.40 20.27 -12.97
N TYR C 749 16.78 19.35 -12.28
CA TYR C 749 17.28 19.15 -10.93
C TYR C 749 18.68 18.64 -10.98
N THR C 750 19.01 17.91 -12.01
CA THR C 750 20.27 17.23 -11.95
C THR C 750 21.43 18.12 -12.31
N SER C 751 21.19 19.15 -13.08
CA SER C 751 22.28 19.86 -13.72
C SER C 751 23.22 20.48 -12.69
N LYS C 752 24.53 20.39 -12.97
CA LYS C 752 25.53 20.99 -12.09
C LYS C 752 25.41 22.50 -12.09
N TYR C 753 25.26 23.09 -13.27
CA TYR C 753 25.24 24.55 -13.40
C TYR C 753 24.42 25.16 -12.30
N LEU C 754 23.29 24.54 -11.96
CA LEU C 754 22.43 25.15 -10.96
C LEU C 754 22.94 24.88 -9.56
N GLN C 755 23.35 23.67 -9.32
CA GLN C 755 23.84 23.37 -7.99
C GLN C 755 25.04 24.27 -7.65
N LYS C 756 25.88 24.61 -8.64
CA LYS C 756 26.96 25.56 -8.39
C LYS C 756 26.41 26.82 -7.74
N PHE C 757 25.35 27.39 -8.33
CA PHE C 757 24.77 28.62 -7.79
C PHE C 757 24.27 28.39 -6.39
N MET C 758 23.71 27.22 -6.15
CA MET C 758 23.14 26.93 -4.86
C MET C 758 24.19 26.67 -3.77
N GLU C 759 25.45 26.46 -4.13
CA GLU C 759 26.49 26.45 -3.10
C GLU C 759 26.69 27.82 -2.48
N ALA C 760 26.42 28.89 -3.22
CA ALA C 760 26.63 30.27 -2.81
C ALA C 760 28.08 30.57 -2.47
N HIS C 761 29.00 29.74 -2.98
CA HIS C 761 30.43 29.93 -2.75
C HIS C 761 30.70 30.23 -1.27
N LYS C 762 30.54 29.18 -0.47
CA LYS C 762 30.73 29.26 0.97
C LYS C 762 29.78 30.29 1.57
N MET D 4 -24.16 -23.41 -33.41
CA MET D 4 -23.39 -22.17 -33.50
C MET D 4 -23.46 -21.42 -32.16
N SER D 5 -22.54 -21.73 -31.25
CA SER D 5 -22.71 -21.31 -29.88
C SER D 5 -21.34 -21.13 -29.22
N LEU D 6 -21.35 -20.48 -28.05
CA LEU D 6 -20.16 -20.10 -27.31
C LEU D 6 -20.34 -20.46 -25.84
N GLN D 7 -19.43 -21.15 -25.34
CA GLN D 7 -19.37 -21.48 -23.93
C GLN D 7 -18.35 -20.58 -23.24
N PRO D 8 -18.71 -19.92 -22.13
CA PRO D 8 -17.72 -19.16 -21.38
C PRO D 8 -16.70 -20.09 -20.73
N LEU D 9 -15.42 -19.70 -20.81
CA LEU D 9 -14.31 -20.56 -20.40
C LEU D 9 -13.54 -19.94 -19.24
N THR D 10 -13.17 -20.76 -18.29
CA THR D 10 -12.30 -20.32 -17.21
C THR D 10 -10.86 -20.67 -17.54
N ALA D 11 -9.94 -19.74 -17.29
CA ALA D 11 -8.54 -19.96 -17.61
C ALA D 11 -7.83 -20.78 -16.53
N VAL D 12 -8.56 -21.27 -15.53
CA VAL D 12 -8.04 -22.04 -14.40
C VAL D 12 -6.83 -21.35 -13.77
N ASN D 13 -5.72 -22.08 -13.58
CA ASN D 13 -4.50 -21.43 -13.14
C ASN D 13 -3.75 -20.96 -14.37
N CYS D 14 -2.83 -20.04 -14.14
CA CYS D 14 -1.79 -19.71 -15.08
C CYS D 14 -2.40 -19.22 -16.40
N GLY D 15 -2.94 -18.01 -16.31
CA GLY D 15 -3.43 -17.27 -17.46
C GLY D 15 -2.51 -16.13 -17.82
N SER D 16 -1.29 -16.13 -17.27
CA SER D 16 -0.30 -15.13 -17.62
C SER D 16 0.41 -15.45 -18.93
N LEU D 17 0.15 -16.62 -19.52
CA LEU D 17 0.89 -17.05 -20.71
C LEU D 17 0.38 -16.37 -21.96
N VAL D 18 -0.94 -16.34 -22.13
CA VAL D 18 -1.50 -15.95 -23.39
C VAL D 18 -1.24 -14.47 -23.63
N GLN D 19 -1.16 -14.09 -24.90
CA GLN D 19 -0.66 -12.80 -25.31
C GLN D 19 -1.38 -12.41 -26.59
N PRO D 20 -1.43 -11.12 -26.91
CA PRO D 20 -2.43 -10.61 -27.87
C PRO D 20 -2.35 -11.20 -29.26
N GLY D 21 -1.18 -11.29 -29.89
CA GLY D 21 -1.03 -12.22 -30.97
C GLY D 21 -0.62 -13.55 -30.38
N PHE D 22 -1.15 -14.64 -30.91
CA PHE D 22 -0.48 -15.92 -30.70
C PHE D 22 -1.03 -16.91 -31.70
N SER D 23 -0.52 -18.15 -31.62
CA SER D 23 -0.87 -19.15 -32.60
C SER D 23 -1.34 -20.44 -31.93
N LEU D 24 -2.24 -21.15 -32.61
CA LEU D 24 -2.78 -22.42 -32.14
C LEU D 24 -2.53 -23.47 -33.21
N LEU D 25 -1.76 -24.49 -32.85
CA LEU D 25 -1.41 -25.57 -33.74
C LEU D 25 -2.28 -26.77 -33.48
N ASP D 26 -3.11 -27.10 -34.43
CA ASP D 26 -3.92 -28.31 -34.37
C ASP D 26 -3.26 -29.33 -35.26
N LEU D 27 -2.66 -30.34 -34.65
CA LEU D 27 -2.13 -31.44 -35.41
C LEU D 27 -2.41 -32.69 -34.62
N GLU D 28 -2.83 -33.73 -35.34
CA GLU D 28 -2.99 -35.05 -34.78
C GLU D 28 -3.72 -34.97 -33.44
N GLY D 29 -5.01 -34.71 -33.58
CA GLY D 29 -5.83 -34.49 -32.41
C GLY D 29 -5.37 -33.21 -31.76
N ASP D 30 -4.90 -33.33 -30.52
CA ASP D 30 -4.88 -32.19 -29.63
C ASP D 30 -4.11 -31.03 -30.27
N VAL D 31 -4.51 -29.87 -29.86
CA VAL D 31 -3.97 -28.61 -30.30
C VAL D 31 -3.10 -28.02 -29.21
N TYR D 32 -1.95 -27.52 -29.63
CA TYR D 32 -0.99 -26.89 -28.78
C TYR D 32 -0.94 -25.41 -29.07
N LEU D 33 -0.95 -24.62 -28.01
CA LEU D 33 -0.67 -23.20 -28.04
C LEU D 33 0.79 -22.95 -28.25
N PHE D 34 1.07 -21.85 -28.94
CA PHE D 34 2.41 -21.47 -29.32
C PHE D 34 2.62 -19.97 -29.21
N GLY D 35 3.74 -19.58 -28.57
CA GLY D 35 4.09 -18.21 -28.32
C GLY D 35 3.53 -17.87 -26.97
N GLN D 36 4.23 -17.06 -26.19
CA GLN D 36 3.75 -16.73 -24.85
C GLN D 36 4.48 -15.49 -24.42
N LYS D 37 3.93 -14.83 -23.40
CA LYS D 37 4.47 -13.54 -23.03
C LYS D 37 5.94 -13.68 -22.65
N GLY D 38 6.80 -12.92 -23.32
CA GLY D 38 8.18 -12.93 -22.90
C GLY D 38 8.93 -14.22 -23.19
N TRP D 39 10.03 -14.39 -22.45
CA TRP D 39 10.88 -15.54 -22.73
C TRP D 39 10.39 -16.75 -21.98
N PRO D 40 10.71 -17.96 -22.47
CA PRO D 40 10.20 -19.16 -21.79
C PRO D 40 10.76 -19.26 -20.38
N LYS D 41 9.92 -19.79 -19.48
CA LYS D 41 10.23 -20.00 -18.08
C LYS D 41 10.47 -21.49 -17.82
N ARG D 42 11.27 -21.76 -16.79
CA ARG D 42 11.82 -23.09 -16.58
C ARG D 42 10.72 -24.11 -16.34
N SER D 43 9.57 -23.63 -15.88
CA SER D 43 8.39 -24.48 -15.73
C SER D 43 8.11 -25.27 -17.02
N CYS D 44 8.10 -24.59 -18.17
CA CYS D 44 8.13 -25.27 -19.47
C CYS D 44 9.07 -24.60 -20.44
N PRO D 45 10.34 -25.01 -20.49
CA PRO D 45 11.29 -24.22 -21.26
C PRO D 45 11.05 -24.32 -22.74
N THR D 46 10.29 -25.31 -23.18
CA THR D 46 10.12 -25.50 -24.60
C THR D 46 9.40 -24.32 -25.22
N GLY D 47 8.36 -23.85 -24.54
CA GLY D 47 7.56 -22.71 -24.91
C GLY D 47 6.27 -23.06 -25.56
N ILE D 48 6.00 -24.35 -25.72
CA ILE D 48 4.84 -24.83 -26.42
C ILE D 48 3.97 -25.60 -25.46
N PHE D 49 2.69 -25.25 -25.37
CA PHE D 49 1.85 -25.92 -24.40
C PHE D 49 0.73 -26.68 -25.09
N GLY D 50 0.47 -27.88 -24.57
CA GLY D 50 -0.75 -28.55 -24.91
C GLY D 50 -1.94 -27.85 -24.30
N VAL D 51 -3.02 -27.82 -25.07
CA VAL D 51 -4.26 -27.28 -24.58
C VAL D 51 -5.31 -28.37 -24.52
N ARG D 52 -5.89 -28.52 -23.32
CA ARG D 52 -7.03 -29.38 -23.07
C ARG D 52 -8.14 -28.55 -22.45
N ILE D 53 -9.33 -28.63 -23.04
CA ILE D 53 -10.51 -27.91 -22.58
C ILE D 53 -11.55 -28.93 -22.15
N LYS D 54 -11.78 -29.01 -20.84
CA LYS D 54 -12.64 -30.00 -20.22
C LYS D 54 -13.55 -29.33 -19.18
N LYS D 55 -14.85 -29.56 -19.29
CA LYS D 55 -15.89 -29.02 -18.41
C LYS D 55 -15.73 -27.51 -18.18
N GLY D 56 -15.47 -26.77 -19.28
CA GLY D 56 -15.27 -25.34 -19.23
C GLY D 56 -13.88 -24.91 -18.83
N GLU D 57 -13.10 -25.78 -18.19
CA GLU D 57 -11.74 -25.45 -17.78
C GLU D 57 -10.80 -25.48 -18.98
N LEU D 58 -9.97 -24.45 -19.07
CA LEU D 58 -8.93 -24.38 -20.08
C LEU D 58 -7.62 -24.65 -19.36
N LYS D 59 -7.02 -25.79 -19.64
CA LYS D 59 -5.85 -26.25 -18.94
C LYS D 59 -4.69 -26.32 -19.94
N LEU D 60 -3.55 -25.75 -19.55
CA LEU D 60 -2.35 -25.68 -20.37
C LEU D 60 -1.28 -26.56 -19.77
N ARG D 61 -0.65 -27.37 -20.61
CA ARG D 61 0.30 -28.37 -20.16
C ARG D 61 1.64 -28.17 -20.84
N ALA D 62 2.70 -28.58 -20.16
CA ALA D 62 4.01 -28.43 -20.76
C ALA D 62 4.22 -29.51 -21.81
N ILE D 63 4.84 -29.13 -22.92
CA ILE D 63 5.24 -30.06 -23.97
C ILE D 63 6.75 -30.11 -23.98
N SER D 64 7.32 -31.29 -24.22
CA SER D 64 8.76 -31.45 -24.20
C SER D 64 9.22 -31.95 -25.55
N PHE D 65 10.23 -31.30 -26.09
CA PHE D 65 10.80 -31.64 -27.39
C PHE D 65 11.66 -32.89 -27.34
N SER D 66 11.90 -33.44 -28.53
CA SER D 66 12.82 -34.55 -28.71
C SER D 66 14.26 -34.06 -28.68
N ASN D 67 15.17 -34.97 -28.33
CA ASN D 67 16.55 -34.54 -28.14
C ASN D 67 17.13 -33.96 -29.40
N ASN D 68 16.67 -34.40 -30.56
CA ASN D 68 17.30 -34.06 -31.83
C ASN D 68 16.77 -32.76 -32.42
N SER D 69 15.92 -32.04 -31.71
CA SER D 69 15.22 -30.88 -32.24
C SER D 69 15.76 -29.58 -31.65
N SER D 70 15.66 -28.51 -32.44
CA SER D 70 15.97 -27.16 -32.01
C SER D 70 14.85 -26.62 -31.13
N TYR D 71 15.20 -25.62 -30.32
CA TYR D 71 14.27 -24.97 -29.42
C TYR D 71 13.87 -23.64 -29.99
N LEU D 72 12.64 -23.23 -29.67
CA LEU D 72 12.05 -22.16 -30.43
C LEU D 72 11.75 -20.95 -29.56
N PRO D 73 11.92 -19.75 -30.10
CA PRO D 73 11.59 -18.56 -29.35
C PRO D 73 10.08 -18.36 -29.39
N PRO D 74 9.53 -17.78 -28.39
CA PRO D 74 8.06 -17.62 -28.43
C PRO D 74 7.63 -16.56 -29.43
N LEU D 75 7.49 -16.88 -30.73
CA LEU D 75 7.15 -15.85 -31.73
C LEU D 75 5.77 -15.27 -31.51
N ARG D 76 5.57 -14.08 -32.04
CA ARG D 76 4.33 -13.42 -31.71
C ARG D 76 3.32 -13.76 -32.80
N CYS D 77 3.52 -13.20 -33.99
CA CYS D 77 2.54 -13.27 -35.07
C CYS D 77 3.17 -13.82 -36.33
N PRO D 78 3.48 -15.09 -36.34
CA PRO D 78 4.10 -15.73 -37.49
C PRO D 78 3.05 -16.13 -38.51
N ALA D 79 3.53 -16.70 -39.63
CA ALA D 79 2.71 -17.31 -40.67
C ALA D 79 2.78 -18.81 -40.47
N ILE D 80 1.64 -19.39 -40.17
CA ILE D 80 1.54 -20.82 -39.98
C ILE D 80 0.97 -21.39 -41.26
N ALA D 81 1.54 -22.51 -41.68
CA ALA D 81 0.98 -23.30 -42.76
C ALA D 81 1.00 -24.73 -42.28
N HIS D 82 -0.17 -25.32 -42.21
CA HIS D 82 -0.30 -26.67 -41.73
C HIS D 82 -0.20 -27.60 -42.93
N PHE D 83 0.87 -28.36 -43.01
CA PHE D 83 1.12 -29.24 -44.14
C PHE D 83 0.58 -30.63 -43.83
N GLU D 84 -0.33 -31.08 -44.70
CA GLU D 84 -1.11 -32.29 -44.51
C GLU D 84 -0.26 -33.53 -44.76
N ALA D 85 -0.80 -34.66 -44.30
CA ALA D 85 -0.12 -35.94 -44.32
C ALA D 85 0.16 -36.41 -45.74
N GLN D 86 1.40 -36.73 -46.01
CA GLN D 86 1.76 -37.48 -47.20
C GLN D 86 3.21 -37.91 -47.04
N ASP D 87 3.76 -38.50 -48.10
CA ASP D 87 5.16 -38.88 -48.11
C ASP D 87 6.03 -37.68 -47.76
N GLY D 88 7.05 -37.94 -46.94
CA GLY D 88 7.16 -39.23 -46.31
C GLY D 88 6.70 -39.09 -44.87
N LYS D 89 6.61 -37.82 -44.47
CA LYS D 89 6.59 -37.40 -43.07
C LYS D 89 5.49 -36.39 -42.84
N PRO D 90 4.31 -36.83 -42.47
CA PRO D 90 3.31 -36.03 -41.76
C PRO D 90 3.66 -36.00 -40.27
N GLU D 91 3.19 -35.02 -39.50
CA GLU D 91 2.30 -33.97 -39.94
C GLU D 91 3.01 -32.65 -39.67
N CYS D 92 3.01 -31.73 -40.64
CA CYS D 92 3.95 -30.63 -40.55
C CYS D 92 3.26 -29.30 -40.23
N TYR D 93 3.98 -28.47 -39.46
CA TYR D 93 3.60 -27.08 -39.24
C TYR D 93 4.80 -26.22 -39.60
N LEU D 94 4.65 -25.44 -40.67
CA LEU D 94 5.69 -24.52 -41.12
C LEU D 94 5.43 -23.16 -40.50
N ILE D 95 6.35 -22.75 -39.64
CA ILE D 95 6.21 -21.54 -38.84
C ILE D 95 7.27 -20.58 -39.29
N HIS D 96 6.84 -19.48 -39.88
CA HIS D 96 7.81 -18.47 -40.21
C HIS D 96 7.19 -17.12 -40.40
N GLY D 97 7.90 -16.08 -40.02
CA GLY D 97 8.90 -16.18 -39.00
C GLY D 97 8.53 -15.42 -37.74
N GLY D 98 7.40 -14.70 -37.70
CA GLY D 98 7.01 -14.00 -36.45
C GLY D 98 7.95 -12.93 -35.86
N ARG D 99 7.73 -12.63 -34.58
CA ARG D 99 8.43 -11.57 -33.82
C ARG D 99 8.91 -12.09 -32.49
N THR D 100 10.21 -12.01 -32.26
CA THR D 100 10.77 -12.58 -31.05
C THR D 100 10.32 -11.76 -29.84
N PRO D 101 10.17 -12.38 -28.64
CA PRO D 101 9.77 -11.57 -27.47
C PRO D 101 10.77 -10.53 -27.08
N ASN D 102 12.04 -10.87 -27.05
CA ASN D 102 13.01 -9.83 -27.25
C ASN D 102 12.76 -9.30 -28.65
N ASN D 103 12.52 -8.01 -28.77
CA ASN D 103 11.77 -7.55 -29.91
C ASN D 103 12.66 -7.56 -31.16
N GLU D 104 12.34 -8.44 -32.10
CA GLU D 104 13.07 -8.63 -33.33
C GLU D 104 12.17 -9.38 -34.27
N LEU D 105 12.55 -9.42 -35.53
CA LEU D 105 11.94 -10.32 -36.49
C LEU D 105 12.90 -11.45 -36.77
N SER D 106 12.42 -12.67 -36.75
CA SER D 106 13.27 -13.79 -37.11
C SER D 106 12.94 -14.23 -38.52
N SER D 107 13.96 -14.33 -39.38
CA SER D 107 13.72 -14.73 -40.77
C SER D 107 13.91 -16.22 -40.98
N SER D 108 14.17 -16.99 -39.93
CA SER D 108 14.42 -18.42 -40.07
C SER D 108 13.10 -19.19 -40.02
N LEU D 109 13.01 -20.22 -40.85
CA LEU D 109 11.80 -21.02 -40.96
C LEU D 109 11.95 -22.32 -40.20
N TYR D 110 10.96 -22.61 -39.36
CA TYR D 110 10.94 -23.84 -38.58
C TYR D 110 9.88 -24.79 -39.14
N MET D 111 10.18 -26.08 -39.07
CA MET D 111 9.21 -27.13 -39.29
C MET D 111 9.02 -27.85 -37.96
N LEU D 112 7.80 -27.78 -37.45
CA LEU D 112 7.46 -28.36 -36.15
C LEU D 112 6.50 -29.52 -36.36
N SER D 113 6.70 -30.58 -35.56
CA SER D 113 5.89 -31.76 -35.77
C SER D 113 5.89 -32.64 -34.52
N VAL D 114 5.07 -33.69 -34.61
CA VAL D 114 4.86 -34.69 -33.58
C VAL D 114 5.98 -35.72 -33.65
N ASP D 115 6.28 -36.30 -32.50
CA ASP D 115 7.24 -37.38 -32.50
C ASP D 115 6.68 -38.64 -31.85
N SER D 116 6.47 -38.62 -30.53
CA SER D 116 6.24 -39.82 -29.75
C SER D 116 5.15 -39.63 -28.71
N ARG D 117 4.61 -40.76 -28.27
CA ARG D 117 3.57 -40.80 -27.23
C ARG D 117 3.42 -42.25 -26.76
N GLY D 118 2.62 -42.49 -25.73
CA GLY D 118 2.34 -41.49 -24.72
C GLY D 118 3.57 -41.21 -23.86
N CYS D 119 4.11 -42.19 -23.15
CA CYS D 119 3.51 -43.51 -22.97
C CYS D 119 2.20 -43.33 -22.27
N ASN D 120 2.15 -42.31 -21.43
CA ASN D 120 0.89 -41.80 -20.92
C ASN D 120 0.74 -40.37 -21.44
N ARG D 121 -0.08 -40.20 -22.46
CA ARG D 121 -0.59 -38.89 -22.92
C ARG D 121 0.49 -37.83 -22.97
N LYS D 122 1.68 -38.19 -23.41
CA LYS D 122 2.70 -37.18 -23.55
C LYS D 122 3.19 -37.24 -24.99
N VAL D 123 3.25 -36.09 -25.62
CA VAL D 123 3.71 -35.99 -26.99
C VAL D 123 5.00 -35.19 -26.98
N THR D 124 6.09 -35.89 -27.22
CA THR D 124 7.29 -35.22 -27.61
C THR D 124 7.11 -34.68 -29.02
N LEU D 125 7.74 -33.54 -29.32
CA LEU D 125 7.72 -32.91 -30.62
C LEU D 125 9.14 -32.68 -31.08
N ARG D 126 9.30 -32.43 -32.38
CA ARG D 126 10.58 -32.06 -32.92
C ARG D 126 10.44 -30.80 -33.76
N CYS D 127 11.32 -29.82 -33.47
CA CYS D 127 11.51 -28.63 -34.30
C CYS D 127 12.76 -28.77 -35.16
N GLU D 128 12.63 -28.41 -36.43
CA GLU D 128 13.74 -28.41 -37.37
C GLU D 128 13.81 -27.07 -38.09
N GLU D 129 14.88 -26.33 -37.84
CA GLU D 129 15.21 -25.21 -38.69
C GLU D 129 15.35 -25.72 -40.11
N LYS D 130 15.19 -24.80 -41.05
CA LYS D 130 15.61 -25.10 -42.40
C LYS D 130 16.48 -23.96 -42.88
N GLU D 131 17.72 -24.30 -43.21
CA GLU D 131 18.53 -23.44 -44.06
C GLU D 131 17.74 -23.12 -45.33
N LEU D 132 17.79 -21.86 -45.72
CA LEU D 132 17.10 -21.36 -46.91
C LEU D 132 18.13 -20.87 -47.93
N VAL D 133 18.27 -21.61 -49.03
CA VAL D 133 19.09 -21.19 -50.17
C VAL D 133 18.34 -20.10 -50.91
N GLY D 134 18.93 -18.92 -51.04
CA GLY D 134 18.23 -17.88 -51.74
C GLY D 134 19.02 -16.60 -51.94
N ASP D 135 18.40 -15.45 -52.25
CA ASP D 135 16.96 -15.24 -52.54
C ASP D 135 16.04 -15.57 -51.35
N VAL D 136 16.45 -15.11 -50.18
CA VAL D 136 15.75 -15.46 -48.94
C VAL D 136 14.64 -14.46 -48.72
N PRO D 137 13.60 -14.83 -47.97
CA PRO D 137 12.56 -13.87 -47.64
C PRO D 137 13.06 -12.92 -46.58
N SER D 138 12.73 -11.65 -46.78
CA SER D 138 12.96 -10.66 -45.75
C SER D 138 12.15 -11.03 -44.52
N ALA D 139 12.79 -10.91 -43.36
CA ALA D 139 12.15 -11.19 -42.09
C ALA D 139 10.97 -10.24 -41.90
N ARG D 140 9.85 -10.79 -41.49
CA ARG D 140 8.59 -10.09 -41.58
C ARG D 140 7.62 -10.71 -40.59
N TYR D 141 6.49 -10.05 -40.36
CA TYR D 141 5.47 -10.60 -39.48
C TYR D 141 4.08 -10.32 -40.04
N GLY D 142 3.12 -11.12 -39.58
CA GLY D 142 1.76 -11.06 -40.08
C GLY D 142 1.58 -11.48 -41.53
N HIS D 143 2.64 -11.86 -42.21
CA HIS D 143 2.50 -12.46 -43.52
C HIS D 143 1.86 -13.82 -43.39
N THR D 144 1.48 -14.37 -44.54
CA THR D 144 0.87 -15.68 -44.62
C THR D 144 1.66 -16.62 -45.54
N LEU D 145 1.54 -17.92 -45.21
CA LEU D 145 2.26 -19.01 -45.85
C LEU D 145 1.33 -20.20 -45.97
N SER D 146 1.38 -20.87 -47.13
CA SER D 146 0.44 -21.96 -47.40
C SER D 146 1.05 -23.02 -48.33
N VAL D 147 0.58 -24.24 -48.14
CA VAL D 147 1.12 -25.43 -48.82
C VAL D 147 0.32 -25.68 -50.09
N ILE D 148 1.02 -26.06 -51.16
CA ILE D 148 0.36 -26.32 -52.44
C ILE D 148 1.04 -27.50 -53.12
N ASN D 149 0.23 -28.23 -53.89
CA ASN D 149 0.67 -29.41 -54.63
C ASN D 149 0.26 -29.27 -56.07
N SER D 150 1.22 -29.41 -56.97
CA SER D 150 0.97 -29.39 -58.40
C SER D 150 1.75 -30.53 -59.02
N ARG D 151 1.02 -31.47 -59.60
CA ARG D 151 1.56 -32.41 -60.58
C ARG D 151 2.85 -33.20 -60.26
N GLY D 152 2.93 -33.91 -59.14
CA GLY D 152 2.03 -33.79 -58.00
C GLY D 152 2.86 -33.22 -56.87
N LYS D 153 4.03 -32.72 -57.25
CA LYS D 153 5.04 -32.30 -56.29
C LYS D 153 4.52 -31.14 -55.47
N THR D 154 5.15 -30.91 -54.34
CA THR D 154 4.64 -29.97 -53.35
C THR D 154 5.66 -28.87 -53.14
N ALA D 155 5.18 -27.63 -53.22
CA ALA D 155 5.97 -26.48 -52.80
C ALA D 155 5.12 -25.61 -51.90
N CYS D 156 5.64 -24.42 -51.56
CA CYS D 156 5.00 -23.52 -50.60
C CYS D 156 5.05 -22.05 -51.02
N VAL D 157 4.07 -21.28 -50.55
CA VAL D 157 3.85 -19.91 -51.01
C VAL D 157 3.78 -18.95 -49.83
N LEU D 158 4.61 -17.91 -49.89
CA LEU D 158 4.83 -17.00 -48.79
C LEU D 158 4.66 -15.56 -49.28
N PHE D 159 3.72 -14.85 -48.67
CA PHE D 159 3.48 -13.50 -49.12
C PHE D 159 2.79 -12.75 -47.99
N GLY D 160 2.93 -11.45 -48.03
CA GLY D 160 2.24 -10.59 -47.11
C GLY D 160 3.14 -10.08 -46.02
N GLY D 161 2.50 -9.41 -45.07
CA GLY D 161 3.12 -9.03 -43.83
C GLY D 161 3.82 -7.70 -43.88
N ARG D 162 4.26 -7.25 -42.73
CA ARG D 162 5.05 -6.06 -42.65
C ARG D 162 6.48 -6.43 -42.32
N SER D 163 7.31 -5.42 -42.20
CA SER D 163 8.66 -5.57 -41.68
C SER D 163 9.09 -4.21 -41.17
N TYR D 164 10.20 -4.21 -40.43
CA TYR D 164 10.75 -2.98 -39.89
C TYR D 164 11.35 -2.11 -41.00
N MET D 165 11.42 -0.81 -40.74
CA MET D 165 11.87 0.16 -41.71
C MET D 165 13.22 -0.28 -42.31
N PRO D 166 13.47 -0.05 -43.61
CA PRO D 166 14.75 -0.48 -44.21
C PRO D 166 15.92 -0.05 -43.37
N PRO D 167 16.88 -0.94 -43.16
CA PRO D 167 17.90 -0.71 -42.11
C PRO D 167 18.76 0.52 -42.38
N THR D 168 18.84 1.00 -43.61
CA THR D 168 19.53 2.26 -43.87
C THR D 168 18.71 3.46 -43.38
N GLU D 169 17.39 3.40 -43.54
CA GLU D 169 16.45 4.50 -43.29
C GLU D 169 15.89 4.49 -41.87
N ARG D 170 16.33 3.57 -41.02
CA ARG D 170 15.69 3.36 -39.72
C ARG D 170 16.42 4.17 -38.66
N THR D 171 15.70 5.13 -38.12
CA THR D 171 16.23 6.04 -37.13
C THR D 171 15.62 5.69 -35.79
N THR D 172 16.42 5.85 -34.73
CA THR D 172 15.97 5.59 -33.39
C THR D 172 14.74 6.39 -33.01
N GLN D 173 14.39 7.45 -33.73
CA GLN D 173 13.05 7.98 -33.50
C GLN D 173 11.99 7.24 -34.31
N ASN D 174 12.31 6.79 -35.52
CA ASN D 174 11.39 6.03 -36.37
C ASN D 174 11.63 4.55 -36.32
N TRP D 175 12.43 4.10 -35.37
CA TRP D 175 12.75 2.69 -35.22
C TRP D 175 11.50 1.81 -35.11
N ASN D 176 10.60 2.16 -34.20
CA ASN D 176 9.46 1.30 -33.94
C ASN D 176 8.42 1.36 -35.05
N SER D 177 8.58 2.25 -36.03
CA SER D 177 7.73 2.31 -37.20
C SER D 177 7.90 1.04 -38.00
N VAL D 178 6.95 0.79 -38.88
CA VAL D 178 6.99 -0.43 -39.63
C VAL D 178 6.23 -0.21 -40.92
N VAL D 179 6.70 -0.84 -41.98
CA VAL D 179 6.10 -0.67 -43.28
C VAL D 179 5.83 -2.04 -43.87
N ASP D 180 4.83 -2.09 -44.74
CA ASP D 180 4.53 -3.29 -45.50
C ASP D 180 5.69 -3.63 -46.44
N CYS D 181 6.19 -4.85 -46.33
CA CYS D 181 7.29 -5.26 -47.17
C CYS D 181 6.78 -5.37 -48.62
N PRO D 182 7.70 -5.38 -49.60
CA PRO D 182 7.28 -5.26 -51.02
C PRO D 182 6.51 -6.48 -51.49
N PRO D 183 5.67 -6.28 -52.52
CA PRO D 183 4.79 -7.38 -52.98
C PRO D 183 5.46 -8.34 -53.94
N GLN D 184 6.30 -9.22 -53.40
CA GLN D 184 6.85 -10.32 -54.17
C GLN D 184 6.56 -11.60 -53.43
N VAL D 185 6.13 -12.59 -54.12
CA VAL D 185 5.84 -13.88 -53.49
C VAL D 185 7.11 -14.70 -53.47
N TYR D 186 7.24 -15.50 -52.42
CA TYR D 186 8.34 -16.42 -52.27
C TYR D 186 7.80 -17.84 -52.31
N LEU D 187 8.21 -18.59 -53.32
CA LEU D 187 7.92 -20.02 -53.43
C LEU D 187 9.05 -20.76 -52.76
N ILE D 188 8.74 -21.39 -51.66
CA ILE D 188 9.68 -22.14 -50.84
C ILE D 188 9.40 -23.60 -51.07
N ASP D 189 10.32 -24.29 -51.73
CA ASP D 189 10.28 -25.74 -51.69
C ASP D 189 10.59 -26.18 -50.26
N LEU D 190 9.83 -27.16 -49.75
CA LEU D 190 10.08 -27.67 -48.41
C LEU D 190 11.48 -28.25 -48.31
N GLU D 191 11.83 -29.14 -49.23
CA GLU D 191 13.21 -29.53 -49.47
C GLU D 191 13.43 -29.70 -50.97
N PHE D 192 14.48 -29.05 -51.50
CA PHE D 192 15.50 -28.37 -50.70
C PHE D 192 15.16 -26.92 -50.35
N GLY D 193 16.14 -26.19 -49.84
CA GLY D 193 15.87 -24.88 -49.29
C GLY D 193 15.71 -23.74 -50.29
N CYS D 194 15.39 -24.05 -51.55
CA CYS D 194 15.32 -23.05 -52.62
C CYS D 194 14.06 -22.18 -52.49
N CYS D 195 14.29 -20.86 -52.39
CA CYS D 195 13.27 -19.83 -52.21
C CYS D 195 13.34 -18.87 -53.38
N THR D 196 12.33 -18.91 -54.23
CA THR D 196 12.28 -18.07 -55.41
C THR D 196 11.38 -16.88 -55.13
N ALA D 197 11.85 -15.69 -55.49
CA ALA D 197 11.13 -14.45 -55.31
C ALA D 197 10.54 -14.03 -56.65
N HIS D 198 9.27 -13.64 -56.64
CA HIS D 198 8.53 -13.42 -57.88
C HIS D 198 7.71 -12.16 -57.79
N THR D 199 7.80 -11.35 -58.83
CA THR D 199 7.07 -10.10 -58.94
C THR D 199 5.65 -10.33 -59.42
N LEU D 200 4.80 -9.36 -59.11
CA LEU D 200 3.36 -9.46 -59.30
C LEU D 200 2.81 -8.25 -60.05
N PRO D 201 2.67 -8.32 -61.38
CA PRO D 201 2.05 -7.19 -62.10
C PRO D 201 0.68 -6.81 -61.56
N GLU D 202 -0.05 -7.76 -60.97
CA GLU D 202 -1.41 -7.52 -60.52
C GLU D 202 -1.46 -6.85 -59.16
N LEU D 203 -0.47 -7.13 -58.31
CA LEU D 203 -0.41 -6.57 -56.97
C LEU D 203 0.57 -5.43 -56.96
N THR D 204 0.04 -4.23 -56.94
CA THR D 204 0.85 -3.03 -56.88
C THR D 204 1.11 -2.63 -55.45
N ASP D 205 0.67 -3.44 -54.49
CA ASP D 205 0.87 -3.09 -53.09
C ASP D 205 0.99 -4.36 -52.26
N GLY D 206 1.78 -4.25 -51.16
CA GLY D 206 1.80 -5.25 -50.10
C GLY D 206 0.76 -5.00 -49.01
N GLN D 207 0.53 -6.03 -48.22
CA GLN D 207 -0.56 -6.01 -47.27
C GLN D 207 -0.16 -6.94 -46.13
N SER D 208 -1.07 -7.14 -45.18
CA SER D 208 -0.72 -7.93 -44.01
C SER D 208 -2.02 -8.49 -43.43
N PHE D 209 -1.88 -9.49 -42.55
CA PHE D 209 -2.99 -10.05 -41.79
C PHE D 209 -4.07 -10.64 -42.67
N HIS D 210 -3.73 -11.00 -43.89
CA HIS D 210 -4.70 -11.43 -44.89
C HIS D 210 -4.84 -12.93 -44.80
N VAL D 211 -6.03 -13.40 -44.49
CA VAL D 211 -6.16 -14.82 -44.25
C VAL D 211 -6.14 -15.55 -45.58
N ALA D 212 -5.23 -16.52 -45.68
CA ALA D 212 -5.01 -17.29 -46.90
C ALA D 212 -5.60 -18.68 -46.75
N LEU D 213 -6.28 -19.10 -47.80
CA LEU D 213 -6.92 -20.40 -47.87
C LEU D 213 -6.44 -21.07 -49.15
N ALA D 214 -5.84 -22.24 -48.99
CA ALA D 214 -5.14 -22.88 -50.08
C ALA D 214 -5.76 -24.25 -50.32
N ARG D 215 -6.23 -24.47 -51.53
CA ARG D 215 -6.74 -25.76 -51.95
C ARG D 215 -6.12 -26.06 -53.29
N GLN D 216 -5.63 -27.28 -53.47
CA GLN D 216 -5.42 -27.85 -54.79
C GLN D 216 -4.75 -26.86 -55.73
N ASP D 217 -3.44 -26.62 -55.52
CA ASP D 217 -2.56 -25.77 -56.33
C ASP D 217 -3.16 -24.38 -56.62
N CYS D 218 -3.98 -23.84 -55.72
CA CYS D 218 -4.50 -22.48 -55.85
C CYS D 218 -4.69 -21.91 -54.45
N VAL D 219 -4.39 -20.63 -54.30
CA VAL D 219 -4.34 -19.99 -52.99
C VAL D 219 -5.11 -18.70 -53.02
N TYR D 220 -6.04 -18.56 -52.10
CA TYR D 220 -6.92 -17.42 -52.05
C TYR D 220 -6.51 -16.58 -50.86
N PHE D 221 -6.18 -15.35 -51.12
CA PHE D 221 -5.86 -14.37 -50.10
C PHE D 221 -7.09 -13.53 -49.85
N LEU D 222 -7.69 -13.73 -48.68
CA LEU D 222 -8.77 -12.88 -48.24
C LEU D 222 -8.20 -11.52 -47.88
N GLY D 223 -9.06 -10.51 -47.92
CA GLY D 223 -8.70 -9.13 -47.65
C GLY D 223 -7.87 -8.91 -46.39
N GLY D 224 -6.94 -7.95 -46.45
CA GLY D 224 -6.15 -7.60 -45.29
C GLY D 224 -5.83 -6.12 -45.29
N HIS D 225 -5.25 -5.66 -44.20
CA HIS D 225 -4.99 -4.25 -43.99
C HIS D 225 -3.75 -3.84 -44.78
N ILE D 226 -3.92 -2.85 -45.64
CA ILE D 226 -2.81 -2.21 -46.34
C ILE D 226 -2.46 -0.95 -45.59
N LEU D 227 -1.17 -0.74 -45.35
CA LEU D 227 -0.66 0.36 -44.53
C LEU D 227 -0.34 1.62 -45.31
N SER D 228 -0.30 1.55 -46.64
CA SER D 228 -0.02 2.74 -47.44
C SER D 228 -1.25 3.63 -47.51
N SER D 229 -2.30 3.15 -48.16
CA SER D 229 -3.59 3.85 -48.24
C SER D 229 -4.52 3.55 -47.07
N ASP D 230 -4.13 2.70 -46.10
CA ASP D 230 -4.93 2.37 -44.89
C ASP D 230 -6.32 1.83 -45.23
N CYS D 231 -6.44 1.10 -46.34
CA CYS D 231 -7.70 0.54 -46.78
C CYS D 231 -7.70 -0.97 -46.60
N ARG D 232 -8.90 -1.52 -46.42
CA ARG D 232 -9.11 -2.92 -46.09
C ARG D 232 -9.88 -3.52 -47.24
N PRO D 233 -9.21 -3.95 -48.31
CA PRO D 233 -9.91 -4.17 -49.57
C PRO D 233 -10.99 -5.23 -49.44
N SER D 234 -12.17 -4.92 -49.97
CA SER D 234 -13.17 -5.96 -50.15
C SER D 234 -12.71 -6.98 -51.19
N ARG D 235 -11.97 -6.56 -52.21
CA ARG D 235 -11.51 -7.51 -53.22
C ARG D 235 -10.70 -8.64 -52.61
N LEU D 236 -11.06 -9.85 -53.01
CA LEU D 236 -10.28 -11.02 -52.67
C LEU D 236 -9.33 -11.34 -53.82
N ILE D 237 -8.13 -11.88 -53.49
CA ILE D 237 -7.09 -12.08 -54.50
C ILE D 237 -6.67 -13.54 -54.56
N ARG D 238 -6.94 -14.19 -55.70
CA ARG D 238 -6.59 -15.59 -55.90
C ARG D 238 -5.33 -15.65 -56.75
N LEU D 239 -4.47 -16.63 -56.49
CA LEU D 239 -3.35 -16.93 -57.37
C LEU D 239 -3.27 -18.43 -57.61
N HIS D 240 -2.54 -18.76 -58.66
CA HIS D 240 -2.49 -20.13 -59.16
C HIS D 240 -1.06 -20.38 -59.59
N VAL D 241 -0.49 -21.46 -59.10
CA VAL D 241 0.94 -21.73 -59.20
C VAL D 241 1.17 -22.89 -60.15
N GLU D 242 2.06 -22.69 -61.10
CA GLU D 242 2.39 -23.69 -62.11
C GLU D 242 3.79 -24.21 -61.80
N LEU D 243 3.87 -25.45 -61.33
CA LEU D 243 5.16 -26.09 -61.10
C LEU D 243 5.45 -27.03 -62.26
N LEU D 244 6.47 -26.69 -63.05
CA LEU D 244 6.92 -27.49 -64.19
C LEU D 244 8.44 -27.61 -64.13
N LEU D 245 8.99 -28.59 -64.84
CA LEU D 245 10.45 -28.75 -64.88
C LEU D 245 11.12 -27.75 -65.83
N GLY D 246 12.05 -26.97 -65.30
CA GLY D 246 12.32 -26.89 -63.86
C GLY D 246 11.83 -25.59 -63.26
N SER D 247 10.88 -24.96 -63.97
CA SER D 247 10.48 -23.60 -63.71
C SER D 247 9.15 -23.57 -62.95
N PRO D 248 9.11 -23.05 -61.72
CA PRO D 248 7.83 -22.84 -61.03
C PRO D 248 7.21 -21.48 -61.33
N VAL D 249 6.77 -21.31 -62.57
CA VAL D 249 6.13 -20.07 -63.00
C VAL D 249 4.77 -19.94 -62.30
N LEU D 250 4.33 -18.70 -62.12
CA LEU D 250 3.24 -18.37 -61.22
C LEU D 250 2.33 -17.37 -61.91
N THR D 251 1.04 -17.67 -61.94
CA THR D 251 0.05 -16.69 -62.37
C THR D 251 -0.83 -16.30 -61.19
N CYS D 252 -1.68 -15.32 -61.46
CA CYS D 252 -2.51 -14.70 -60.45
C CYS D 252 -3.70 -14.03 -61.11
N THR D 253 -4.72 -13.75 -60.30
CA THR D 253 -5.92 -13.06 -60.73
C THR D 253 -6.57 -12.34 -59.54
N ILE D 254 -7.27 -11.26 -59.86
CA ILE D 254 -8.10 -10.52 -58.92
C ILE D 254 -9.51 -11.08 -58.96
N LEU D 255 -10.11 -11.14 -57.78
CA LEU D 255 -11.50 -11.48 -57.63
C LEU D 255 -12.28 -10.21 -57.32
N HIS D 256 -13.48 -10.13 -57.89
CA HIS D 256 -14.27 -8.91 -57.83
C HIS D 256 -14.57 -8.48 -56.41
N GLU D 257 -15.37 -9.29 -55.71
CA GLU D 257 -15.90 -8.92 -54.40
C GLU D 257 -15.57 -10.02 -53.42
N GLY D 258 -15.15 -9.61 -52.23
CA GLY D 258 -14.85 -10.51 -51.15
C GLY D 258 -15.09 -9.78 -49.86
N LEU D 259 -14.73 -10.44 -48.75
CA LEU D 259 -14.92 -9.87 -47.41
C LEU D 259 -13.78 -8.94 -47.06
N THR D 260 -14.11 -7.88 -46.32
CA THR D 260 -13.14 -6.96 -45.76
C THR D 260 -12.89 -7.33 -44.29
N ILE D 261 -11.69 -7.78 -44.00
CA ILE D 261 -11.39 -8.35 -42.70
C ILE D 261 -9.90 -8.25 -42.44
N THR D 262 -9.54 -8.11 -41.18
CA THR D 262 -8.16 -8.13 -40.74
C THR D 262 -8.08 -8.97 -39.50
N SER D 263 -7.00 -9.74 -39.42
CA SER D 263 -6.71 -10.58 -38.27
C SER D 263 -7.82 -11.62 -38.06
N ALA D 264 -8.23 -12.25 -39.16
CA ALA D 264 -9.32 -13.18 -39.09
C ALA D 264 -8.86 -14.56 -38.65
N ILE D 265 -9.79 -15.29 -38.03
CA ILE D 265 -9.60 -16.66 -37.54
C ILE D 265 -10.35 -17.60 -38.49
N ALA D 266 -9.60 -18.45 -39.22
CA ALA D 266 -10.18 -19.42 -40.15
C ALA D 266 -10.30 -20.77 -39.44
N SER D 267 -11.53 -21.19 -39.16
CA SER D 267 -11.68 -22.44 -38.45
C SER D 267 -12.21 -23.48 -39.42
N PRO D 268 -11.44 -24.52 -39.71
CA PRO D 268 -11.92 -25.53 -40.66
C PRO D 268 -13.11 -26.28 -40.07
N ILE D 269 -14.02 -26.67 -40.95
CA ILE D 269 -15.17 -27.45 -40.53
C ILE D 269 -15.26 -28.69 -41.39
N GLY D 270 -15.64 -28.49 -42.62
CA GLY D 270 -15.83 -29.59 -43.54
C GLY D 270 -14.48 -30.01 -44.07
N TYR D 271 -14.52 -30.67 -45.22
CA TYR D 271 -13.30 -31.06 -45.89
C TYR D 271 -12.45 -29.80 -46.08
N HIS D 272 -12.81 -28.99 -47.07
CA HIS D 272 -12.17 -27.70 -47.32
C HIS D 272 -12.98 -26.50 -46.89
N GLU D 273 -14.09 -26.69 -46.21
CA GLU D 273 -14.92 -25.55 -45.85
C GLU D 273 -14.49 -25.03 -44.49
N TYR D 274 -13.93 -23.83 -44.48
CA TYR D 274 -13.64 -23.12 -43.25
C TYR D 274 -14.70 -22.05 -43.08
N ILE D 275 -15.04 -21.75 -41.84
CA ILE D 275 -15.75 -20.52 -41.54
C ILE D 275 -14.74 -19.48 -41.11
N ILE D 276 -14.73 -18.37 -41.83
CA ILE D 276 -14.07 -17.21 -41.27
C ILE D 276 -14.84 -16.80 -40.05
N PHE D 277 -14.14 -16.71 -38.95
CA PHE D 277 -14.75 -16.40 -37.68
C PHE D 277 -14.76 -14.93 -37.37
N GLY D 278 -14.11 -14.13 -38.18
CA GLY D 278 -14.15 -12.69 -37.97
C GLY D 278 -12.86 -12.15 -37.41
N GLY D 279 -12.90 -10.84 -37.19
CA GLY D 279 -11.72 -10.02 -37.02
C GLY D 279 -12.20 -8.61 -37.06
N TYR D 280 -11.33 -7.71 -37.49
CA TYR D 280 -11.74 -6.32 -37.52
C TYR D 280 -12.14 -5.96 -38.94
N GLN D 281 -13.29 -5.30 -39.06
CA GLN D 281 -13.69 -4.75 -40.35
C GLN D 281 -13.12 -3.36 -40.60
N SER D 282 -13.10 -2.48 -39.57
CA SER D 282 -12.48 -1.14 -39.67
C SER D 282 -11.51 -0.96 -38.51
N GLU D 283 -10.80 0.18 -38.49
CA GLU D 283 -9.83 0.48 -37.42
C GLU D 283 -10.50 0.72 -36.07
N THR D 284 -11.81 0.71 -36.01
CA THR D 284 -12.48 0.78 -34.72
C THR D 284 -13.43 -0.39 -34.56
N GLN D 285 -14.39 -0.54 -35.47
CA GLN D 285 -15.41 -1.58 -35.32
C GLN D 285 -14.89 -2.95 -35.75
N LYS D 286 -15.22 -3.94 -34.95
CA LYS D 286 -14.77 -5.30 -35.11
C LYS D 286 -15.90 -6.14 -35.66
N ARG D 287 -15.61 -7.02 -36.62
CA ARG D 287 -16.68 -7.73 -37.29
C ARG D 287 -17.33 -8.69 -36.32
N MET D 288 -18.63 -8.55 -36.12
CA MET D 288 -19.36 -9.56 -35.37
C MET D 288 -19.75 -10.73 -36.25
N GLU D 289 -20.23 -10.42 -37.44
CA GLU D 289 -20.83 -11.43 -38.32
C GLU D 289 -19.87 -12.60 -38.59
N CYS D 290 -20.38 -13.81 -38.42
CA CYS D 290 -19.59 -15.01 -38.60
C CYS D 290 -19.93 -15.59 -39.97
N THR D 291 -18.91 -15.98 -40.69
CA THR D 291 -19.09 -16.21 -42.10
C THR D 291 -18.52 -17.55 -42.49
N TYR D 292 -19.15 -18.13 -43.51
CA TYR D 292 -18.86 -19.48 -43.95
C TYR D 292 -18.28 -19.45 -45.36
N VAL D 293 -17.25 -20.25 -45.55
CA VAL D 293 -16.47 -20.24 -46.75
C VAL D 293 -16.19 -21.66 -47.20
N GLY D 294 -16.74 -22.05 -48.33
CA GLY D 294 -16.25 -23.18 -49.08
C GLY D 294 -15.34 -22.74 -50.22
N LEU D 295 -14.53 -23.69 -50.67
CA LEU D 295 -13.56 -23.48 -51.74
C LEU D 295 -13.66 -24.60 -52.74
N ASP D 296 -14.08 -24.26 -53.94
CA ASP D 296 -14.15 -25.24 -55.00
C ASP D 296 -13.46 -24.68 -56.23
N ASP D 297 -13.19 -25.59 -57.18
CA ASP D 297 -12.45 -25.25 -58.38
C ASP D 297 -13.16 -24.17 -59.20
N VAL D 298 -14.50 -24.25 -59.26
CA VAL D 298 -15.30 -23.15 -59.84
C VAL D 298 -14.88 -21.82 -59.22
N GLY D 299 -14.91 -21.75 -57.90
CA GLY D 299 -14.49 -20.57 -57.18
C GLY D 299 -14.78 -20.75 -55.72
N VAL D 300 -14.63 -19.66 -54.98
CA VAL D 300 -14.99 -19.61 -53.58
C VAL D 300 -16.47 -19.30 -53.42
N HIS D 301 -17.14 -20.08 -52.57
CA HIS D 301 -18.55 -19.98 -52.28
C HIS D 301 -18.65 -19.45 -50.87
N MET D 302 -19.32 -18.33 -50.73
CA MET D 302 -19.24 -17.55 -49.52
C MET D 302 -20.67 -17.29 -49.09
N GLU D 303 -20.99 -17.67 -47.86
CA GLU D 303 -22.32 -17.39 -47.31
C GLU D 303 -22.15 -16.93 -45.88
N SER D 304 -22.81 -15.84 -45.56
CA SER D 304 -22.86 -15.44 -44.17
C SER D 304 -23.64 -16.49 -43.40
N ARG D 305 -23.34 -16.56 -42.11
CA ARG D 305 -24.04 -17.46 -41.22
C ARG D 305 -24.44 -16.66 -39.99
N GLU D 306 -25.54 -17.09 -39.38
CA GLU D 306 -26.09 -16.45 -38.20
C GLU D 306 -25.06 -16.52 -37.09
N PRO D 307 -24.55 -15.39 -36.62
CA PRO D 307 -23.48 -15.42 -35.64
C PRO D 307 -24.01 -15.76 -34.27
N PRO D 308 -23.27 -16.55 -33.51
CA PRO D 308 -23.65 -16.79 -32.11
C PRO D 308 -23.88 -15.46 -31.41
N GLN D 309 -24.98 -15.37 -30.65
CA GLN D 309 -25.31 -14.17 -29.91
C GLN D 309 -24.21 -13.90 -28.89
N TRP D 310 -23.64 -12.71 -28.97
CA TRP D 310 -22.51 -12.35 -28.15
C TRP D 310 -23.00 -11.73 -26.87
N THR D 311 -22.42 -12.16 -25.78
CA THR D 311 -22.62 -11.45 -24.53
C THR D 311 -22.17 -10.00 -24.74
N SER D 312 -22.90 -9.08 -24.10
CA SER D 312 -22.63 -7.64 -24.21
C SER D 312 -21.17 -7.34 -23.92
N GLU D 313 -20.52 -8.17 -23.12
CA GLU D 313 -19.12 -7.91 -22.85
C GLU D 313 -18.33 -7.98 -24.14
N ILE D 314 -18.40 -9.11 -24.85
CA ILE D 314 -17.61 -9.19 -26.06
C ILE D 314 -18.17 -8.33 -27.19
N SER D 315 -19.48 -8.10 -27.21
CA SER D 315 -20.02 -7.12 -28.16
C SER D 315 -19.46 -5.74 -27.95
N HIS D 316 -19.07 -5.39 -26.72
CA HIS D 316 -18.49 -4.09 -26.41
C HIS D 316 -16.98 -4.09 -26.33
N SER D 317 -16.34 -5.23 -26.51
CA SER D 317 -14.92 -5.29 -26.25
C SER D 317 -14.15 -4.46 -27.27
N ARG D 318 -13.16 -3.71 -26.77
CA ARG D 318 -12.31 -2.91 -27.63
C ARG D 318 -11.65 -3.75 -28.72
N THR D 319 -11.09 -4.89 -28.32
CA THR D 319 -10.36 -5.79 -29.22
C THR D 319 -10.60 -7.23 -28.78
N TRP D 320 -10.34 -8.17 -29.69
CA TRP D 320 -10.46 -9.57 -29.34
C TRP D 320 -9.57 -10.33 -30.32
N PHE D 321 -9.22 -11.56 -29.94
CA PHE D 321 -8.37 -12.41 -30.77
C PHE D 321 -8.68 -13.86 -30.44
N GLY D 322 -7.85 -14.76 -30.94
CA GLY D 322 -8.06 -16.14 -30.62
C GLY D 322 -7.36 -17.04 -31.61
N GLY D 323 -7.90 -18.23 -31.72
CA GLY D 323 -7.38 -19.20 -32.67
C GLY D 323 -8.41 -20.30 -32.82
N SER D 324 -8.24 -21.07 -33.89
CA SER D 324 -9.16 -22.15 -34.20
C SER D 324 -8.58 -23.47 -33.72
N LEU D 325 -9.34 -24.17 -32.89
CA LEU D 325 -9.00 -25.52 -32.48
C LEU D 325 -9.37 -26.53 -33.56
N GLY D 326 -9.91 -26.09 -34.69
CA GLY D 326 -10.26 -27.01 -35.76
C GLY D 326 -11.50 -27.80 -35.44
N LYS D 327 -11.91 -28.63 -36.39
CA LYS D 327 -13.19 -29.35 -36.24
C LYS D 327 -14.32 -28.37 -35.97
N GLY D 328 -14.28 -27.21 -36.63
CA GLY D 328 -15.30 -26.20 -36.44
C GLY D 328 -15.42 -25.67 -35.03
N THR D 329 -14.37 -25.82 -34.25
CA THR D 329 -14.29 -25.34 -32.89
C THR D 329 -13.15 -24.35 -32.81
N ALA D 330 -13.32 -23.31 -32.01
CA ALA D 330 -12.31 -22.28 -31.95
C ALA D 330 -12.43 -21.57 -30.62
N LEU D 331 -11.39 -20.80 -30.29
CA LEU D 331 -11.27 -20.08 -29.04
C LEU D 331 -11.17 -18.58 -29.31
N VAL D 332 -11.79 -17.76 -28.44
CA VAL D 332 -11.62 -16.31 -28.44
C VAL D 332 -11.31 -15.83 -27.04
N ALA D 333 -10.76 -14.61 -26.99
CA ALA D 333 -10.21 -14.01 -25.77
C ALA D 333 -10.45 -12.52 -25.71
N ILE D 334 -10.92 -12.07 -24.56
CA ILE D 334 -11.30 -10.68 -24.32
C ILE D 334 -10.41 -10.10 -23.24
N PRO D 335 -9.62 -9.07 -23.52
CA PRO D 335 -8.92 -8.36 -22.45
C PRO D 335 -9.93 -7.90 -21.40
N SER D 336 -9.47 -7.85 -20.17
CA SER D 336 -10.33 -7.50 -19.06
C SER D 336 -9.64 -6.51 -18.14
N GLU D 337 -10.44 -5.69 -17.48
CA GLU D 337 -9.97 -4.70 -16.54
C GLU D 337 -10.57 -4.98 -15.18
N GLY D 338 -9.98 -4.32 -14.19
CA GLY D 338 -10.47 -4.39 -12.83
C GLY D 338 -9.46 -3.74 -11.92
N ASN D 339 -9.61 -4.02 -10.64
CA ASN D 339 -8.63 -3.57 -9.67
C ASN D 339 -8.94 -4.18 -8.31
N PRO D 340 -7.92 -4.83 -7.72
CA PRO D 340 -6.62 -5.15 -8.34
C PRO D 340 -6.69 -6.17 -9.49
N THR D 341 -5.53 -6.47 -10.07
CA THR D 341 -5.46 -7.28 -11.29
C THR D 341 -6.19 -8.62 -11.07
N PRO D 342 -7.01 -9.08 -12.03
CA PRO D 342 -7.95 -10.22 -11.98
C PRO D 342 -7.54 -11.61 -11.36
N PRO D 343 -6.29 -12.10 -11.53
CA PRO D 343 -5.10 -11.68 -12.27
C PRO D 343 -5.23 -11.87 -13.77
N GLU D 344 -6.14 -12.74 -14.23
CA GLU D 344 -6.11 -13.16 -15.63
C GLU D 344 -6.47 -12.01 -16.53
N ALA D 345 -5.56 -11.66 -17.43
CA ALA D 345 -5.79 -10.51 -18.27
C ALA D 345 -6.81 -10.79 -19.33
N TYR D 346 -7.20 -12.04 -19.50
CA TYR D 346 -8.04 -12.41 -20.61
C TYR D 346 -9.12 -13.36 -20.16
N HIS D 347 -10.37 -12.99 -20.42
CA HIS D 347 -11.44 -13.96 -20.40
C HIS D 347 -11.43 -14.71 -21.69
N PHE D 348 -12.02 -15.89 -21.66
CA PHE D 348 -12.06 -16.74 -22.83
C PHE D 348 -13.46 -17.28 -23.06
N TYR D 349 -13.66 -17.71 -24.30
CA TYR D 349 -14.91 -18.30 -24.71
C TYR D 349 -14.59 -19.28 -25.81
N GLN D 350 -15.39 -20.31 -25.88
CA GLN D 350 -15.20 -21.34 -26.87
C GLN D 350 -16.40 -21.31 -27.79
N VAL D 351 -16.13 -21.26 -29.08
CA VAL D 351 -17.17 -21.23 -30.08
C VAL D 351 -17.13 -22.51 -30.90
N SER D 352 -18.31 -22.91 -31.35
CA SER D 352 -18.48 -24.13 -32.12
C SER D 352 -19.59 -23.91 -33.12
N PHE D 353 -19.52 -24.71 -34.18
CA PHE D 353 -20.49 -24.71 -35.23
C PHE D 353 -21.40 -25.93 -35.10
N GLN D 354 -22.46 -25.96 -35.93
CA GLN D 354 -23.57 -26.91 -35.82
C GLN D 354 -24.05 -27.08 -34.40
#